data_9BLV
#
_entry.id   9BLV
#
_cell.length_a   113.523
_cell.length_b   109.962
_cell.length_c   144.982
_cell.angle_alpha   90.00
_cell.angle_beta   90.00
_cell.angle_gamma   90.00
#
_symmetry.space_group_name_H-M   'P 21 21 21'
#
loop_
_entity.id
_entity.type
_entity.pdbx_description
1 polymer Tryptophanase
2 non-polymer 'POTASSIUM ION'
3 non-polymer BENZIMIDAZOLE
4 non-polymer '2-{[(E)-{3-hydroxy-2-methyl-5-[(phosphonooxy)methyl]pyridin-4-yl}methylidene]amino}prop-2-enoic acid'
5 non-polymer 'DIMETHYL SULFOXIDE'
6 non-polymer [3-HYDROXY-2-METHYL-5-PHOSPHONOOXYMETHYL-PYRIDIN-4-YLMETHYL]-L-TRYPTOPHANE
7 non-polymer N-({3-hydroxy-2-methyl-5-[(phosphonooxy)methyl]pyridin-4-yl}methyl)-L-tryptophan
8 water water
#
_entity_poly.entity_id   1
_entity_poly.type   'polypeptide(L)'
_entity_poly.pdbx_seq_one_letter_code
;MAKRIVEPFRIKMVEKIRVPSREEREAALKEAGYNPFLLPSSAVYIDLLTDSGTNAMSDHQWAAMITGDEAYAGSRNYYD
LKDKAKELFNYDYIIPAHQGRGAENILFPVLLKYKQKEGKAKNPVFISNFHFDTTAAHVELNGCKAINIVTEKAFDSETY
DDWKGDFDIKKLKENIAQHGADNIVAIVSTVTCNSAGGQPVSMSNLKEVYEIAKQHGIFVVMDSARFCENAYFIKARDPK
YKNATIKEVIFDMYKYADALTMSAKKDPLLNIGGLVAIRDNEEIFTLARQRCVPMEGFVTYGGLAGRDMAAMVQGLEEGT
EEEYLHYRIGQVKYLGDRLREAGIPIQYPTGGHAVFVDCKKLVPQIPGDQFPAQAVINALYLESGVRAVEIGSFLLGRDP
ATGEQKHADMEFMRLTIARRVYTNDHMDYIADALIGLKEKFATLKGLEFEYEPPVLRHFTARLKPIE
;
_entity_poly.pdbx_strand_id   A,B,C,D
#
# COMPACT_ATOMS: atom_id res chain seq x y z
N ALA A 2 33.65 -18.26 -9.43
CA ALA A 2 32.27 -17.80 -9.42
C ALA A 2 32.24 -16.29 -9.21
N LYS A 3 31.35 -15.62 -9.94
CA LYS A 3 31.33 -14.16 -10.02
C LYS A 3 30.02 -13.63 -9.43
N ARG A 4 30.15 -12.94 -8.33
CA ARG A 4 28.96 -12.22 -7.77
CA ARG A 4 28.97 -12.22 -7.76
C ARG A 4 28.66 -10.84 -8.47
N ILE A 5 27.43 -10.76 -8.95
CA ILE A 5 26.98 -9.59 -9.67
C ILE A 5 26.04 -8.79 -8.76
N VAL A 6 26.28 -7.49 -8.67
CA VAL A 6 25.60 -6.62 -7.71
C VAL A 6 24.21 -6.25 -8.22
N GLU A 7 23.29 -6.04 -7.28
CA GLU A 7 21.91 -5.72 -7.61
C GLU A 7 21.81 -4.37 -8.34
N PRO A 8 21.04 -4.29 -9.42
CA PRO A 8 20.78 -2.98 -10.04
C PRO A 8 19.59 -2.29 -9.38
N PHE A 9 19.47 -2.51 -8.06
CA PHE A 9 18.38 -1.95 -7.27
C PHE A 9 18.83 -1.98 -5.82
N ARG A 10 18.03 -1.40 -4.93
CA ARG A 10 18.24 -1.58 -3.51
C ARG A 10 16.94 -2.04 -2.89
N ILE A 11 17.02 -2.48 -1.63
CA ILE A 11 15.88 -3.07 -0.96
C ILE A 11 15.01 -1.96 -0.40
N LYS A 12 13.69 -2.05 -0.64
CA LYS A 12 12.75 -1.10 -0.07
C LYS A 12 11.82 -1.72 0.97
N MET A 13 11.60 -3.04 0.93
CA MET A 13 10.79 -3.66 1.96
C MET A 13 11.30 -5.08 2.16
N VAL A 14 11.32 -5.53 3.40
CA VAL A 14 11.86 -6.84 3.73
C VAL A 14 10.76 -7.72 4.29
N GLU A 15 11.03 -9.03 4.30
CA GLU A 15 10.12 -10.03 4.79
C GLU A 15 10.90 -11.01 5.65
N LYS A 16 10.40 -11.28 6.86
CA LYS A 16 11.10 -12.16 7.78
C LYS A 16 11.13 -13.60 7.25
N ILE A 17 12.29 -14.26 7.40
CA ILE A 17 12.42 -15.68 7.18
C ILE A 17 13.24 -16.25 8.33
N ARG A 18 13.07 -17.54 8.60
CA ARG A 18 13.76 -18.19 9.70
C ARG A 18 14.16 -19.59 9.31
N VAL A 19 15.04 -20.18 10.11
CA VAL A 19 15.57 -21.52 9.90
C VAL A 19 14.90 -22.44 10.91
N PRO A 20 14.05 -23.38 10.47
CA PRO A 20 13.47 -24.35 11.40
C PRO A 20 14.53 -25.31 11.92
N SER A 21 14.36 -25.72 13.17
CA SER A 21 15.28 -26.69 13.76
C SER A 21 15.17 -28.03 13.06
N ARG A 22 16.21 -28.85 13.24
CA ARG A 22 16.24 -30.19 12.64
C ARG A 22 15.05 -31.02 13.09
N GLU A 23 14.64 -30.88 14.35
CA GLU A 23 13.45 -31.56 14.82
C GLU A 23 12.22 -31.14 14.02
N GLU A 24 12.01 -29.82 13.89
CA GLU A 24 10.90 -29.31 13.08
C GLU A 24 10.95 -29.86 11.66
N ARG A 25 12.15 -29.85 11.05
CA ARG A 25 12.26 -30.32 9.67
CA ARG A 25 12.26 -30.32 9.67
C ARG A 25 11.91 -31.79 9.55
N GLU A 26 12.40 -32.61 10.49
CA GLU A 26 12.14 -34.05 10.45
C GLU A 26 10.66 -34.37 10.58
N ALA A 27 9.98 -33.71 11.53
CA ALA A 27 8.54 -33.91 11.70
C ALA A 27 7.76 -33.39 10.50
N ALA A 28 8.14 -32.23 9.98
CA ALA A 28 7.41 -31.62 8.88
C ALA A 28 7.46 -32.49 7.63
N LEU A 29 8.63 -33.08 7.34
CA LEU A 29 8.76 -33.89 6.13
C LEU A 29 7.99 -35.19 6.24
N LYS A 30 8.02 -35.82 7.42
CA LYS A 30 7.19 -37.00 7.64
C LYS A 30 5.71 -36.62 7.56
N GLU A 31 5.33 -35.50 8.18
CA GLU A 31 3.95 -35.06 8.11
C GLU A 31 3.53 -34.77 6.69
N ALA A 32 4.44 -34.25 5.87
CA ALA A 32 4.17 -33.95 4.48
C ALA A 32 4.26 -35.16 3.57
N GLY A 33 4.29 -36.37 4.15
CA GLY A 33 4.41 -37.57 3.34
C GLY A 33 5.69 -37.67 2.56
N TYR A 34 6.78 -37.11 3.10
CA TYR A 34 8.08 -37.03 2.42
C TYR A 34 7.95 -36.38 1.05
N ASN A 35 6.98 -35.47 0.91
CA ASN A 35 6.82 -34.68 -0.30
C ASN A 35 6.88 -33.20 0.06
N PRO A 36 7.99 -32.51 -0.22
CA PRO A 36 8.10 -31.10 0.17
C PRO A 36 7.00 -30.21 -0.39
N PHE A 37 6.29 -30.66 -1.42
CA PHE A 37 5.13 -29.91 -1.89
C PHE A 37 4.04 -29.82 -0.83
N LEU A 38 3.99 -30.77 0.10
CA LEU A 38 2.98 -30.77 1.16
C LEU A 38 3.48 -30.10 2.44
N LEU A 39 4.67 -29.46 2.41
CA LEU A 39 5.19 -28.72 3.55
C LEU A 39 4.54 -27.33 3.63
N PRO A 40 4.22 -26.86 4.83
CA PRO A 40 3.81 -25.46 4.97
C PRO A 40 5.00 -24.53 4.82
N SER A 41 4.75 -23.33 4.32
CA SER A 41 5.82 -22.35 4.14
C SER A 41 6.55 -22.07 5.45
N SER A 42 5.85 -22.15 6.59
CA SER A 42 6.49 -21.93 7.89
C SER A 42 7.59 -22.94 8.18
N ALA A 43 7.59 -24.10 7.51
CA ALA A 43 8.62 -25.10 7.72
C ALA A 43 9.78 -24.96 6.74
N VAL A 44 9.80 -23.90 5.95
CA VAL A 44 10.80 -23.72 4.90
C VAL A 44 11.63 -22.47 5.19
N TYR A 45 12.94 -22.59 5.00
CA TYR A 45 13.84 -21.46 5.19
C TYR A 45 13.94 -20.66 3.89
N ILE A 46 14.81 -21.10 2.98
CA ILE A 46 14.94 -20.50 1.65
C ILE A 46 14.17 -21.37 0.68
N ASP A 47 13.12 -20.82 0.07
CA ASP A 47 12.15 -21.62 -0.69
C ASP A 47 12.51 -21.56 -2.17
N LEU A 48 13.09 -22.66 -2.67
CA LEU A 48 13.45 -22.80 -4.08
C LEU A 48 12.50 -23.72 -4.82
N LEU A 49 11.29 -23.92 -4.30
CA LEU A 49 10.33 -24.78 -4.96
C LEU A 49 10.04 -24.30 -6.38
N THR A 50 9.84 -22.98 -6.54
CA THR A 50 9.50 -22.43 -7.85
C THR A 50 10.03 -21.00 -7.97
N ASP A 51 10.12 -20.54 -9.21
CA ASP A 51 10.29 -19.12 -9.49
C ASP A 51 8.96 -18.46 -9.86
N SER A 52 7.85 -19.13 -9.60
CA SER A 52 6.54 -18.73 -10.10
C SER A 52 5.74 -18.03 -9.00
N GLY A 53 5.45 -16.75 -9.20
CA GLY A 53 4.61 -16.02 -8.28
C GLY A 53 5.27 -15.61 -6.98
N THR A 54 6.56 -15.92 -6.81
CA THR A 54 7.29 -15.62 -5.58
C THR A 54 8.19 -14.39 -5.71
N ASN A 55 8.07 -13.65 -6.81
CA ASN A 55 8.98 -12.57 -7.11
C ASN A 55 8.71 -11.35 -6.23
N ALA A 56 9.77 -10.54 -6.04
CA ALA A 56 9.66 -9.26 -5.38
C ALA A 56 9.37 -8.19 -6.43
N MET A 57 8.28 -7.47 -6.24
CA MET A 57 7.88 -6.40 -7.13
C MET A 57 8.62 -5.12 -6.77
N SER A 58 8.48 -4.11 -7.62
CA SER A 58 9.07 -2.81 -7.38
C SER A 58 8.06 -1.88 -6.73
N ASP A 59 8.56 -0.76 -6.20
CA ASP A 59 7.64 0.25 -5.71
C ASP A 59 6.74 0.76 -6.82
N HIS A 60 7.25 0.82 -8.05
CA HIS A 60 6.45 1.24 -9.19
C HIS A 60 5.34 0.24 -9.49
N GLN A 61 5.62 -1.05 -9.31
CA GLN A 61 4.59 -2.05 -9.48
C GLN A 61 3.51 -1.90 -8.42
N TRP A 62 3.91 -1.72 -7.16
CA TRP A 62 2.93 -1.51 -6.10
C TRP A 62 2.16 -0.22 -6.33
N ALA A 63 2.82 0.85 -6.79
CA ALA A 63 2.10 2.08 -7.08
C ALA A 63 1.07 1.86 -8.19
N ALA A 64 1.40 1.03 -9.19
CA ALA A 64 0.44 0.75 -10.25
C ALA A 64 -0.79 0.02 -9.70
N MET A 65 -0.57 -0.90 -8.75
CA MET A 65 -1.69 -1.64 -8.19
C MET A 65 -2.64 -0.73 -7.45
N ILE A 66 -2.09 0.27 -6.74
CA ILE A 66 -2.89 1.13 -5.87
C ILE A 66 -3.83 2.00 -6.70
N THR A 67 -3.44 2.36 -7.92
CA THR A 67 -4.34 3.10 -8.80
C THR A 67 -5.01 2.18 -9.81
N GLY A 68 -4.93 0.86 -9.63
CA GLY A 68 -5.55 -0.06 -10.57
C GLY A 68 -7.04 0.14 -10.66
N ASP A 69 -7.56 -0.08 -11.86
CA ASP A 69 -8.97 0.13 -12.15
C ASP A 69 -9.67 -1.22 -12.06
N GLU A 70 -10.56 -1.36 -11.08
CA GLU A 70 -11.21 -2.62 -10.78
C GLU A 70 -12.51 -2.83 -11.55
N ALA A 71 -12.84 -1.95 -12.49
CA ALA A 71 -14.08 -2.06 -13.26
C ALA A 71 -14.25 -3.46 -13.84
N TYR A 72 -15.51 -3.90 -13.90
CA TYR A 72 -15.78 -5.22 -14.45
C TYR A 72 -15.53 -5.27 -15.94
N ALA A 73 -15.91 -4.22 -16.66
CA ALA A 73 -15.75 -4.16 -18.11
C ALA A 73 -15.00 -2.90 -18.48
N GLY A 74 -13.98 -3.04 -19.33
CA GLY A 74 -13.29 -1.87 -19.85
C GLY A 74 -12.31 -1.22 -18.91
N SER A 75 -11.70 -1.98 -18.00
CA SER A 75 -10.73 -1.42 -17.10
C SER A 75 -9.63 -0.68 -17.87
N ARG A 76 -9.23 0.47 -17.35
CA ARG A 76 -8.16 1.25 -17.97
CA ARG A 76 -8.18 1.23 -18.02
C ARG A 76 -6.90 0.42 -18.17
N ASN A 77 -6.63 -0.50 -17.24
CA ASN A 77 -5.41 -1.31 -17.33
C ASN A 77 -5.49 -2.41 -18.37
N TYR A 78 -6.70 -2.83 -18.75
CA TYR A 78 -6.81 -3.76 -19.87
C TYR A 78 -6.28 -3.12 -21.15
N TYR A 79 -6.70 -1.89 -21.42
CA TYR A 79 -6.22 -1.18 -22.60
C TYR A 79 -4.72 -0.93 -22.52
N ASP A 80 -4.20 -0.60 -21.33
CA ASP A 80 -2.76 -0.46 -21.14
C ASP A 80 -2.03 -1.77 -21.46
N LEU A 81 -2.60 -2.89 -21.01
CA LEU A 81 -2.01 -4.20 -21.31
C LEU A 81 -2.05 -4.50 -22.80
N LYS A 82 -3.15 -4.15 -23.46
CA LYS A 82 -3.27 -4.38 -24.90
C LYS A 82 -2.19 -3.60 -25.65
N ASP A 83 -2.03 -2.33 -25.31
CA ASP A 83 -0.97 -1.54 -25.93
C ASP A 83 0.40 -2.11 -25.66
N LYS A 84 0.63 -2.57 -24.43
CA LYS A 84 1.96 -3.10 -24.10
C LYS A 84 2.26 -4.34 -24.92
N ALA A 85 1.26 -5.21 -25.11
CA ALA A 85 1.46 -6.39 -25.92
C ALA A 85 1.71 -6.02 -27.38
N LYS A 86 1.00 -5.00 -27.88
CA LYS A 86 1.29 -4.50 -29.21
C LYS A 86 2.71 -3.97 -29.29
N GLU A 87 3.17 -3.29 -28.23
CA GLU A 87 4.50 -2.71 -28.23
C GLU A 87 5.58 -3.80 -28.23
N LEU A 88 5.43 -4.79 -27.35
CA LEU A 88 6.49 -5.77 -27.16
C LEU A 88 6.53 -6.81 -28.28
N PHE A 89 5.38 -7.32 -28.68
CA PHE A 89 5.29 -8.49 -29.55
C PHE A 89 4.75 -8.19 -30.92
N ASN A 90 4.19 -7.00 -31.14
CA ASN A 90 3.53 -6.63 -32.38
C ASN A 90 2.26 -7.45 -32.59
N TYR A 91 1.65 -7.89 -31.49
CA TYR A 91 0.42 -8.68 -31.54
C TYR A 91 -0.77 -7.78 -31.26
N ASP A 92 -1.85 -7.99 -32.01
CA ASP A 92 -3.00 -7.11 -32.04
C ASP A 92 -4.12 -7.51 -31.08
N TYR A 93 -4.04 -8.66 -30.43
CA TYR A 93 -5.16 -9.15 -29.63
C TYR A 93 -4.63 -9.71 -28.32
N ILE A 94 -5.31 -9.38 -27.22
CA ILE A 94 -4.95 -9.90 -25.91
C ILE A 94 -6.19 -10.42 -25.19
N ILE A 95 -5.98 -11.46 -24.38
CA ILE A 95 -6.96 -11.92 -23.40
C ILE A 95 -6.19 -12.18 -22.13
N PRO A 96 -6.46 -11.47 -21.03
CA PRO A 96 -5.77 -11.78 -19.78
C PRO A 96 -6.27 -13.09 -19.20
N ALA A 97 -5.43 -13.69 -18.37
CA ALA A 97 -5.75 -14.94 -17.71
C ALA A 97 -5.22 -14.88 -16.29
N HIS A 98 -5.80 -15.68 -15.40
CA HIS A 98 -5.35 -15.56 -14.01
C HIS A 98 -3.95 -16.10 -13.84
N GLN A 99 -3.52 -17.03 -14.69
CA GLN A 99 -2.12 -17.43 -14.74
C GLN A 99 -1.89 -18.29 -15.98
N GLY A 100 -0.73 -18.95 -16.04
CA GLY A 100 -0.30 -19.59 -17.27
C GLY A 100 -1.21 -20.72 -17.72
N ARG A 101 -1.57 -21.60 -16.79
CA ARG A 101 -2.46 -22.71 -17.17
C ARG A 101 -3.87 -22.23 -17.45
N GLY A 102 -4.25 -21.05 -16.96
CA GLY A 102 -5.49 -20.45 -17.43
C GLY A 102 -5.39 -20.08 -18.89
N ALA A 103 -4.26 -19.48 -19.29
CA ALA A 103 -4.03 -19.15 -20.70
C ALA A 103 -4.08 -20.40 -21.58
N GLU A 104 -3.47 -21.50 -21.12
CA GLU A 104 -3.53 -22.74 -21.87
C GLU A 104 -4.95 -23.26 -21.97
N ASN A 105 -5.72 -23.15 -20.87
CA ASN A 105 -7.11 -23.62 -20.89
C ASN A 105 -7.98 -22.76 -21.80
N ILE A 106 -7.61 -21.49 -22.00
CA ILE A 106 -8.35 -20.63 -22.93
C ILE A 106 -8.06 -21.04 -24.36
N LEU A 107 -6.78 -21.18 -24.72
CA LEU A 107 -6.37 -21.25 -26.12
C LEU A 107 -6.28 -22.67 -26.67
N PHE A 108 -5.77 -23.63 -25.91
CA PHE A 108 -5.56 -24.96 -26.48
C PHE A 108 -6.87 -25.60 -26.95
N PRO A 109 -7.93 -25.71 -26.14
CA PRO A 109 -9.16 -26.33 -26.67
C PRO A 109 -9.71 -25.61 -27.89
N VAL A 110 -9.58 -24.29 -27.94
CA VAL A 110 -9.98 -23.54 -29.12
C VAL A 110 -9.20 -24.01 -30.34
N LEU A 111 -7.88 -24.16 -30.20
CA LEU A 111 -7.06 -24.61 -31.33
C LEU A 111 -7.41 -26.03 -31.74
N LEU A 112 -7.79 -26.89 -30.78
CA LEU A 112 -8.18 -28.25 -31.13
C LEU A 112 -9.45 -28.25 -31.97
N LYS A 113 -10.49 -27.53 -31.55
CA LYS A 113 -11.72 -27.57 -32.33
C LYS A 113 -11.56 -26.82 -33.64
N TYR A 114 -10.79 -25.72 -33.66
CA TYR A 114 -10.51 -25.05 -34.91
C TYR A 114 -9.84 -26.00 -35.91
N LYS A 115 -8.88 -26.81 -35.45
CA LYS A 115 -8.14 -27.67 -36.36
C LYS A 115 -9.04 -28.75 -36.96
N GLN A 116 -10.00 -29.25 -36.18
CA GLN A 116 -10.84 -30.34 -36.64
C GLN A 116 -12.22 -29.87 -37.10
N LYS A 117 -12.34 -28.60 -37.50
CA LYS A 117 -13.63 -28.07 -37.92
C LYS A 117 -14.10 -28.66 -39.25
N GLU A 118 -13.19 -29.26 -40.02
CA GLU A 118 -13.56 -29.87 -41.30
C GLU A 118 -13.42 -31.39 -41.27
N GLY A 119 -13.71 -32.00 -40.12
CA GLY A 119 -13.66 -33.44 -40.00
C GLY A 119 -12.29 -34.05 -40.12
N LYS A 120 -11.22 -33.27 -39.97
CA LYS A 120 -9.87 -33.80 -39.96
C LYS A 120 -9.28 -33.71 -38.56
N ALA A 121 -7.98 -33.94 -38.44
CA ALA A 121 -7.31 -33.97 -37.13
C ALA A 121 -7.95 -35.02 -36.22
N LYS A 122 -8.21 -36.21 -36.76
CA LYS A 122 -8.81 -37.28 -35.99
C LYS A 122 -7.84 -37.88 -34.99
N ASN A 123 -6.53 -37.72 -35.20
CA ASN A 123 -5.49 -38.17 -34.26
C ASN A 123 -4.65 -36.95 -33.88
N PRO A 124 -5.20 -36.04 -33.09
CA PRO A 124 -4.57 -34.73 -32.91
C PRO A 124 -3.37 -34.78 -31.96
N VAL A 125 -2.32 -34.05 -32.32
CA VAL A 125 -1.11 -33.97 -31.52
C VAL A 125 -0.66 -32.52 -31.41
N PHE A 126 0.09 -32.25 -30.34
CA PHE A 126 0.86 -31.03 -30.16
C PHE A 126 2.35 -31.37 -30.17
N ILE A 127 3.16 -30.52 -30.79
CA ILE A 127 4.60 -30.73 -30.87
C ILE A 127 5.30 -29.54 -30.22
N SER A 128 6.28 -29.83 -29.37
CA SER A 128 7.02 -28.78 -28.68
C SER A 128 8.48 -29.19 -28.56
N ASN A 129 9.36 -28.20 -28.39
CA ASN A 129 10.70 -28.53 -27.94
C ASN A 129 10.62 -29.27 -26.61
N PHE A 130 9.75 -28.80 -25.71
CA PHE A 130 9.33 -29.57 -24.55
C PHE A 130 8.13 -28.94 -23.88
N HIS A 131 6.96 -29.58 -23.94
CA HIS A 131 5.80 -29.13 -23.18
C HIS A 131 6.10 -29.18 -21.69
N PHE A 132 5.86 -28.08 -20.99
CA PHE A 132 5.91 -28.16 -19.54
C PHE A 132 4.72 -28.95 -19.02
N ASP A 133 4.70 -29.21 -17.71
CA ASP A 133 3.76 -30.22 -17.21
C ASP A 133 2.30 -29.78 -17.38
N THR A 134 1.96 -28.55 -16.98
CA THR A 134 0.57 -28.08 -17.16
C THR A 134 0.22 -28.00 -18.64
N THR A 135 1.17 -27.56 -19.47
CA THR A 135 0.97 -27.52 -20.91
C THR A 135 0.62 -28.90 -21.45
N ALA A 136 1.50 -29.88 -21.19
CA ALA A 136 1.23 -31.25 -21.63
C ALA A 136 -0.05 -31.80 -21.03
N ALA A 137 -0.38 -31.42 -19.79
CA ALA A 137 -1.62 -31.90 -19.18
C ALA A 137 -2.84 -31.37 -19.92
N HIS A 138 -2.81 -30.10 -20.33
CA HIS A 138 -3.93 -29.57 -21.09
C HIS A 138 -4.00 -30.18 -22.49
N VAL A 139 -2.84 -30.45 -23.09
CA VAL A 139 -2.82 -31.17 -24.37
C VAL A 139 -3.54 -32.50 -24.23
N GLU A 140 -3.10 -33.33 -23.28
CA GLU A 140 -3.68 -34.65 -23.08
C GLU A 140 -5.11 -34.56 -22.58
N LEU A 141 -5.42 -33.58 -21.73
CA LEU A 141 -6.78 -33.45 -21.21
C LEU A 141 -7.77 -33.18 -22.33
N ASN A 142 -7.30 -32.59 -23.43
CA ASN A 142 -8.15 -32.37 -24.59
C ASN A 142 -8.07 -33.52 -25.60
N GLY A 143 -7.56 -34.68 -25.18
CA GLY A 143 -7.54 -35.83 -26.06
C GLY A 143 -6.45 -35.81 -27.10
N CYS A 144 -5.39 -35.05 -26.90
CA CYS A 144 -4.29 -34.96 -27.83
C CYS A 144 -3.03 -35.59 -27.25
N LYS A 145 -2.06 -35.85 -28.14
CA LYS A 145 -0.74 -36.31 -27.73
C LYS A 145 0.22 -35.13 -27.64
N ALA A 146 1.08 -35.14 -26.62
CA ALA A 146 2.07 -34.09 -26.40
C ALA A 146 3.44 -34.66 -26.74
N ILE A 147 3.99 -34.25 -27.87
CA ILE A 147 5.27 -34.75 -28.37
C ILE A 147 6.36 -33.74 -28.04
N ASN A 148 7.48 -34.22 -27.50
CA ASN A 148 8.61 -33.37 -27.14
C ASN A 148 9.83 -33.76 -27.97
N ILE A 149 10.45 -32.77 -28.62
CA ILE A 149 11.58 -33.03 -29.51
C ILE A 149 12.73 -32.07 -29.24
N VAL A 150 13.15 -31.94 -27.98
CA VAL A 150 14.28 -31.07 -27.65
C VAL A 150 15.57 -31.66 -28.22
N THR A 151 16.52 -30.77 -28.53
CA THR A 151 17.81 -31.19 -29.05
C THR A 151 18.47 -32.23 -28.16
N GLU A 152 19.13 -33.21 -28.79
CA GLU A 152 19.88 -34.20 -28.02
C GLU A 152 20.96 -33.56 -27.16
N LYS A 153 21.39 -32.34 -27.49
CA LYS A 153 22.39 -31.65 -26.69
C LYS A 153 21.92 -31.48 -25.25
N ALA A 154 20.61 -31.37 -25.03
CA ALA A 154 20.08 -31.17 -23.68
C ALA A 154 20.36 -32.35 -22.75
N PHE A 155 20.61 -33.54 -23.31
CA PHE A 155 20.78 -34.74 -22.50
C PHE A 155 22.23 -34.97 -22.06
N ASP A 156 23.18 -34.18 -22.57
CA ASP A 156 24.57 -34.25 -22.18
C ASP A 156 24.79 -33.08 -21.22
N SER A 157 24.73 -33.36 -19.92
CA SER A 157 24.63 -32.28 -18.93
C SER A 157 25.90 -31.43 -18.92
N GLU A 158 27.05 -32.05 -18.67
CA GLU A 158 28.26 -31.30 -18.45
C GLU A 158 28.81 -30.65 -19.71
N THR A 159 28.33 -31.03 -20.90
CA THR A 159 28.89 -30.53 -22.14
C THR A 159 28.17 -29.25 -22.53
N TYR A 160 28.91 -28.13 -22.52
CA TYR A 160 28.35 -26.84 -22.89
C TYR A 160 27.72 -26.88 -24.29
N ASP A 161 26.60 -26.20 -24.44
CA ASP A 161 26.07 -25.86 -25.76
C ASP A 161 25.33 -24.54 -25.64
N ASP A 162 25.30 -23.79 -26.75
CA ASP A 162 24.68 -22.47 -26.72
C ASP A 162 23.17 -22.51 -26.59
N TRP A 163 22.52 -23.53 -27.19
CA TRP A 163 21.07 -23.55 -27.33
C TRP A 163 20.50 -24.91 -26.96
N LYS A 164 20.66 -25.29 -25.69
CA LYS A 164 20.17 -26.59 -25.24
C LYS A 164 18.65 -26.67 -25.18
N GLY A 165 17.94 -25.60 -25.51
CA GLY A 165 16.49 -25.65 -25.62
C GLY A 165 15.97 -25.79 -27.03
N ASP A 166 16.85 -25.88 -28.02
CA ASP A 166 16.43 -25.90 -29.42
C ASP A 166 15.51 -27.09 -29.70
N PHE A 167 14.65 -26.90 -30.70
CA PHE A 167 13.99 -28.04 -31.33
C PHE A 167 15.02 -28.91 -32.03
N ASP A 168 14.74 -30.20 -32.07
CA ASP A 168 15.43 -31.13 -32.98
C ASP A 168 14.71 -31.04 -34.32
N ILE A 169 15.30 -30.32 -35.27
CA ILE A 169 14.60 -30.01 -36.53
C ILE A 169 14.31 -31.27 -37.32
N LYS A 170 15.21 -32.26 -37.26
CA LYS A 170 14.97 -33.50 -37.99
C LYS A 170 13.78 -34.27 -37.40
N LYS A 171 13.64 -34.25 -36.08
CA LYS A 171 12.49 -34.88 -35.45
C LYS A 171 11.21 -34.11 -35.74
N LEU A 172 11.29 -32.78 -35.85
CA LEU A 172 10.13 -31.99 -36.22
C LEU A 172 9.63 -32.39 -37.60
N LYS A 173 10.55 -32.55 -38.56
CA LYS A 173 10.19 -32.99 -39.89
C LYS A 173 9.67 -34.42 -39.87
N GLU A 174 10.32 -35.32 -39.12
CA GLU A 174 9.87 -36.70 -39.03
C GLU A 174 8.48 -36.80 -38.42
N ASN A 175 8.20 -35.98 -37.39
CA ASN A 175 6.89 -36.04 -36.75
C ASN A 175 5.80 -35.45 -37.64
N ILE A 176 6.12 -34.41 -38.42
CA ILE A 176 5.12 -33.86 -39.33
C ILE A 176 4.74 -34.88 -40.40
N ALA A 177 5.72 -35.66 -40.87
CA ALA A 177 5.43 -36.67 -41.87
C ALA A 177 4.68 -37.85 -41.27
N GLN A 178 5.05 -38.24 -40.05
CA GLN A 178 4.45 -39.44 -39.45
C GLN A 178 3.01 -39.21 -39.05
N HIS A 179 2.73 -38.09 -38.39
CA HIS A 179 1.38 -37.78 -37.95
C HIS A 179 0.58 -37.02 -39.00
N GLY A 180 1.25 -36.28 -39.88
CA GLY A 180 0.55 -35.50 -40.88
C GLY A 180 0.22 -34.12 -40.35
N ALA A 181 0.35 -33.11 -41.22
CA ALA A 181 0.12 -31.75 -40.79
C ALA A 181 -1.31 -31.53 -40.30
N ASP A 182 -2.27 -32.24 -40.89
CA ASP A 182 -3.66 -32.06 -40.49
C ASP A 182 -3.95 -32.56 -39.08
N ASN A 183 -3.06 -33.33 -38.48
CA ASN A 183 -3.23 -33.80 -37.12
C ASN A 183 -2.44 -32.99 -36.11
N ILE A 184 -1.56 -32.12 -36.56
CA ILE A 184 -0.75 -31.32 -35.64
C ILE A 184 -1.58 -30.08 -35.31
N VAL A 185 -2.12 -30.04 -34.10
CA VAL A 185 -2.97 -28.92 -33.70
C VAL A 185 -2.16 -27.64 -33.64
N ALA A 186 -0.95 -27.72 -33.10
CA ALA A 186 -0.07 -26.56 -33.03
C ALA A 186 1.32 -27.01 -32.66
N ILE A 187 2.29 -26.16 -32.97
CA ILE A 187 3.64 -26.27 -32.43
C ILE A 187 3.77 -25.27 -31.30
N VAL A 188 4.25 -25.71 -30.15
CA VAL A 188 4.48 -24.87 -28.99
C VAL A 188 5.98 -24.67 -28.85
N SER A 189 6.42 -23.42 -28.94
CA SER A 189 7.83 -23.07 -28.78
C SER A 189 7.99 -22.49 -27.37
N THR A 190 8.55 -23.29 -26.46
CA THR A 190 8.70 -22.93 -25.05
C THR A 190 10.02 -22.20 -24.85
N VAL A 191 9.97 -20.95 -24.39
CA VAL A 191 11.16 -20.11 -24.24
C VAL A 191 11.14 -19.43 -22.87
N THR A 192 12.20 -19.63 -22.08
CA THR A 192 13.22 -20.65 -22.27
C THR A 192 12.58 -22.04 -22.10
N CYS A 193 13.30 -23.08 -22.46
CA CYS A 193 12.77 -24.44 -22.33
C CYS A 193 12.91 -24.88 -20.89
N ASN A 194 11.84 -24.76 -20.13
CA ASN A 194 11.89 -25.06 -18.69
C ASN A 194 12.37 -26.49 -18.44
N SER A 195 11.79 -27.47 -19.12
CA SER A 195 12.07 -28.86 -18.80
C SER A 195 13.50 -29.27 -19.17
N ALA A 196 14.10 -28.59 -20.15
CA ALA A 196 15.50 -28.85 -20.47
C ALA A 196 16.47 -28.14 -19.54
N GLY A 197 15.97 -27.34 -18.61
CA GLY A 197 16.82 -26.66 -17.65
C GLY A 197 16.79 -25.15 -17.77
N GLY A 198 15.68 -24.59 -18.24
CA GLY A 198 15.66 -23.16 -18.53
C GLY A 198 16.61 -22.78 -19.64
N GLN A 199 16.79 -23.65 -20.59
CA GLN A 199 17.83 -23.52 -21.61
C GLN A 199 17.29 -22.77 -22.82
N PRO A 200 18.04 -21.82 -23.37
CA PRO A 200 17.48 -20.95 -24.40
C PRO A 200 17.27 -21.66 -25.74
N VAL A 201 16.30 -21.12 -26.50
CA VAL A 201 16.11 -21.45 -27.91
C VAL A 201 16.72 -20.34 -28.75
N SER A 202 17.46 -20.69 -29.78
CA SER A 202 18.10 -19.69 -30.63
C SER A 202 17.08 -19.03 -31.56
N MET A 203 17.40 -17.80 -31.97
CA MET A 203 16.53 -17.08 -32.90
C MET A 203 16.38 -17.85 -34.20
N SER A 204 17.48 -18.40 -34.72
CA SER A 204 17.40 -19.14 -35.98
C SER A 204 16.66 -20.46 -35.81
N ASN A 205 16.68 -21.06 -34.62
CA ASN A 205 15.85 -22.25 -34.39
C ASN A 205 14.37 -21.88 -34.39
N LEU A 206 13.99 -20.86 -33.60
CA LEU A 206 12.59 -20.41 -33.61
C LEU A 206 12.15 -20.01 -35.02
N LYS A 207 13.06 -19.41 -35.79
CA LYS A 207 12.75 -19.02 -37.17
C LYS A 207 12.56 -20.25 -38.05
N GLU A 208 13.48 -21.22 -37.98
CA GLU A 208 13.36 -22.41 -38.82
C GLU A 208 12.10 -23.20 -38.47
N VAL A 209 11.75 -23.26 -37.18
CA VAL A 209 10.52 -23.94 -36.78
C VAL A 209 9.30 -23.23 -37.34
N TYR A 210 9.27 -21.89 -37.25
CA TYR A 210 8.12 -21.16 -37.75
C TYR A 210 7.97 -21.28 -39.26
N GLU A 211 9.08 -21.39 -39.99
CA GLU A 211 8.97 -21.49 -41.44
C GLU A 211 8.50 -22.88 -41.86
N ILE A 212 8.97 -23.91 -41.17
CA ILE A 212 8.50 -25.27 -41.42
C ILE A 212 7.01 -25.38 -41.14
N ALA A 213 6.56 -24.76 -40.05
CA ALA A 213 5.14 -24.81 -39.70
C ALA A 213 4.30 -24.04 -40.71
N LYS A 214 4.81 -22.91 -41.20
CA LYS A 214 4.01 -22.11 -42.12
C LYS A 214 3.79 -22.82 -43.44
N GLN A 215 4.85 -23.41 -44.01
CA GLN A 215 4.70 -24.10 -45.28
C GLN A 215 3.75 -25.29 -45.16
N HIS A 216 3.56 -25.82 -43.96
CA HIS A 216 2.58 -26.88 -43.70
C HIS A 216 1.25 -26.34 -43.17
N GLY A 217 1.15 -25.05 -42.88
CA GLY A 217 -0.09 -24.49 -42.36
C GLY A 217 -0.37 -24.85 -40.92
N ILE A 218 0.64 -24.87 -40.07
CA ILE A 218 0.51 -25.26 -38.67
C ILE A 218 0.62 -24.02 -37.80
N PHE A 219 -0.31 -23.87 -36.87
CA PHE A 219 -0.32 -22.76 -35.94
C PHE A 219 0.81 -22.93 -34.91
N VAL A 220 1.46 -21.83 -34.54
CA VAL A 220 2.61 -21.85 -33.63
C VAL A 220 2.28 -21.00 -32.41
N VAL A 221 2.37 -21.59 -31.22
CA VAL A 221 2.16 -20.89 -29.96
C VAL A 221 3.48 -20.77 -29.23
N MET A 222 3.83 -19.55 -28.84
CA MET A 222 5.03 -19.30 -28.06
C MET A 222 4.65 -19.35 -26.59
N ASP A 223 5.03 -20.42 -25.92
CA ASP A 223 4.94 -20.44 -24.46
C ASP A 223 6.00 -19.49 -23.92
N SER A 224 5.55 -18.41 -23.28
CA SER A 224 6.38 -17.23 -23.06
C SER A 224 6.65 -16.92 -21.59
N ALA A 225 6.51 -17.91 -20.70
CA ALA A 225 6.74 -17.65 -19.28
C ALA A 225 8.10 -16.98 -19.04
N ARG A 226 9.14 -17.44 -19.75
CA ARG A 226 10.48 -16.93 -19.53
C ARG A 226 11.06 -16.37 -20.82
N PHE A 227 10.24 -15.63 -21.56
CA PHE A 227 10.69 -15.09 -22.84
C PHE A 227 11.82 -14.06 -22.69
N CYS A 228 11.85 -13.30 -21.59
CA CYS A 228 12.88 -12.26 -21.45
C CYS A 228 14.23 -12.88 -21.15
N GLU A 229 14.25 -13.97 -20.38
CA GLU A 229 15.49 -14.70 -20.19
C GLU A 229 15.97 -15.27 -21.51
N ASN A 230 15.06 -15.80 -22.34
CA ASN A 230 15.46 -16.30 -23.64
C ASN A 230 16.05 -15.21 -24.51
N ALA A 231 15.43 -14.03 -24.48
CA ALA A 231 15.95 -12.89 -25.24
C ALA A 231 17.37 -12.54 -24.77
N TYR A 232 17.59 -12.53 -23.46
CA TYR A 232 18.92 -12.22 -22.94
C TYR A 232 19.96 -13.16 -23.52
N PHE A 233 19.66 -14.47 -23.51
CA PHE A 233 20.62 -15.44 -24.05
C PHE A 233 20.85 -15.25 -25.53
N ILE A 234 19.82 -14.87 -26.29
CA ILE A 234 20.04 -14.62 -27.72
C ILE A 234 21.01 -13.47 -27.92
N LYS A 235 20.86 -12.40 -27.13
CA LYS A 235 21.82 -11.29 -27.22
C LYS A 235 23.20 -11.70 -26.69
N ALA A 236 23.24 -12.58 -25.69
CA ALA A 236 24.51 -13.02 -25.14
C ALA A 236 25.29 -13.88 -26.12
N ARG A 237 24.61 -14.76 -26.84
CA ARG A 237 25.29 -15.84 -27.56
C ARG A 237 25.14 -15.78 -29.08
N ASP A 238 24.31 -14.90 -29.62
CA ASP A 238 24.10 -14.83 -31.06
C ASP A 238 24.75 -13.58 -31.62
N PRO A 239 25.86 -13.68 -32.36
CA PRO A 239 26.52 -12.47 -32.89
C PRO A 239 25.60 -11.59 -33.73
N LYS A 240 24.53 -12.14 -34.29
CA LYS A 240 23.57 -11.32 -35.03
C LYS A 240 22.88 -10.32 -34.11
N TYR A 241 22.76 -10.65 -32.81
CA TYR A 241 22.00 -9.84 -31.88
C TYR A 241 22.84 -9.28 -30.75
N LYS A 242 24.17 -9.46 -30.83
CA LYS A 242 25.05 -9.08 -29.73
C LYS A 242 24.97 -7.58 -29.44
N ASN A 243 24.60 -6.78 -30.43
CA ASN A 243 24.52 -5.34 -30.27
C ASN A 243 23.10 -4.81 -30.40
N ALA A 244 22.09 -5.68 -30.35
CA ALA A 244 20.69 -5.27 -30.31
C ALA A 244 20.27 -5.01 -28.86
N THR A 245 19.12 -4.37 -28.70
CA THR A 245 18.50 -4.23 -27.38
C THR A 245 17.71 -5.50 -27.05
N ILE A 246 17.37 -5.65 -25.77
CA ILE A 246 16.54 -6.80 -25.37
C ILE A 246 15.19 -6.74 -26.07
N LYS A 247 14.59 -5.55 -26.14
CA LYS A 247 13.28 -5.41 -26.77
C LYS A 247 13.34 -5.69 -28.26
N GLU A 248 14.46 -5.36 -28.92
CA GLU A 248 14.62 -5.72 -30.32
C GLU A 248 14.70 -7.23 -30.51
N VAL A 249 15.41 -7.92 -29.60
CA VAL A 249 15.45 -9.38 -29.64
C VAL A 249 14.05 -9.95 -29.45
N ILE A 250 13.33 -9.47 -28.43
CA ILE A 250 11.96 -9.95 -28.18
C ILE A 250 11.10 -9.77 -29.41
N PHE A 251 11.14 -8.57 -29.99
CA PHE A 251 10.34 -8.28 -31.17
C PHE A 251 10.60 -9.31 -32.28
N ASP A 252 11.87 -9.61 -32.54
CA ASP A 252 12.21 -10.57 -33.58
C ASP A 252 11.73 -11.97 -33.24
N MET A 253 11.87 -12.37 -31.96
CA MET A 253 11.38 -13.68 -31.51
C MET A 253 9.93 -13.91 -31.91
N TYR A 254 9.08 -12.92 -31.68
CA TYR A 254 7.64 -13.10 -31.84
C TYR A 254 7.18 -12.91 -33.27
N LYS A 255 8.10 -12.70 -34.22
CA LYS A 255 7.78 -12.87 -35.62
C LYS A 255 7.66 -14.35 -35.98
N TYR A 256 8.05 -15.24 -35.08
CA TYR A 256 8.15 -16.67 -35.33
C TYR A 256 7.16 -17.43 -34.46
N ALA A 257 5.99 -16.82 -34.25
CA ALA A 257 4.85 -17.48 -33.65
C ALA A 257 3.59 -16.76 -34.13
N ASP A 258 2.44 -17.42 -33.95
CA ASP A 258 1.15 -16.83 -34.28
C ASP A 258 0.39 -16.37 -33.06
N ALA A 259 0.85 -16.74 -31.87
CA ALA A 259 0.18 -16.43 -30.61
C ALA A 259 1.12 -16.80 -29.48
N LEU A 260 0.79 -16.36 -28.27
CA LEU A 260 1.58 -16.71 -27.11
C LEU A 260 0.66 -17.03 -25.94
N THR A 261 1.10 -17.97 -25.12
CA THR A 261 0.57 -18.18 -23.79
C THR A 261 1.68 -17.82 -22.81
N MET A 262 1.32 -17.13 -21.74
CA MET A 262 2.31 -16.59 -20.83
C MET A 262 1.85 -16.72 -19.39
N SER A 263 2.68 -17.30 -18.54
CA SER A 263 2.53 -17.13 -17.10
C SER A 263 3.28 -15.86 -16.73
N ALA A 264 2.54 -14.81 -16.39
CA ALA A 264 3.22 -13.59 -16.00
C ALA A 264 3.79 -13.68 -14.60
N LYS A 265 3.70 -14.84 -13.97
CA LYS A 265 4.29 -15.06 -12.65
C LYS A 265 5.79 -15.34 -12.74
N LYS A 266 6.35 -15.34 -13.96
CA LYS A 266 7.76 -15.60 -14.17
C LYS A 266 8.39 -14.28 -14.59
N ASP A 267 8.76 -14.11 -15.87
CA ASP A 267 9.57 -12.96 -16.26
C ASP A 267 8.91 -11.59 -16.04
N PRO A 268 7.59 -11.41 -16.12
CA PRO A 268 7.01 -10.09 -15.81
C PRO A 268 7.00 -9.76 -14.33
N LEU A 269 7.61 -10.59 -13.49
CA LEU A 269 7.94 -10.23 -12.12
C LEU A 269 6.68 -10.08 -11.25
N LEU A 270 5.72 -10.98 -11.40
CA LEU A 270 4.46 -10.85 -10.69
C LEU A 270 4.25 -12.01 -9.71
N ASN A 271 3.24 -11.85 -8.86
CA ASN A 271 2.79 -12.86 -7.92
C ASN A 271 1.59 -13.64 -8.42
N ILE A 272 0.92 -13.14 -9.46
CA ILE A 272 -0.24 -13.78 -10.06
C ILE A 272 -0.39 -13.13 -11.43
N GLY A 273 -1.05 -13.83 -12.36
CA GLY A 273 -1.31 -13.26 -13.66
C GLY A 273 -0.84 -14.10 -14.81
N GLY A 274 -1.56 -13.99 -15.94
CA GLY A 274 -1.26 -14.74 -17.14
C GLY A 274 -1.79 -13.95 -18.32
N LEU A 275 -1.51 -14.46 -19.51
CA LEU A 275 -1.85 -13.67 -20.69
C LEU A 275 -1.93 -14.58 -21.90
N VAL A 276 -2.92 -14.33 -22.74
CA VAL A 276 -2.97 -14.84 -24.10
C VAL A 276 -2.83 -13.64 -25.02
N ALA A 277 -2.00 -13.77 -26.04
CA ALA A 277 -1.91 -12.74 -27.06
C ALA A 277 -1.89 -13.39 -28.42
N ILE A 278 -2.59 -12.80 -29.39
CA ILE A 278 -2.73 -13.39 -30.72
C ILE A 278 -2.26 -12.35 -31.73
N ARG A 279 -1.44 -12.78 -32.70
CA ARG A 279 -0.83 -11.84 -33.62
C ARG A 279 -1.88 -11.13 -34.46
N ASP A 280 -2.62 -11.89 -35.28
CA ASP A 280 -3.60 -11.26 -36.16
C ASP A 280 -4.78 -12.15 -36.53
N ASN A 281 -4.90 -13.36 -35.99
CA ASN A 281 -6.00 -14.26 -36.34
C ASN A 281 -7.21 -13.88 -35.49
N GLU A 282 -8.13 -13.11 -36.06
CA GLU A 282 -9.27 -12.63 -35.29
C GLU A 282 -10.25 -13.75 -34.97
N GLU A 283 -10.34 -14.78 -35.81
CA GLU A 283 -11.28 -15.85 -35.55
C GLU A 283 -10.87 -16.66 -34.32
N ILE A 284 -9.59 -16.99 -34.21
CA ILE A 284 -9.14 -17.71 -33.03
C ILE A 284 -9.24 -16.81 -31.79
N PHE A 285 -8.99 -15.51 -31.96
CA PHE A 285 -9.19 -14.56 -30.87
C PHE A 285 -10.64 -14.55 -30.38
N THR A 286 -11.60 -14.52 -31.31
CA THR A 286 -13.00 -14.56 -30.91
C THR A 286 -13.36 -15.86 -30.22
N LEU A 287 -12.87 -16.99 -30.75
CA LEU A 287 -13.16 -18.27 -30.11
C LEU A 287 -12.53 -18.34 -28.73
N ALA A 288 -11.30 -17.85 -28.58
CA ALA A 288 -10.65 -17.88 -27.28
C ALA A 288 -11.39 -17.01 -26.27
N ARG A 289 -11.90 -15.85 -26.70
CA ARG A 289 -12.70 -15.02 -25.80
C ARG A 289 -13.95 -15.75 -25.34
N GLN A 290 -14.61 -16.47 -26.25
CA GLN A 290 -15.81 -17.21 -25.88
C GLN A 290 -15.52 -18.26 -24.83
N ARG A 291 -14.33 -18.86 -24.84
CA ARG A 291 -13.99 -19.80 -23.79
C ARG A 291 -13.53 -19.09 -22.53
N CYS A 292 -12.89 -17.94 -22.68
CA CYS A 292 -12.44 -17.18 -21.52
C CYS A 292 -13.58 -16.87 -20.55
N VAL A 293 -14.75 -16.54 -21.09
CA VAL A 293 -15.84 -16.04 -20.25
C VAL A 293 -16.30 -17.04 -19.20
N PRO A 294 -16.60 -18.31 -19.53
CA PRO A 294 -17.03 -19.25 -18.49
C PRO A 294 -15.89 -19.77 -17.61
N MET A 295 -14.67 -19.81 -18.15
CA MET A 295 -13.53 -20.42 -17.46
C MET A 295 -12.75 -19.45 -16.57
N GLU A 296 -12.52 -18.22 -17.02
CA GLU A 296 -11.65 -17.28 -16.32
C GLU A 296 -12.38 -16.04 -15.86
N GLY A 297 -13.16 -15.43 -16.73
CA GLY A 297 -13.86 -14.20 -16.40
C GLY A 297 -14.18 -13.43 -17.66
N PHE A 298 -14.65 -12.20 -17.47
CA PHE A 298 -14.96 -11.36 -18.63
C PHE A 298 -13.67 -10.94 -19.33
N VAL A 299 -13.77 -10.73 -20.64
CA VAL A 299 -12.57 -10.68 -21.46
C VAL A 299 -11.67 -9.49 -21.18
N THR A 300 -12.10 -8.50 -20.40
CA THR A 300 -11.22 -7.37 -20.09
C THR A 300 -10.59 -7.47 -18.70
N TYR A 301 -10.75 -8.60 -18.00
CA TYR A 301 -9.92 -8.87 -16.83
C TYR A 301 -9.47 -10.31 -16.71
N GLY A 302 -10.21 -11.28 -17.24
CA GLY A 302 -9.75 -12.66 -17.33
C GLY A 302 -9.34 -13.30 -16.02
N GLY A 303 -10.13 -13.10 -14.97
CA GLY A 303 -9.81 -13.71 -13.70
C GLY A 303 -8.73 -13.00 -12.91
N LEU A 304 -8.39 -11.77 -13.28
CA LEU A 304 -7.41 -10.94 -12.57
C LEU A 304 -8.09 -9.69 -12.05
N ALA A 305 -7.68 -9.24 -10.86
CA ALA A 305 -8.07 -7.91 -10.40
C ALA A 305 -7.43 -6.86 -11.29
N GLY A 306 -8.05 -5.68 -11.32
CA GLY A 306 -7.50 -4.59 -12.11
C GLY A 306 -6.08 -4.24 -11.70
N ARG A 307 -5.80 -4.30 -10.39
CA ARG A 307 -4.46 -4.00 -9.90
C ARG A 307 -3.42 -4.98 -10.42
N ASP A 308 -3.81 -6.22 -10.68
CA ASP A 308 -2.85 -7.19 -11.18
C ASP A 308 -2.56 -6.98 -12.65
N MET A 309 -3.55 -6.56 -13.45
CA MET A 309 -3.24 -6.11 -14.79
C MET A 309 -2.33 -4.88 -14.75
N ALA A 310 -2.57 -4.00 -13.77
CA ALA A 310 -1.73 -2.81 -13.61
C ALA A 310 -0.30 -3.21 -13.27
N ALA A 311 -0.13 -4.17 -12.36
CA ALA A 311 1.20 -4.66 -12.05
C ALA A 311 1.84 -5.31 -13.26
N MET A 312 1.04 -5.97 -14.10
CA MET A 312 1.57 -6.70 -15.25
C MET A 312 2.11 -5.76 -16.31
N VAL A 313 1.44 -4.62 -16.55
CA VAL A 313 1.93 -3.65 -17.51
C VAL A 313 3.29 -3.11 -17.08
N GLN A 314 3.45 -2.80 -15.80
CA GLN A 314 4.73 -2.34 -15.30
C GLN A 314 5.77 -3.46 -15.31
N GLY A 315 5.38 -4.65 -14.87
CA GLY A 315 6.32 -5.75 -14.79
C GLY A 315 6.80 -6.23 -16.14
N LEU A 316 5.96 -6.11 -17.18
CA LEU A 316 6.41 -6.47 -18.52
C LEU A 316 7.56 -5.59 -18.96
N GLU A 317 7.56 -4.32 -18.52
CA GLU A 317 8.65 -3.40 -18.85
C GLU A 317 9.91 -3.73 -18.06
N GLU A 318 9.78 -3.81 -16.74
CA GLU A 318 10.94 -4.07 -15.88
C GLU A 318 11.60 -5.40 -16.23
N GLY A 319 10.78 -6.40 -16.59
CA GLY A 319 11.29 -7.71 -16.94
C GLY A 319 12.19 -7.75 -18.15
N THR A 320 12.08 -6.75 -19.03
CA THR A 320 12.97 -6.68 -20.19
C THR A 320 14.28 -5.96 -19.93
N GLU A 321 14.47 -5.36 -18.76
CA GLU A 321 15.65 -4.51 -18.53
C GLU A 321 16.91 -5.36 -18.49
N GLU A 322 17.86 -5.06 -19.37
CA GLU A 322 19.05 -5.90 -19.51
C GLU A 322 19.91 -5.87 -18.25
N GLU A 323 20.06 -4.70 -17.62
CA GLU A 323 20.80 -4.63 -16.37
C GLU A 323 20.15 -5.51 -15.30
N TYR A 324 18.82 -5.57 -15.29
CA TYR A 324 18.14 -6.51 -14.40
C TYR A 324 18.41 -7.96 -14.81
N LEU A 325 18.25 -8.28 -16.10
CA LEU A 325 18.44 -9.66 -16.56
C LEU A 325 19.87 -10.12 -16.36
N HIS A 326 20.84 -9.24 -16.57
CA HIS A 326 22.24 -9.59 -16.33
C HIS A 326 22.45 -10.03 -14.89
N TYR A 327 21.89 -9.27 -13.94
CA TYR A 327 22.02 -9.62 -12.52
CA TYR A 327 22.02 -9.62 -12.52
C TYR A 327 21.27 -10.91 -12.22
N ARG A 328 20.03 -11.02 -12.68
CA ARG A 328 19.21 -12.18 -12.37
C ARG A 328 19.86 -13.46 -12.89
N ILE A 329 20.17 -13.48 -14.18
CA ILE A 329 20.78 -14.66 -14.76
C ILE A 329 22.18 -14.88 -14.21
N GLY A 330 22.89 -13.79 -13.88
CA GLY A 330 24.20 -13.92 -13.25
C GLY A 330 24.15 -14.55 -11.88
N GLN A 331 23.09 -14.29 -11.11
CA GLN A 331 22.97 -14.91 -9.80
C GLN A 331 22.76 -16.41 -9.94
N VAL A 332 21.93 -16.81 -10.90
CA VAL A 332 21.75 -18.23 -11.22
C VAL A 332 23.08 -18.86 -11.57
N LYS A 333 23.84 -18.21 -12.46
CA LYS A 333 25.13 -18.72 -12.89
C LYS A 333 26.11 -18.82 -11.72
N TYR A 334 25.98 -17.92 -10.74
CA TYR A 334 26.87 -17.92 -9.59
C TYR A 334 26.61 -19.12 -8.69
N LEU A 335 25.34 -19.42 -8.40
CA LEU A 335 25.04 -20.63 -7.65
C LEU A 335 25.49 -21.87 -8.41
N GLY A 336 25.31 -21.87 -9.73
CA GLY A 336 25.77 -23.01 -10.53
C GLY A 336 27.29 -23.17 -10.51
N ASP A 337 28.02 -22.06 -10.67
CA ASP A 337 29.46 -22.14 -10.64
C ASP A 337 29.98 -22.56 -9.27
N ARG A 338 29.31 -22.10 -8.20
CA ARG A 338 29.69 -22.54 -6.87
C ARG A 338 29.59 -24.05 -6.75
N LEU A 339 28.49 -24.63 -7.24
CA LEU A 339 28.30 -26.08 -7.18
C LEU A 339 29.21 -26.81 -8.16
N ARG A 340 29.40 -26.24 -9.35
CA ARG A 340 30.27 -26.88 -10.34
C ARG A 340 31.72 -26.92 -9.85
N GLU A 341 32.18 -25.84 -9.20
CA GLU A 341 33.54 -25.81 -8.66
C GLU A 341 33.76 -26.84 -7.57
N ALA A 342 32.71 -27.26 -6.87
CA ALA A 342 32.83 -28.26 -5.82
C ALA A 342 32.55 -29.67 -6.32
N GLY A 343 32.40 -29.85 -7.62
CA GLY A 343 32.24 -31.18 -8.17
C GLY A 343 30.82 -31.69 -8.27
N ILE A 344 29.83 -30.84 -8.04
CA ILE A 344 28.42 -31.22 -8.15
C ILE A 344 27.99 -31.12 -9.61
N PRO A 345 27.46 -32.20 -10.20
CA PRO A 345 27.05 -32.15 -11.61
C PRO A 345 25.74 -31.38 -11.80
N ILE A 346 25.77 -30.45 -12.76
CA ILE A 346 24.62 -29.62 -13.09
C ILE A 346 24.50 -29.55 -14.60
N GLN A 347 23.34 -29.08 -15.07
CA GLN A 347 23.16 -28.78 -16.48
C GLN A 347 23.98 -27.55 -16.84
N TYR A 348 24.98 -27.73 -17.68
CA TYR A 348 25.89 -26.65 -18.03
C TYR A 348 25.74 -26.29 -19.50
N PRO A 349 25.54 -25.00 -19.83
CA PRO A 349 25.52 -23.81 -18.97
C PRO A 349 24.25 -23.70 -18.13
N THR A 350 24.26 -22.98 -17.02
CA THR A 350 23.03 -22.76 -16.27
C THR A 350 22.06 -21.94 -17.11
N GLY A 351 20.77 -22.21 -16.91
CA GLY A 351 19.72 -21.50 -17.60
C GLY A 351 19.36 -20.20 -16.93
N GLY A 352 18.19 -19.67 -17.28
CA GLY A 352 17.83 -18.35 -16.82
C GLY A 352 17.32 -18.27 -15.39
N HIS A 353 16.59 -19.29 -14.94
CA HIS A 353 15.82 -19.17 -13.70
C HIS A 353 16.20 -20.13 -12.59
N ALA A 354 17.09 -21.09 -12.83
CA ALA A 354 17.34 -22.14 -11.85
C ALA A 354 18.62 -22.87 -12.19
N VAL A 355 19.22 -23.50 -11.18
CA VAL A 355 20.28 -24.48 -11.37
C VAL A 355 19.66 -25.86 -11.29
N PHE A 356 19.94 -26.72 -12.26
CA PHE A 356 19.39 -28.07 -12.32
C PHE A 356 20.52 -29.05 -11.98
N VAL A 357 20.42 -29.68 -10.81
CA VAL A 357 21.44 -30.60 -10.33
C VAL A 357 21.16 -31.98 -10.92
N ASP A 358 22.16 -32.54 -11.61
CA ASP A 358 22.00 -33.84 -12.27
C ASP A 358 22.19 -34.93 -11.21
N CYS A 359 21.07 -35.41 -10.67
CA CYS A 359 21.12 -36.40 -9.60
C CYS A 359 21.37 -37.80 -10.11
N LYS A 360 21.15 -38.06 -11.41
CA LYS A 360 21.48 -39.34 -11.99
C LYS A 360 22.93 -39.73 -11.70
N LYS A 361 23.83 -38.75 -11.62
CA LYS A 361 25.22 -39.02 -11.25
C LYS A 361 25.46 -38.92 -9.75
N LEU A 362 24.71 -38.06 -9.04
CA LEU A 362 24.94 -37.89 -7.62
C LEU A 362 24.57 -39.14 -6.82
N VAL A 363 23.47 -39.78 -7.18
CA VAL A 363 22.98 -40.95 -6.45
C VAL A 363 22.73 -42.07 -7.44
N PRO A 364 23.79 -42.62 -8.08
CA PRO A 364 23.57 -43.64 -9.11
C PRO A 364 23.08 -44.97 -8.55
N GLN A 365 23.12 -45.18 -7.25
CA GLN A 365 22.63 -46.44 -6.69
C GLN A 365 21.11 -46.53 -6.72
N ILE A 366 20.42 -45.40 -6.77
CA ILE A 366 18.96 -45.36 -6.74
C ILE A 366 18.45 -45.25 -8.18
N PRO A 367 17.69 -46.24 -8.66
CA PRO A 367 17.20 -46.17 -10.05
C PRO A 367 16.10 -45.13 -10.20
N GLY A 368 15.82 -44.80 -11.46
CA GLY A 368 14.93 -43.69 -11.77
C GLY A 368 13.51 -43.90 -11.27
N ASP A 369 13.04 -45.15 -11.23
CA ASP A 369 11.69 -45.44 -10.75
C ASP A 369 11.56 -45.19 -9.25
N GLN A 370 12.67 -45.13 -8.51
CA GLN A 370 12.67 -44.80 -7.10
C GLN A 370 13.00 -43.33 -6.85
N PHE A 371 13.01 -42.51 -7.90
CA PHE A 371 13.16 -41.06 -7.84
C PHE A 371 14.45 -40.67 -7.13
N PRO A 372 15.59 -40.75 -7.83
CA PRO A 372 16.86 -40.34 -7.19
C PRO A 372 16.90 -38.86 -6.84
N ALA A 373 16.41 -38.00 -7.73
CA ALA A 373 16.44 -36.57 -7.46
C ALA A 373 15.55 -36.21 -6.27
N GLN A 374 14.42 -36.90 -6.10
CA GLN A 374 13.57 -36.59 -4.95
C GLN A 374 14.21 -37.05 -3.64
N ALA A 375 15.07 -38.06 -3.70
CA ALA A 375 15.81 -38.48 -2.51
C ALA A 375 16.86 -37.45 -2.14
N VAL A 376 17.47 -36.80 -3.14
CA VAL A 376 18.43 -35.74 -2.86
C VAL A 376 17.72 -34.51 -2.32
N ILE A 377 16.51 -34.22 -2.84
CA ILE A 377 15.79 -33.03 -2.41
C ILE A 377 15.41 -33.12 -0.94
N ASN A 378 14.84 -34.26 -0.53
CA ASN A 378 14.46 -34.42 0.87
C ASN A 378 15.68 -34.42 1.78
N ALA A 379 16.81 -34.90 1.29
CA ALA A 379 18.04 -34.83 2.07
C ALA A 379 18.51 -33.39 2.21
N LEU A 380 18.42 -32.62 1.13
CA LEU A 380 18.77 -31.19 1.20
C LEU A 380 17.85 -30.43 2.15
N TYR A 381 16.59 -30.84 2.26
CA TYR A 381 15.66 -30.12 3.14
C TYR A 381 15.97 -30.41 4.60
N LEU A 382 15.99 -31.69 4.99
CA LEU A 382 16.31 -32.05 6.36
C LEU A 382 17.65 -31.47 6.79
N GLU A 383 18.61 -31.40 5.87
CA GLU A 383 19.94 -30.91 6.20
C GLU A 383 19.95 -29.40 6.43
N SER A 384 19.09 -28.65 5.76
CA SER A 384 19.25 -27.21 5.74
C SER A 384 17.98 -26.38 5.74
N GLY A 385 16.81 -26.97 5.53
CA GLY A 385 15.59 -26.17 5.44
C GLY A 385 15.36 -25.50 4.09
N VAL A 386 16.22 -25.73 3.12
CA VAL A 386 15.99 -25.28 1.75
C VAL A 386 15.10 -26.29 1.04
N ARG A 387 14.01 -25.82 0.43
CA ARG A 387 13.09 -26.69 -0.29
C ARG A 387 13.28 -26.51 -1.79
N ALA A 388 13.62 -27.60 -2.48
CA ALA A 388 13.74 -27.64 -3.93
C ALA A 388 12.67 -28.55 -4.51
N VAL A 389 12.68 -28.72 -5.85
CA VAL A 389 11.65 -29.47 -6.56
C VAL A 389 12.31 -30.41 -7.56
N GLU A 390 11.58 -31.47 -7.89
CA GLU A 390 12.08 -32.54 -8.76
CA GLU A 390 12.08 -32.55 -8.76
C GLU A 390 11.61 -32.32 -10.19
N ILE A 391 12.55 -32.37 -11.13
CA ILE A 391 12.24 -32.26 -12.55
C ILE A 391 12.77 -33.51 -13.23
N GLY A 392 12.17 -34.65 -12.92
CA GLY A 392 12.62 -35.90 -13.47
C GLY A 392 11.51 -36.92 -13.60
N SER A 393 11.70 -38.08 -12.96
CA SER A 393 10.77 -39.20 -13.11
C SER A 393 9.45 -38.93 -12.40
N PHE A 394 9.53 -38.38 -11.18
CA PHE A 394 8.32 -38.06 -10.41
C PHE A 394 7.40 -37.13 -11.20
N LEU A 395 7.95 -36.05 -11.73
CA LEU A 395 7.15 -35.04 -12.43
C LEU A 395 6.68 -35.52 -13.81
N LEU A 396 7.31 -36.55 -14.39
CA LEU A 396 7.04 -36.91 -15.77
C LEU A 396 5.69 -37.62 -15.94
N GLY A 397 5.22 -38.32 -14.91
CA GLY A 397 3.92 -38.96 -14.96
C GLY A 397 3.81 -40.09 -15.96
N GLN A 405 5.98 -46.64 -16.05
CA GLN A 405 6.40 -45.26 -15.84
C GLN A 405 7.12 -44.68 -17.06
N LYS A 406 6.74 -43.47 -17.45
CA LYS A 406 7.31 -42.83 -18.62
C LYS A 406 8.81 -42.62 -18.46
N HIS A 407 9.57 -42.96 -19.50
CA HIS A 407 11.02 -42.98 -19.41
C HIS A 407 11.59 -41.56 -19.40
N ALA A 408 12.48 -41.28 -18.45
CA ALA A 408 13.06 -39.97 -18.27
C ALA A 408 14.48 -39.92 -18.82
N ASP A 409 14.80 -38.86 -19.55
CA ASP A 409 16.14 -38.64 -20.05
C ASP A 409 16.97 -37.75 -19.15
N MET A 410 16.37 -37.17 -18.13
CA MET A 410 17.05 -36.26 -17.22
C MET A 410 16.44 -36.42 -15.83
N GLU A 411 17.28 -36.58 -14.82
CA GLU A 411 16.85 -36.69 -13.42
C GLU A 411 17.41 -35.50 -12.65
N PHE A 412 16.65 -34.40 -12.62
CA PHE A 412 17.10 -33.13 -12.09
C PHE A 412 16.49 -32.83 -10.73
N MET A 413 17.31 -32.29 -9.82
CA MET A 413 16.82 -31.48 -8.71
C MET A 413 16.95 -30.02 -9.11
N ARG A 414 15.84 -29.30 -9.10
CA ARG A 414 15.80 -27.92 -9.55
C ARG A 414 15.90 -26.98 -8.36
N LEU A 415 16.95 -26.18 -8.32
CA LEU A 415 17.08 -25.09 -7.35
C LEU A 415 16.55 -23.83 -8.05
N THR A 416 15.26 -23.55 -7.87
CA THR A 416 14.57 -22.51 -8.62
C THR A 416 14.66 -21.18 -7.89
N ILE A 417 15.10 -20.14 -8.59
CA ILE A 417 15.49 -18.87 -7.98
C ILE A 417 14.43 -17.82 -8.30
N ALA A 418 13.73 -17.35 -7.27
CA ALA A 418 12.78 -16.26 -7.43
C ALA A 418 13.50 -14.98 -7.83
N ARG A 419 12.78 -14.09 -8.51
CA ARG A 419 13.39 -12.87 -9.03
C ARG A 419 13.41 -11.76 -7.97
N ARG A 420 14.62 -11.28 -7.67
CA ARG A 420 14.86 -10.12 -6.82
C ARG A 420 14.52 -10.38 -5.35
N VAL A 421 14.63 -11.63 -4.89
CA VAL A 421 14.19 -12.02 -3.55
C VAL A 421 15.37 -12.38 -2.64
N TYR A 422 16.31 -13.18 -3.14
CA TYR A 422 17.41 -13.68 -2.34
C TYR A 422 18.72 -13.07 -2.80
N THR A 423 19.65 -12.87 -1.87
CA THR A 423 20.95 -12.30 -2.17
C THR A 423 21.94 -13.41 -2.51
N ASN A 424 23.10 -13.01 -3.02
CA ASN A 424 24.13 -14.01 -3.28
C ASN A 424 24.59 -14.66 -1.98
N ASP A 425 24.35 -14.02 -0.84
CA ASP A 425 24.66 -14.66 0.43
C ASP A 425 23.67 -15.78 0.74
N HIS A 426 22.41 -15.63 0.32
CA HIS A 426 21.50 -16.78 0.35
C HIS A 426 21.99 -17.87 -0.60
N MET A 427 22.53 -17.49 -1.75
CA MET A 427 23.06 -18.48 -2.70
C MET A 427 24.21 -19.27 -2.07
N ASP A 428 25.08 -18.60 -1.30
CA ASP A 428 26.18 -19.29 -0.65
C ASP A 428 25.66 -20.30 0.37
N TYR A 429 24.60 -19.94 1.10
CA TYR A 429 23.99 -20.88 2.04
C TYR A 429 23.50 -22.11 1.31
N ILE A 430 22.80 -21.91 0.19
CA ILE A 430 22.28 -23.03 -0.58
C ILE A 430 23.43 -23.92 -1.06
N ALA A 431 24.46 -23.31 -1.64
CA ALA A 431 25.57 -24.08 -2.19
C ALA A 431 26.28 -24.87 -1.10
N ASP A 432 26.60 -24.22 0.03
CA ASP A 432 27.32 -24.91 1.09
C ASP A 432 26.47 -26.02 1.70
N ALA A 433 25.15 -25.83 1.76
CA ALA A 433 24.26 -26.89 2.21
C ALA A 433 24.38 -28.11 1.30
N LEU A 434 24.28 -27.90 -0.01
CA LEU A 434 24.32 -29.03 -0.94
C LEU A 434 25.71 -29.65 -1.01
N ILE A 435 26.75 -28.81 -1.03
CA ILE A 435 28.12 -29.33 -1.03
C ILE A 435 28.36 -30.21 0.19
N GLY A 436 27.81 -29.80 1.34
CA GLY A 436 28.03 -30.53 2.58
C GLY A 436 27.37 -31.89 2.67
N LEU A 437 26.67 -32.32 1.61
CA LEU A 437 26.06 -33.64 1.57
C LEU A 437 26.81 -34.60 0.65
N LYS A 438 28.04 -34.25 0.27
CA LYS A 438 28.75 -35.03 -0.75
C LYS A 438 29.03 -36.45 -0.29
N GLU A 439 29.24 -36.66 1.00
CA GLU A 439 29.53 -37.99 1.51
C GLU A 439 28.28 -38.80 1.82
N LYS A 440 27.11 -38.17 1.83
CA LYS A 440 25.87 -38.85 2.19
C LYS A 440 25.02 -39.24 0.98
N PHE A 441 25.46 -38.89 -0.23
CA PHE A 441 24.69 -39.22 -1.43
C PHE A 441 24.54 -40.72 -1.61
N ALA A 442 25.64 -41.47 -1.45
CA ALA A 442 25.56 -42.92 -1.56
C ALA A 442 24.62 -43.51 -0.51
N THR A 443 24.64 -42.97 0.70
CA THR A 443 23.78 -43.42 1.79
C THR A 443 22.41 -42.75 1.70
N LEU A 444 21.74 -42.97 0.58
CA LEU A 444 20.41 -42.41 0.36
C LEU A 444 19.52 -43.49 -0.25
N LYS A 445 18.23 -43.44 0.10
CA LYS A 445 17.28 -44.45 -0.30
C LYS A 445 16.22 -43.88 -1.22
N GLY A 446 15.75 -44.72 -2.15
CA GLY A 446 14.67 -44.37 -3.04
C GLY A 446 13.37 -44.14 -2.31
N LEU A 447 12.30 -43.86 -3.06
CA LEU A 447 11.00 -43.56 -2.46
C LEU A 447 9.92 -44.37 -3.16
N GLU A 448 8.83 -44.61 -2.43
CA GLU A 448 7.75 -45.47 -2.90
C GLU A 448 6.41 -44.84 -2.59
N PHE A 449 5.47 -44.96 -3.53
CA PHE A 449 4.18 -44.32 -3.38
C PHE A 449 3.36 -44.96 -2.26
N GLU A 450 2.64 -44.12 -1.53
CA GLU A 450 1.54 -44.56 -0.69
C GLU A 450 0.22 -43.92 -1.10
N TYR A 451 0.25 -42.91 -1.97
CA TYR A 451 -0.96 -42.34 -2.58
C TYR A 451 -0.53 -41.66 -3.87
N GLU A 452 -1.07 -42.11 -5.00
CA GLU A 452 -0.70 -41.53 -6.29
C GLU A 452 -1.91 -40.99 -7.03
N PRO A 453 -1.97 -39.70 -7.31
CA PRO A 453 -3.03 -39.14 -8.14
C PRO A 453 -2.89 -39.57 -9.59
N PRO A 454 -3.99 -39.59 -10.34
CA PRO A 454 -3.89 -39.95 -11.76
C PRO A 454 -3.22 -38.87 -12.61
N VAL A 455 -3.50 -37.61 -12.33
CA VAL A 455 -3.04 -36.48 -13.14
C VAL A 455 -2.10 -35.64 -12.29
N LEU A 456 -0.88 -35.42 -12.79
CA LEU A 456 0.12 -34.58 -12.12
C LEU A 456 0.31 -35.04 -10.66
N ARG A 457 0.73 -36.31 -10.53
CA ARG A 457 0.86 -36.94 -9.22
C ARG A 457 1.81 -36.17 -8.29
N HIS A 458 2.87 -35.58 -8.86
CA HIS A 458 3.96 -35.03 -8.04
C HIS A 458 3.50 -33.91 -7.13
N PHE A 459 2.37 -33.26 -7.43
CA PHE A 459 1.93 -32.14 -6.62
C PHE A 459 1.41 -32.59 -5.26
N THR A 460 0.70 -33.72 -5.21
CA THR A 460 -0.01 -34.11 -4.00
C THR A 460 0.26 -35.55 -3.57
N ALA A 461 1.20 -36.24 -4.22
CA ALA A 461 1.47 -37.63 -3.88
C ALA A 461 2.13 -37.76 -2.52
N ARG A 462 1.77 -38.80 -1.78
CA ARG A 462 2.39 -39.10 -0.51
C ARG A 462 3.32 -40.29 -0.65
N LEU A 463 4.55 -40.14 -0.17
CA LEU A 463 5.63 -41.09 -0.41
C LEU A 463 6.20 -41.59 0.90
N LYS A 464 7.00 -42.66 0.80
CA LYS A 464 7.68 -43.27 1.92
C LYS A 464 9.04 -43.78 1.45
N PRO A 465 10.09 -43.59 2.25
CA PRO A 465 11.42 -44.07 1.85
C PRO A 465 11.43 -45.58 1.63
N ILE A 466 12.47 -46.05 0.97
CA ILE A 466 12.64 -47.47 0.72
C ILE A 466 13.76 -48.05 1.58
N ALA B 2 -38.50 6.88 1.60
CA ALA B 2 -37.15 6.35 1.45
C ALA B 2 -36.28 6.77 2.62
N LYS B 3 -35.75 5.81 3.37
CA LYS B 3 -34.92 6.09 4.54
C LYS B 3 -33.45 5.91 4.22
N ARG B 4 -32.68 6.99 4.35
CA ARG B 4 -31.24 6.92 4.22
CA ARG B 4 -31.24 6.92 4.22
C ARG B 4 -30.63 6.37 5.51
N ILE B 5 -29.64 5.49 5.37
CA ILE B 5 -28.97 4.86 6.49
C ILE B 5 -27.48 5.20 6.45
N VAL B 6 -26.94 5.63 7.59
CA VAL B 6 -25.58 6.13 7.66
C VAL B 6 -24.57 4.99 7.55
N GLU B 7 -23.42 5.31 6.96
CA GLU B 7 -22.31 4.35 6.86
C GLU B 7 -21.79 4.00 8.26
N PRO B 8 -21.58 2.71 8.55
CA PRO B 8 -20.92 2.33 9.82
C PRO B 8 -19.41 2.26 9.64
N PHE B 9 -18.87 3.26 8.95
CA PHE B 9 -17.45 3.41 8.67
C PHE B 9 -17.27 4.84 8.16
N ARG B 10 -16.01 5.25 7.99
CA ARG B 10 -15.73 6.49 7.30
C ARG B 10 -14.76 6.21 6.17
N ILE B 11 -14.55 7.21 5.32
CA ILE B 11 -13.77 7.03 4.11
C ILE B 11 -12.30 7.21 4.42
N LYS B 12 -11.47 6.29 3.95
CA LYS B 12 -10.02 6.40 4.10
C LYS B 12 -9.30 6.70 2.79
N MET B 13 -9.83 6.24 1.66
CA MET B 13 -9.21 6.52 0.36
C MET B 13 -10.27 6.69 -0.70
N VAL B 14 -10.04 7.64 -1.60
CA VAL B 14 -11.00 8.00 -2.64
C VAL B 14 -10.44 7.67 -4.00
N GLU B 15 -11.35 7.58 -4.97
CA GLU B 15 -11.04 7.38 -6.38
C GLU B 15 -11.89 8.36 -7.17
N LYS B 16 -11.26 9.23 -7.97
CA LYS B 16 -12.02 10.22 -8.73
C LYS B 16 -12.94 9.54 -9.75
N ILE B 17 -14.10 10.14 -9.98
CA ILE B 17 -14.98 9.77 -11.08
C ILE B 17 -15.43 11.04 -11.78
N ARG B 18 -15.89 10.88 -13.01
CA ARG B 18 -16.26 12.03 -13.83
C ARG B 18 -17.48 11.71 -14.64
N VAL B 19 -18.30 12.74 -14.89
CA VAL B 19 -19.43 12.64 -15.80
C VAL B 19 -18.92 13.00 -17.19
N PRO B 20 -18.85 12.06 -18.14
CA PRO B 20 -18.59 12.45 -19.52
C PRO B 20 -19.70 13.35 -20.03
N SER B 21 -19.33 14.30 -20.87
CA SER B 21 -20.32 15.19 -21.46
C SER B 21 -21.32 14.38 -22.28
N ARG B 22 -22.54 14.92 -22.41
CA ARG B 22 -23.59 14.25 -23.17
C ARG B 22 -23.06 13.76 -24.51
N GLU B 23 -22.25 14.57 -25.18
CA GLU B 23 -21.72 14.19 -26.48
C GLU B 23 -20.72 13.05 -26.35
N GLU B 24 -19.86 13.09 -25.32
CA GLU B 24 -18.93 11.99 -25.09
C GLU B 24 -19.66 10.67 -24.93
N ARG B 25 -20.79 10.67 -24.21
CA ARG B 25 -21.57 9.46 -24.04
C ARG B 25 -22.24 9.05 -25.34
N GLU B 26 -22.68 10.03 -26.14
CA GLU B 26 -23.27 9.72 -27.43
C GLU B 26 -22.26 9.06 -28.37
N ALA B 27 -21.02 9.55 -28.36
CA ALA B 27 -19.99 8.97 -29.22
C ALA B 27 -19.57 7.59 -28.70
N ALA B 28 -19.30 7.50 -27.41
CA ALA B 28 -18.80 6.24 -26.85
C ALA B 28 -19.82 5.12 -27.00
N LEU B 29 -21.11 5.40 -26.77
CA LEU B 29 -22.11 4.34 -26.90
C LEU B 29 -22.24 3.87 -28.34
N LYS B 30 -22.03 4.77 -29.31
CA LYS B 30 -22.03 4.36 -30.71
C LYS B 30 -20.78 3.56 -31.04
N GLU B 31 -19.61 3.99 -30.55
CA GLU B 31 -18.41 3.17 -30.74
C GLU B 31 -18.58 1.80 -30.12
N ALA B 32 -19.21 1.73 -28.95
CA ALA B 32 -19.49 0.46 -28.28
C ALA B 32 -20.61 -0.31 -28.95
N GLY B 33 -21.16 0.17 -30.06
CA GLY B 33 -22.22 -0.53 -30.73
C GLY B 33 -23.45 -0.69 -29.88
N TYR B 34 -23.83 0.35 -29.14
CA TYR B 34 -25.04 0.35 -28.31
C TYR B 34 -25.07 -0.84 -27.34
N ASN B 35 -23.89 -1.28 -26.90
CA ASN B 35 -23.77 -2.30 -25.87
C ASN B 35 -22.84 -1.78 -24.79
N PRO B 36 -23.35 -1.38 -23.62
CA PRO B 36 -22.48 -0.81 -22.58
C PRO B 36 -21.39 -1.75 -22.09
N PHE B 37 -21.51 -3.07 -22.31
CA PHE B 37 -20.44 -3.99 -21.94
C PHE B 37 -19.16 -3.72 -22.71
N LEU B 38 -19.25 -3.02 -23.84
CA LEU B 38 -18.11 -2.66 -24.67
C LEU B 38 -17.61 -1.25 -24.42
N LEU B 39 -18.25 -0.50 -23.53
CA LEU B 39 -17.75 0.82 -23.18
C LEU B 39 -16.54 0.69 -22.26
N PRO B 40 -15.53 1.54 -22.42
CA PRO B 40 -14.44 1.57 -21.44
C PRO B 40 -14.91 2.21 -20.15
N SER B 41 -14.21 1.87 -19.06
CA SER B 41 -14.55 2.45 -17.76
C SER B 41 -14.46 3.97 -17.77
N SER B 42 -13.61 4.52 -18.63
CA SER B 42 -13.49 5.98 -18.70
C SER B 42 -14.75 6.63 -19.25
N ALA B 43 -15.62 5.89 -19.92
CA ALA B 43 -16.84 6.44 -20.47
C ALA B 43 -17.99 6.42 -19.47
N VAL B 44 -17.74 5.88 -18.27
CA VAL B 44 -18.80 5.61 -17.32
C VAL B 44 -18.62 6.51 -16.11
N TYR B 45 -19.73 7.03 -15.61
CA TYR B 45 -19.73 7.84 -14.40
C TYR B 45 -19.91 6.91 -13.21
N ILE B 46 -21.15 6.60 -12.88
CA ILE B 46 -21.48 5.61 -11.86
C ILE B 46 -21.65 4.27 -12.56
N ASP B 47 -20.88 3.26 -12.15
CA ASP B 47 -20.87 1.95 -12.80
C ASP B 47 -21.74 1.00 -11.98
N LEU B 48 -22.87 0.58 -12.57
CA LEU B 48 -23.81 -0.36 -11.95
C LEU B 48 -23.91 -1.65 -12.74
N LEU B 49 -22.89 -1.95 -13.55
CA LEU B 49 -22.89 -3.17 -14.35
C LEU B 49 -22.95 -4.40 -13.46
N THR B 50 -22.19 -4.40 -12.37
CA THR B 50 -22.13 -5.54 -11.48
C THR B 50 -21.79 -5.08 -10.06
N ASP B 51 -22.02 -5.98 -9.11
CA ASP B 51 -21.46 -5.85 -7.77
C ASP B 51 -20.30 -6.81 -7.54
N SER B 52 -19.66 -7.28 -8.62
CA SER B 52 -18.65 -8.34 -8.53
C SER B 52 -17.26 -7.74 -8.71
N GLY B 53 -16.45 -7.82 -7.65
CA GLY B 53 -15.08 -7.42 -7.75
C GLY B 53 -14.81 -5.94 -7.69
N THR B 54 -15.85 -5.11 -7.60
CA THR B 54 -15.71 -3.67 -7.57
C THR B 54 -15.85 -3.09 -6.16
N ASN B 55 -15.84 -3.95 -5.14
CA ASN B 55 -16.08 -3.48 -3.78
C ASN B 55 -14.90 -2.67 -3.26
N ALA B 56 -15.18 -1.85 -2.25
CA ALA B 56 -14.15 -1.11 -1.53
C ALA B 56 -13.72 -1.91 -0.31
N MET B 57 -12.42 -2.15 -0.20
CA MET B 57 -11.87 -2.91 0.91
C MET B 57 -11.56 -2.00 2.09
N SER B 58 -11.36 -2.61 3.26
CA SER B 58 -11.03 -1.87 4.47
C SER B 58 -9.52 -1.73 4.61
N ASP B 59 -9.11 -0.92 5.57
CA ASP B 59 -7.67 -0.80 5.83
C ASP B 59 -7.11 -2.12 6.36
N HIS B 60 -7.91 -2.82 7.17
CA HIS B 60 -7.47 -4.12 7.65
C HIS B 60 -7.28 -5.11 6.51
N GLN B 61 -8.14 -5.04 5.50
CA GLN B 61 -7.96 -5.91 4.34
C GLN B 61 -6.66 -5.59 3.63
N TRP B 62 -6.39 -4.30 3.38
CA TRP B 62 -5.16 -3.94 2.69
C TRP B 62 -3.94 -4.30 3.52
N ALA B 63 -3.97 -4.04 4.82
CA ALA B 63 -2.86 -4.45 5.67
C ALA B 63 -2.62 -5.95 5.54
N ALA B 64 -3.69 -6.74 5.54
CA ALA B 64 -3.55 -8.19 5.40
C ALA B 64 -2.84 -8.54 4.10
N MET B 65 -3.18 -7.84 3.01
CA MET B 65 -2.52 -8.12 1.73
C MET B 65 -1.04 -7.82 1.79
N ILE B 66 -0.67 -6.74 2.49
CA ILE B 66 0.74 -6.34 2.54
C ILE B 66 1.60 -7.40 3.22
N THR B 67 1.06 -8.09 4.21
CA THR B 67 1.82 -9.15 4.86
C THR B 67 1.47 -10.53 4.29
N GLY B 68 0.85 -10.57 3.12
CA GLY B 68 0.44 -11.84 2.53
C GLY B 68 1.62 -12.70 2.13
N ASP B 69 1.47 -14.01 2.31
CA ASP B 69 2.50 -15.00 2.06
C ASP B 69 2.35 -15.53 0.64
N GLU B 70 3.28 -15.18 -0.24
CA GLU B 70 3.17 -15.50 -1.67
C GLU B 70 3.75 -16.86 -2.03
N ALA B 71 4.07 -17.70 -1.04
CA ALA B 71 4.67 -19.01 -1.30
C ALA B 71 3.79 -19.84 -2.23
N TYR B 72 4.44 -20.63 -3.09
CA TYR B 72 3.72 -21.47 -4.03
C TYR B 72 2.94 -22.57 -3.31
N ALA B 73 3.55 -23.18 -2.30
CA ALA B 73 2.94 -24.31 -1.60
C ALA B 73 2.90 -24.01 -0.11
N GLY B 74 1.71 -24.11 0.49
CA GLY B 74 1.60 -24.03 1.92
C GLY B 74 1.64 -22.62 2.48
N SER B 75 1.15 -21.65 1.71
CA SER B 75 1.06 -20.27 2.17
C SER B 75 0.40 -20.21 3.54
N ARG B 76 0.91 -19.32 4.40
CA ARG B 76 0.32 -19.10 5.71
C ARG B 76 -1.15 -18.72 5.59
N ASN B 77 -1.51 -18.00 4.52
CA ASN B 77 -2.88 -17.53 4.32
C ASN B 77 -3.81 -18.62 3.82
N TYR B 78 -3.31 -19.70 3.23
CA TYR B 78 -4.17 -20.84 2.95
C TYR B 78 -4.68 -21.46 4.25
N TYR B 79 -3.77 -21.67 5.21
CA TYR B 79 -4.19 -22.26 6.48
C TYR B 79 -5.12 -21.32 7.24
N ASP B 80 -4.92 -20.01 7.12
CA ASP B 80 -5.85 -19.06 7.72
C ASP B 80 -7.21 -19.15 7.06
N LEU B 81 -7.24 -19.27 5.74
CA LEU B 81 -8.49 -19.40 5.01
C LEU B 81 -9.19 -20.72 5.32
N LYS B 82 -8.42 -21.80 5.49
CA LYS B 82 -9.02 -23.08 5.84
C LYS B 82 -9.67 -23.01 7.22
N ASP B 83 -9.01 -22.35 8.17
CA ASP B 83 -9.59 -22.20 9.50
C ASP B 83 -10.82 -21.30 9.49
N LYS B 84 -10.84 -20.28 8.63
CA LYS B 84 -12.00 -19.39 8.57
C LYS B 84 -13.23 -20.12 8.04
N ALA B 85 -13.05 -20.99 7.04
CA ALA B 85 -14.19 -21.73 6.50
C ALA B 85 -14.72 -22.77 7.47
N LYS B 86 -13.85 -23.31 8.33
CA LYS B 86 -14.30 -24.18 9.40
C LYS B 86 -15.08 -23.39 10.45
N GLU B 87 -14.58 -22.22 10.83
CA GLU B 87 -15.28 -21.38 11.80
C GLU B 87 -16.63 -20.92 11.28
N LEU B 88 -16.68 -20.50 10.01
CA LEU B 88 -17.92 -19.93 9.48
C LEU B 88 -18.94 -21.01 9.14
N PHE B 89 -18.52 -22.07 8.43
CA PHE B 89 -19.46 -23.01 7.85
C PHE B 89 -19.44 -24.38 8.50
N ASN B 90 -18.45 -24.68 9.35
CA ASN B 90 -18.21 -26.00 9.92
C ASN B 90 -17.77 -27.00 8.85
N TYR B 91 -17.16 -26.51 7.78
CA TYR B 91 -16.66 -27.36 6.70
C TYR B 91 -15.17 -27.62 6.89
N ASP B 92 -14.74 -28.84 6.59
CA ASP B 92 -13.40 -29.27 6.93
C ASP B 92 -12.40 -29.16 5.77
N TYR B 93 -12.86 -28.86 4.56
CA TYR B 93 -11.98 -28.87 3.39
C TYR B 93 -12.20 -27.60 2.58
N ILE B 94 -11.10 -27.03 2.08
CA ILE B 94 -11.18 -25.85 1.23
C ILE B 94 -10.25 -26.01 0.04
N ILE B 95 -10.66 -25.44 -1.08
CA ILE B 95 -9.83 -25.28 -2.26
C ILE B 95 -10.03 -23.86 -2.77
N PRO B 96 -9.07 -22.96 -2.64
CA PRO B 96 -9.24 -21.64 -3.25
C PRO B 96 -9.40 -21.74 -4.76
N ALA B 97 -10.12 -20.78 -5.32
CA ALA B 97 -10.22 -20.61 -6.76
C ALA B 97 -9.99 -19.15 -7.07
N HIS B 98 -9.65 -18.84 -8.32
CA HIS B 98 -9.40 -17.46 -8.66
C HIS B 98 -10.67 -16.61 -8.64
N GLN B 99 -11.83 -17.24 -8.82
CA GLN B 99 -13.13 -16.60 -8.56
C GLN B 99 -14.21 -17.67 -8.71
N GLY B 100 -15.46 -17.23 -8.69
CA GLY B 100 -16.58 -18.16 -8.48
C GLY B 100 -16.75 -19.19 -9.58
N ARG B 101 -16.61 -18.77 -10.84
CA ARG B 101 -16.76 -19.72 -11.94
C ARG B 101 -15.55 -20.64 -12.07
N GLY B 102 -14.42 -20.30 -11.45
CA GLY B 102 -13.34 -21.25 -11.30
C GLY B 102 -13.66 -22.29 -10.25
N ALA B 103 -14.32 -21.87 -9.17
CA ALA B 103 -14.82 -22.81 -8.18
C ALA B 103 -15.85 -23.76 -8.80
N GLU B 104 -16.67 -23.25 -9.73
CA GLU B 104 -17.61 -24.12 -10.42
C GLU B 104 -16.90 -25.09 -11.34
N ASN B 105 -15.82 -24.64 -11.99
CA ASN B 105 -15.08 -25.51 -12.89
C ASN B 105 -14.35 -26.60 -12.13
N ILE B 106 -13.90 -26.31 -10.92
CA ILE B 106 -13.26 -27.33 -10.08
C ILE B 106 -14.25 -28.43 -9.72
N LEU B 107 -15.42 -28.04 -9.18
CA LEU B 107 -16.30 -28.97 -8.48
C LEU B 107 -17.36 -29.63 -9.37
N PHE B 108 -17.97 -28.91 -10.32
CA PHE B 108 -19.10 -29.51 -11.02
C PHE B 108 -18.69 -30.69 -11.90
N PRO B 109 -17.57 -30.63 -12.64
CA PRO B 109 -17.13 -31.84 -13.36
C PRO B 109 -16.81 -33.00 -12.43
N VAL B 110 -16.25 -32.70 -11.25
CA VAL B 110 -15.99 -33.75 -10.27
C VAL B 110 -17.30 -34.35 -9.77
N LEU B 111 -18.33 -33.51 -9.57
CA LEU B 111 -19.62 -34.03 -9.11
C LEU B 111 -20.26 -34.94 -10.16
N LEU B 112 -20.16 -34.58 -11.44
CA LEU B 112 -20.73 -35.44 -12.48
C LEU B 112 -19.98 -36.77 -12.57
N LYS B 113 -18.64 -36.71 -12.51
CA LYS B 113 -17.84 -37.94 -12.51
C LYS B 113 -18.19 -38.82 -11.32
N TYR B 114 -18.44 -38.22 -10.16
CA TYR B 114 -18.71 -39.00 -8.97
C TYR B 114 -20.04 -39.73 -9.08
N LYS B 115 -21.09 -39.02 -9.54
CA LYS B 115 -22.39 -39.65 -9.70
C LYS B 115 -22.39 -40.69 -10.81
N GLN B 116 -21.48 -40.54 -11.79
CA GLN B 116 -21.46 -41.45 -12.93
C GLN B 116 -20.95 -42.83 -12.59
N LYS B 117 -20.30 -43.01 -11.44
CA LYS B 117 -19.87 -44.35 -11.05
C LYS B 117 -21.10 -45.23 -10.86
N GLU B 118 -20.91 -46.54 -11.11
CA GLU B 118 -22.00 -47.51 -11.10
C GLU B 118 -23.09 -47.16 -12.12
N GLY B 119 -22.69 -46.55 -13.24
CA GLY B 119 -23.59 -46.40 -14.37
C GLY B 119 -24.72 -45.41 -14.19
N LYS B 120 -24.79 -44.71 -13.06
CA LYS B 120 -25.82 -43.70 -12.85
C LYS B 120 -25.54 -42.47 -13.70
N ALA B 121 -26.45 -41.50 -13.62
CA ALA B 121 -26.31 -40.22 -14.31
C ALA B 121 -26.27 -40.39 -15.83
N LYS B 122 -27.12 -41.29 -16.35
CA LYS B 122 -27.17 -41.53 -17.79
C LYS B 122 -27.70 -40.31 -18.54
N ASN B 123 -28.67 -39.60 -17.95
CA ASN B 123 -29.17 -38.34 -18.47
C ASN B 123 -29.09 -37.32 -17.35
N PRO B 124 -27.88 -36.84 -17.04
CA PRO B 124 -27.68 -36.07 -15.81
C PRO B 124 -28.28 -34.67 -15.88
N VAL B 125 -28.73 -34.19 -14.72
CA VAL B 125 -29.22 -32.83 -14.57
C VAL B 125 -28.71 -32.25 -13.26
N PHE B 126 -28.68 -30.93 -13.20
CA PHE B 126 -28.50 -30.16 -11.98
C PHE B 126 -29.80 -29.41 -11.69
N ILE B 127 -30.20 -29.38 -10.42
CA ILE B 127 -31.43 -28.71 -10.01
C ILE B 127 -31.07 -27.60 -9.04
N SER B 128 -31.60 -26.41 -9.29
CA SER B 128 -31.34 -25.26 -8.43
C SER B 128 -32.62 -24.46 -8.29
N ASN B 129 -32.68 -23.60 -7.28
CA ASN B 129 -33.71 -22.57 -7.28
C ASN B 129 -33.55 -21.67 -8.51
N PHE B 130 -32.31 -21.27 -8.82
CA PHE B 130 -32.01 -20.70 -10.13
C PHE B 130 -30.50 -20.71 -10.35
N HIS B 131 -30.05 -21.49 -11.32
CA HIS B 131 -28.65 -21.44 -11.74
C HIS B 131 -28.33 -20.07 -12.30
N PHE B 132 -27.25 -19.45 -11.81
N PHE B 132 -27.27 -19.46 -11.78
CA PHE B 132 -26.84 -18.22 -12.46
CA PHE B 132 -26.73 -18.25 -12.37
C PHE B 132 -26.01 -18.53 -13.71
C PHE B 132 -26.09 -18.57 -13.72
N ASP B 133 -25.71 -17.49 -14.50
N ASP B 133 -25.77 -17.52 -14.47
CA ASP B 133 -25.33 -17.71 -15.89
CA ASP B 133 -25.32 -17.68 -15.84
C ASP B 133 -24.05 -18.53 -16.02
C ASP B 133 -24.09 -18.57 -15.94
N THR B 134 -23.02 -18.24 -15.21
CA THR B 134 -21.82 -19.07 -15.28
C THR B 134 -22.07 -20.45 -14.70
N THR B 135 -22.93 -20.54 -13.68
CA THR B 135 -23.25 -21.83 -13.06
C THR B 135 -23.94 -22.76 -14.06
N ALA B 136 -24.94 -22.24 -14.77
CA ALA B 136 -25.63 -23.04 -15.78
C ALA B 136 -24.70 -23.37 -16.95
N ALA B 137 -23.81 -22.45 -17.32
CA ALA B 137 -22.87 -22.72 -18.40
C ALA B 137 -21.97 -23.90 -18.09
N HIS B 138 -21.49 -23.99 -16.84
CA HIS B 138 -20.66 -25.13 -16.47
C HIS B 138 -21.48 -26.41 -16.39
N VAL B 139 -22.71 -26.33 -15.88
CA VAL B 139 -23.58 -27.50 -15.95
C VAL B 139 -23.73 -27.96 -17.39
N GLU B 140 -24.04 -27.03 -18.30
CA GLU B 140 -24.28 -27.41 -19.69
C GLU B 140 -22.99 -27.81 -20.41
N LEU B 141 -21.86 -27.19 -20.05
CA LEU B 141 -20.60 -27.59 -20.67
C LEU B 141 -20.27 -29.04 -20.38
N ASN B 142 -20.61 -29.52 -19.19
CA ASN B 142 -20.38 -30.91 -18.83
C ASN B 142 -21.52 -31.83 -19.27
N GLY B 143 -22.34 -31.40 -20.22
CA GLY B 143 -23.34 -32.29 -20.79
C GLY B 143 -24.51 -32.58 -19.88
N CYS B 144 -24.85 -31.64 -18.99
CA CYS B 144 -26.03 -31.79 -18.15
C CYS B 144 -27.01 -30.66 -18.45
N LYS B 145 -28.24 -30.84 -17.98
CA LYS B 145 -29.27 -29.82 -18.11
C LYS B 145 -29.40 -29.07 -16.78
N ALA B 146 -29.58 -27.76 -16.87
CA ALA B 146 -29.70 -26.90 -15.69
C ALA B 146 -31.17 -26.62 -15.44
N ILE B 147 -31.75 -27.31 -14.45
CA ILE B 147 -33.16 -27.16 -14.10
C ILE B 147 -33.30 -26.05 -13.06
N ASN B 148 -34.24 -25.13 -13.29
CA ASN B 148 -34.49 -24.00 -12.40
C ASN B 148 -35.93 -24.05 -11.92
N ILE B 149 -36.13 -24.15 -10.59
CA ILE B 149 -37.47 -24.31 -10.03
C ILE B 149 -37.74 -23.25 -8.95
N VAL B 150 -37.44 -21.99 -9.24
CA VAL B 150 -37.69 -20.92 -8.28
C VAL B 150 -39.19 -20.82 -7.99
N THR B 151 -39.53 -20.43 -6.78
CA THR B 151 -40.91 -20.20 -6.39
C THR B 151 -41.61 -19.30 -7.41
N GLU B 152 -42.85 -19.67 -7.74
CA GLU B 152 -43.64 -18.84 -8.65
C GLU B 152 -43.80 -17.41 -8.15
N LYS B 153 -43.69 -17.20 -6.83
CA LYS B 153 -43.78 -15.85 -6.29
C LYS B 153 -42.77 -14.91 -6.91
N ALA B 154 -41.67 -15.43 -7.45
CA ALA B 154 -40.63 -14.54 -7.98
C ALA B 154 -41.07 -13.85 -9.26
N PHE B 155 -41.99 -14.47 -10.02
CA PHE B 155 -42.47 -13.89 -11.27
C PHE B 155 -43.46 -12.75 -11.07
N ASP B 156 -43.98 -12.59 -9.86
CA ASP B 156 -44.93 -11.53 -9.55
C ASP B 156 -44.14 -10.37 -8.95
N SER B 157 -43.55 -9.56 -9.84
CA SER B 157 -42.51 -8.64 -9.39
C SER B 157 -43.07 -7.58 -8.46
N GLU B 158 -44.29 -7.13 -8.69
CA GLU B 158 -44.85 -6.08 -7.85
C GLU B 158 -45.47 -6.61 -6.57
N THR B 159 -45.66 -7.92 -6.44
CA THR B 159 -46.25 -8.51 -5.24
C THR B 159 -45.17 -8.90 -4.25
N TYR B 160 -45.19 -8.30 -3.07
CA TYR B 160 -44.20 -8.60 -2.05
C TYR B 160 -44.28 -10.06 -1.61
N ASP B 161 -43.12 -10.65 -1.33
CA ASP B 161 -43.04 -11.91 -0.59
C ASP B 161 -41.73 -11.97 0.19
N ASP B 162 -41.75 -12.70 1.29
CA ASP B 162 -40.58 -12.78 2.18
C ASP B 162 -39.41 -13.53 1.55
N TRP B 163 -39.69 -14.54 0.73
CA TRP B 163 -38.67 -15.48 0.27
C TRP B 163 -38.85 -15.72 -1.23
N LYS B 164 -38.65 -14.68 -2.04
CA LYS B 164 -38.81 -14.86 -3.47
C LYS B 164 -37.71 -15.70 -4.09
N GLY B 165 -36.69 -16.10 -3.33
CA GLY B 165 -35.68 -17.00 -3.83
C GLY B 165 -35.90 -18.46 -3.52
N ASP B 166 -37.00 -18.82 -2.85
CA ASP B 166 -37.21 -20.19 -2.41
C ASP B 166 -37.20 -21.17 -3.58
N PHE B 167 -36.78 -22.40 -3.29
CA PHE B 167 -37.11 -23.54 -4.15
C PHE B 167 -38.63 -23.74 -4.17
N ASP B 168 -39.13 -24.22 -5.30
CA ASP B 168 -40.48 -24.77 -5.36
C ASP B 168 -40.40 -26.24 -4.96
N ILE B 169 -40.85 -26.56 -3.75
CA ILE B 169 -40.69 -27.92 -3.23
C ILE B 169 -41.49 -28.91 -4.08
N LYS B 170 -42.71 -28.53 -4.50
CA LYS B 170 -43.52 -29.40 -5.33
C LYS B 170 -42.81 -29.76 -6.62
N LYS B 171 -42.31 -28.74 -7.35
CA LYS B 171 -41.54 -29.01 -8.56
C LYS B 171 -40.26 -29.77 -8.28
N LEU B 172 -39.68 -29.61 -7.08
CA LEU B 172 -38.49 -30.38 -6.74
C LEU B 172 -38.79 -31.87 -6.67
N LYS B 173 -39.84 -32.23 -5.94
CA LYS B 173 -40.23 -33.63 -5.86
C LYS B 173 -40.62 -34.16 -7.24
N GLU B 174 -41.34 -33.36 -8.02
CA GLU B 174 -41.72 -33.79 -9.36
C GLU B 174 -40.49 -34.03 -10.22
N ASN B 175 -39.46 -33.19 -10.06
CA ASN B 175 -38.25 -33.36 -10.87
C ASN B 175 -37.44 -34.56 -10.39
N ILE B 176 -37.42 -34.84 -9.09
CA ILE B 176 -36.80 -36.08 -8.62
C ILE B 176 -37.56 -37.28 -9.18
N ALA B 177 -38.85 -37.12 -9.43
CA ALA B 177 -39.67 -38.21 -9.95
C ALA B 177 -39.45 -38.42 -11.44
N GLN B 178 -39.45 -37.32 -12.21
CA GLN B 178 -39.40 -37.43 -13.67
C GLN B 178 -37.99 -37.74 -14.17
N HIS B 179 -36.96 -37.38 -13.41
CA HIS B 179 -35.59 -37.65 -13.81
C HIS B 179 -34.96 -38.81 -13.05
N GLY B 180 -35.37 -39.04 -11.81
CA GLY B 180 -34.76 -40.08 -11.01
C GLY B 180 -33.57 -39.58 -10.22
N ALA B 181 -33.45 -40.00 -8.96
CA ALA B 181 -32.35 -39.53 -8.12
C ALA B 181 -30.99 -39.95 -8.65
N ASP B 182 -30.95 -40.95 -9.53
CA ASP B 182 -29.69 -41.33 -10.15
C ASP B 182 -29.23 -40.33 -11.20
N ASN B 183 -30.14 -39.54 -11.77
CA ASN B 183 -29.79 -38.56 -12.78
C ASN B 183 -29.56 -37.16 -12.21
N ILE B 184 -29.83 -36.95 -10.92
N ILE B 184 -29.81 -36.94 -10.92
CA ILE B 184 -29.62 -35.65 -10.27
CA ILE B 184 -29.62 -35.64 -10.30
C ILE B 184 -28.17 -35.63 -9.79
C ILE B 184 -28.18 -35.59 -9.78
N VAL B 185 -27.31 -34.94 -10.53
CA VAL B 185 -25.90 -34.87 -10.12
C VAL B 185 -25.77 -34.09 -8.82
N ALA B 186 -26.51 -32.99 -8.69
CA ALA B 186 -26.48 -32.20 -7.47
C ALA B 186 -27.64 -31.22 -7.50
N ILE B 187 -27.98 -30.75 -6.31
CA ILE B 187 -28.88 -29.62 -6.13
C ILE B 187 -28.02 -28.43 -5.74
N VAL B 188 -28.25 -27.30 -6.39
CA VAL B 188 -27.45 -26.09 -6.18
C VAL B 188 -28.37 -25.06 -5.52
N SER B 189 -28.17 -24.81 -4.23
CA SER B 189 -28.93 -23.78 -3.52
C SER B 189 -28.19 -22.46 -3.69
N THR B 190 -28.82 -21.51 -4.39
CA THR B 190 -28.20 -20.21 -4.67
C THR B 190 -28.70 -19.18 -3.66
N VAL B 191 -27.81 -18.67 -2.83
CA VAL B 191 -28.16 -17.75 -1.75
C VAL B 191 -27.29 -16.49 -1.83
N THR B 192 -27.91 -15.32 -1.94
CA THR B 192 -29.33 -15.16 -2.30
C THR B 192 -29.53 -15.61 -3.74
N CYS B 193 -30.78 -15.71 -4.17
CA CYS B 193 -31.04 -16.14 -5.54
C CYS B 193 -30.84 -14.95 -6.47
N ASN B 194 -29.65 -14.87 -7.07
CA ASN B 194 -29.30 -13.71 -7.91
C ASN B 194 -30.33 -13.50 -9.01
N SER B 195 -30.52 -14.53 -9.85
CA SER B 195 -31.42 -14.44 -10.99
C SER B 195 -32.83 -14.00 -10.58
N ALA B 196 -33.31 -14.48 -9.42
CA ALA B 196 -34.63 -14.04 -8.95
C ALA B 196 -34.65 -12.61 -8.44
N GLY B 197 -33.51 -11.92 -8.44
CA GLY B 197 -33.48 -10.54 -7.98
C GLY B 197 -32.70 -10.34 -6.70
N GLY B 198 -31.75 -11.22 -6.44
CA GLY B 198 -31.02 -11.17 -5.18
C GLY B 198 -31.90 -11.43 -3.99
N GLN B 199 -32.95 -12.24 -4.16
CA GLN B 199 -34.04 -12.55 -3.26
C GLN B 199 -33.67 -13.71 -2.34
N PRO B 200 -33.94 -13.56 -1.05
CA PRO B 200 -33.45 -14.54 -0.08
C PRO B 200 -34.20 -15.87 -0.17
N VAL B 201 -33.51 -16.92 0.30
CA VAL B 201 -34.09 -18.25 0.48
C VAL B 201 -34.22 -18.47 1.98
N SER B 202 -35.40 -18.89 2.42
CA SER B 202 -35.64 -19.04 3.84
C SER B 202 -34.84 -20.21 4.41
N MET B 203 -34.64 -20.18 5.73
CA MET B 203 -33.95 -21.29 6.39
C MET B 203 -34.75 -22.58 6.30
N SER B 204 -36.09 -22.49 6.40
CA SER B 204 -36.88 -23.72 6.32
C SER B 204 -36.94 -24.27 4.90
N ASN B 205 -36.83 -23.39 3.89
CA ASN B 205 -36.73 -23.87 2.52
C ASN B 205 -35.39 -24.54 2.25
N LEU B 206 -34.30 -23.96 2.77
CA LEU B 206 -32.98 -24.62 2.70
C LEU B 206 -33.00 -25.96 3.42
N LYS B 207 -33.64 -26.01 4.59
CA LYS B 207 -33.63 -27.24 5.39
C LYS B 207 -34.45 -28.33 4.72
N GLU B 208 -35.61 -27.99 4.16
CA GLU B 208 -36.44 -29.01 3.52
C GLU B 208 -35.78 -29.57 2.26
N VAL B 209 -35.17 -28.69 1.45
CA VAL B 209 -34.49 -29.15 0.24
C VAL B 209 -33.37 -30.13 0.59
N TYR B 210 -32.58 -29.80 1.61
CA TYR B 210 -31.48 -30.69 2.00
C TYR B 210 -31.99 -32.02 2.52
N GLU B 211 -33.07 -32.00 3.31
CA GLU B 211 -33.63 -33.24 3.82
C GLU B 211 -34.19 -34.09 2.69
N ILE B 212 -34.85 -33.46 1.72
CA ILE B 212 -35.33 -34.19 0.56
C ILE B 212 -34.17 -34.81 -0.19
N ALA B 213 -33.12 -34.03 -0.43
CA ALA B 213 -31.98 -34.54 -1.19
C ALA B 213 -31.22 -35.59 -0.38
N LYS B 214 -31.15 -35.41 0.95
CA LYS B 214 -30.33 -36.31 1.76
C LYS B 214 -30.89 -37.72 1.76
N GLN B 215 -32.20 -37.86 1.94
CA GLN B 215 -32.80 -39.19 1.92
C GLN B 215 -32.77 -39.82 0.53
N HIS B 216 -32.49 -39.05 -0.52
CA HIS B 216 -32.38 -39.60 -1.88
C HIS B 216 -30.94 -39.72 -2.37
N GLY B 217 -29.96 -39.47 -1.49
CA GLY B 217 -28.57 -39.58 -1.88
C GLY B 217 -28.08 -38.52 -2.85
N ILE B 218 -28.53 -37.29 -2.71
CA ILE B 218 -28.23 -36.22 -3.66
C ILE B 218 -27.33 -35.19 -2.99
N PHE B 219 -26.16 -34.96 -3.59
CA PHE B 219 -25.21 -33.99 -3.11
C PHE B 219 -25.74 -32.56 -3.30
N VAL B 220 -25.60 -31.72 -2.27
CA VAL B 220 -26.11 -30.36 -2.29
C VAL B 220 -24.94 -29.38 -2.24
N VAL B 221 -24.88 -28.47 -3.22
CA VAL B 221 -23.88 -27.41 -3.30
C VAL B 221 -24.57 -26.08 -3.07
N MET B 222 -24.10 -25.33 -2.07
CA MET B 222 -24.61 -23.98 -1.79
C MET B 222 -23.81 -22.98 -2.61
N ASP B 223 -24.42 -22.41 -3.65
CA ASP B 223 -23.79 -21.31 -4.39
C ASP B 223 -23.80 -20.07 -3.51
N SER B 224 -22.64 -19.70 -2.96
CA SER B 224 -22.57 -18.87 -1.77
C SER B 224 -22.08 -17.45 -2.03
N ALA B 225 -22.26 -16.94 -3.26
CA ALA B 225 -21.73 -15.61 -3.58
C ALA B 225 -22.29 -14.54 -2.66
N ARG B 226 -23.57 -14.62 -2.32
CA ARG B 226 -24.17 -13.59 -1.49
C ARG B 226 -24.80 -14.19 -0.24
N PHE B 227 -24.05 -15.07 0.44
CA PHE B 227 -24.62 -15.79 1.57
C PHE B 227 -24.84 -14.90 2.79
N CYS B 228 -24.01 -13.87 2.97
CA CYS B 228 -24.20 -12.97 4.09
C CYS B 228 -25.47 -12.13 3.92
N GLU B 229 -25.75 -11.70 2.68
CA GLU B 229 -26.99 -10.97 2.46
C GLU B 229 -28.20 -11.88 2.65
N ASN B 230 -28.10 -13.14 2.23
CA ASN B 230 -29.16 -14.10 2.56
C ASN B 230 -29.34 -14.20 4.06
N ALA B 231 -28.22 -14.34 4.79
CA ALA B 231 -28.29 -14.52 6.24
C ALA B 231 -28.98 -13.35 6.91
N TYR B 232 -28.71 -12.12 6.44
CA TYR B 232 -29.35 -10.95 7.03
C TYR B 232 -30.86 -11.01 6.86
N PHE B 233 -31.32 -11.42 5.67
CA PHE B 233 -32.76 -11.49 5.41
C PHE B 233 -33.43 -12.54 6.29
N ILE B 234 -32.75 -13.67 6.51
CA ILE B 234 -33.30 -14.69 7.42
C ILE B 234 -33.46 -14.12 8.82
N LYS B 235 -32.44 -13.43 9.33
CA LYS B 235 -32.60 -12.77 10.62
C LYS B 235 -33.68 -11.69 10.55
N ALA B 236 -33.81 -11.01 9.41
CA ALA B 236 -34.77 -9.91 9.31
C ALA B 236 -36.21 -10.38 9.19
N ARG B 237 -36.46 -11.56 8.60
CA ARG B 237 -37.82 -11.98 8.27
C ARG B 237 -38.27 -13.30 8.90
N ASP B 238 -37.35 -14.17 9.29
CA ASP B 238 -37.72 -15.42 9.95
C ASP B 238 -37.70 -15.18 11.46
N PRO B 239 -38.85 -15.17 12.14
CA PRO B 239 -38.85 -14.87 13.57
C PRO B 239 -38.00 -15.82 14.39
N LYS B 240 -37.71 -17.02 13.89
CA LYS B 240 -36.85 -17.95 14.61
C LYS B 240 -35.49 -17.34 14.92
N TYR B 241 -34.93 -16.56 13.99
CA TYR B 241 -33.58 -16.04 14.14
C TYR B 241 -33.56 -14.56 14.49
N LYS B 242 -34.66 -14.03 15.02
CA LYS B 242 -34.71 -12.63 15.38
C LYS B 242 -33.67 -12.29 16.42
N ASN B 243 -33.32 -13.23 17.28
CA ASN B 243 -32.37 -13.03 18.37
C ASN B 243 -31.01 -13.65 18.08
N ALA B 244 -30.77 -14.13 16.88
CA ALA B 244 -29.52 -14.78 16.54
C ALA B 244 -28.55 -13.78 15.94
N THR B 245 -27.26 -14.07 16.08
CA THR B 245 -26.29 -13.29 15.34
C THR B 245 -26.21 -13.77 13.90
N ILE B 246 -25.63 -12.93 13.04
CA ILE B 246 -25.53 -13.28 11.62
C ILE B 246 -24.68 -14.54 11.44
N LYS B 247 -23.60 -14.68 12.22
CA LYS B 247 -22.78 -15.88 12.12
C LYS B 247 -23.55 -17.13 12.54
N GLU B 248 -24.42 -17.01 13.55
CA GLU B 248 -25.25 -18.16 13.92
C GLU B 248 -26.22 -18.53 12.80
N VAL B 249 -26.74 -17.53 12.09
CA VAL B 249 -27.60 -17.81 10.95
C VAL B 249 -26.81 -18.52 9.86
N ILE B 250 -25.64 -17.99 9.52
CA ILE B 250 -24.78 -18.61 8.51
C ILE B 250 -24.46 -20.05 8.91
N PHE B 251 -24.05 -20.25 10.17
CA PHE B 251 -23.69 -21.57 10.65
C PHE B 251 -24.83 -22.57 10.45
N ASP B 252 -26.08 -22.10 10.62
CA ASP B 252 -27.23 -22.98 10.40
C ASP B 252 -27.49 -23.21 8.92
N MET B 253 -27.32 -22.16 8.10
CA MET B 253 -27.55 -22.30 6.67
C MET B 253 -26.77 -23.48 6.09
N TYR B 254 -25.55 -23.70 6.56
CA TYR B 254 -24.65 -24.66 5.96
C TYR B 254 -24.69 -26.02 6.63
N LYS B 255 -25.61 -26.23 7.59
CA LYS B 255 -26.05 -27.58 7.93
C LYS B 255 -26.83 -28.20 6.78
N TYR B 256 -27.29 -27.40 5.83
CA TYR B 256 -28.17 -27.84 4.76
C TYR B 256 -27.48 -27.78 3.40
N ALA B 257 -26.20 -28.13 3.40
CA ALA B 257 -25.43 -28.35 2.17
C ALA B 257 -24.28 -29.29 2.51
N ASP B 258 -23.71 -29.89 1.47
CA ASP B 258 -22.52 -30.72 1.62
C ASP B 258 -21.27 -30.04 1.11
N ALA B 259 -21.42 -28.97 0.34
CA ALA B 259 -20.28 -28.21 -0.19
C ALA B 259 -20.77 -26.82 -0.54
N LEU B 260 -19.82 -25.94 -0.83
CA LEU B 260 -20.16 -24.64 -1.37
C LEU B 260 -19.20 -24.30 -2.49
N THR B 261 -19.67 -23.45 -3.39
CA THR B 261 -18.85 -22.72 -4.34
C THR B 261 -19.16 -21.25 -4.12
N MET B 262 -18.11 -20.43 -4.05
CA MET B 262 -18.29 -19.04 -3.67
C MET B 262 -17.51 -18.16 -4.62
N SER B 263 -18.18 -17.13 -5.14
CA SER B 263 -17.47 -15.96 -5.65
C SER B 263 -17.20 -15.04 -4.47
N ALA B 264 -15.94 -14.95 -4.07
CA ALA B 264 -15.59 -14.03 -2.99
C ALA B 264 -15.55 -12.59 -3.46
N LYS B 265 -15.83 -12.32 -4.74
CA LYS B 265 -15.90 -10.96 -5.25
C LYS B 265 -17.22 -10.27 -4.87
N LYS B 266 -18.11 -10.97 -4.16
CA LYS B 266 -19.36 -10.39 -3.71
C LYS B 266 -19.29 -10.16 -2.19
N ASP B 267 -20.00 -10.99 -1.41
CA ASP B 267 -20.15 -10.71 0.02
C ASP B 267 -18.84 -10.65 0.82
N PRO B 268 -17.76 -11.36 0.47
CA PRO B 268 -16.47 -11.15 1.15
C PRO B 268 -15.74 -9.87 0.77
N LEU B 269 -16.33 -8.98 -0.02
CA LEU B 269 -15.80 -7.64 -0.18
C LEU B 269 -14.42 -7.64 -0.83
N LEU B 270 -14.25 -8.45 -1.87
CA LEU B 270 -12.98 -8.56 -2.56
C LEU B 270 -13.07 -8.01 -3.99
N ASN B 271 -11.90 -7.81 -4.59
CA ASN B 271 -11.76 -7.46 -5.99
C ASN B 271 -11.50 -8.67 -6.87
N ILE B 272 -11.10 -9.79 -6.27
CA ILE B 272 -10.86 -11.04 -6.97
C ILE B 272 -10.95 -12.14 -5.92
N GLY B 273 -11.25 -13.36 -6.35
CA GLY B 273 -11.17 -14.49 -5.45
C GLY B 273 -12.41 -15.35 -5.42
N GLY B 274 -12.21 -16.63 -5.11
CA GLY B 274 -13.29 -17.61 -5.06
C GLY B 274 -12.89 -18.73 -4.14
N LEU B 275 -13.82 -19.64 -3.91
CA LEU B 275 -13.60 -20.66 -2.89
C LEU B 275 -14.52 -21.86 -3.10
N VAL B 276 -13.92 -23.05 -3.10
CA VAL B 276 -14.64 -24.29 -2.90
C VAL B 276 -14.43 -24.71 -1.44
N ALA B 277 -15.52 -25.04 -0.75
CA ALA B 277 -15.40 -25.65 0.56
C ALA B 277 -16.30 -26.88 0.58
N ILE B 278 -15.83 -27.94 1.25
CA ILE B 278 -16.52 -29.22 1.27
C ILE B 278 -16.65 -29.66 2.73
N ARG B 279 -17.86 -30.06 3.11
CA ARG B 279 -18.16 -30.37 4.51
C ARG B 279 -17.32 -31.54 5.04
N ASP B 280 -17.53 -32.75 4.52
CA ASP B 280 -16.77 -33.88 5.03
C ASP B 280 -16.43 -34.93 3.98
N ASN B 281 -16.95 -34.80 2.76
CA ASN B 281 -16.68 -35.80 1.74
C ASN B 281 -15.24 -35.70 1.23
N GLU B 282 -14.33 -36.48 1.82
CA GLU B 282 -12.92 -36.37 1.47
C GLU B 282 -12.64 -36.89 0.06
N GLU B 283 -13.45 -37.83 -0.44
CA GLU B 283 -13.27 -38.30 -1.80
C GLU B 283 -13.59 -37.22 -2.81
N ILE B 284 -14.69 -36.51 -2.62
CA ILE B 284 -15.00 -35.37 -3.49
C ILE B 284 -13.89 -34.34 -3.40
N PHE B 285 -13.38 -34.10 -2.19
CA PHE B 285 -12.32 -33.11 -2.01
C PHE B 285 -11.04 -33.53 -2.74
N THR B 286 -10.68 -34.82 -2.66
CA THR B 286 -9.49 -35.29 -3.36
C THR B 286 -9.65 -35.15 -4.87
N LEU B 287 -10.81 -35.53 -5.39
CA LEU B 287 -11.07 -35.38 -6.83
C LEU B 287 -11.06 -33.92 -7.26
N ALA B 288 -11.68 -33.04 -6.46
CA ALA B 288 -11.66 -31.62 -6.76
C ALA B 288 -10.26 -31.04 -6.70
N ARG B 289 -9.42 -31.55 -5.79
CA ARG B 289 -8.03 -31.12 -5.75
C ARG B 289 -7.30 -31.53 -7.01
N GLN B 290 -7.61 -32.72 -7.55
CA GLN B 290 -6.94 -33.20 -8.74
C GLN B 290 -7.33 -32.39 -9.98
N ARG B 291 -8.55 -31.87 -10.01
CA ARG B 291 -8.93 -30.97 -11.10
C ARG B 291 -8.42 -29.55 -10.88
N CYS B 292 -8.31 -29.11 -9.63
CA CYS B 292 -7.81 -27.76 -9.34
C CYS B 292 -6.42 -27.53 -9.95
N VAL B 293 -5.57 -28.55 -9.95
CA VAL B 293 -4.17 -28.37 -10.33
C VAL B 293 -3.99 -27.99 -11.80
N PRO B 294 -4.62 -28.67 -12.76
CA PRO B 294 -4.48 -28.21 -14.15
C PRO B 294 -5.19 -26.90 -14.43
N MET B 295 -6.32 -26.64 -13.77
CA MET B 295 -7.24 -25.59 -14.17
C MET B 295 -6.97 -24.26 -13.49
N GLU B 296 -6.68 -24.29 -12.19
CA GLU B 296 -6.55 -23.08 -11.38
C GLU B 296 -5.12 -22.88 -10.89
N GLY B 297 -4.56 -23.87 -10.21
CA GLY B 297 -3.22 -23.76 -9.68
C GLY B 297 -3.03 -24.81 -8.60
N PHE B 298 -1.91 -24.70 -7.89
CA PHE B 298 -1.69 -25.61 -6.78
C PHE B 298 -2.78 -25.43 -5.74
N VAL B 299 -3.03 -26.50 -4.98
CA VAL B 299 -4.21 -26.55 -4.14
C VAL B 299 -4.15 -25.63 -2.92
N THR B 300 -3.00 -25.01 -2.64
CA THR B 300 -2.90 -24.10 -1.52
C THR B 300 -2.90 -22.63 -1.94
N TYR B 301 -3.06 -22.35 -3.23
CA TYR B 301 -3.39 -21.00 -3.67
C TYR B 301 -4.47 -20.97 -4.75
N GLY B 302 -4.63 -22.03 -5.54
CA GLY B 302 -5.80 -22.13 -6.41
C GLY B 302 -5.99 -20.96 -7.35
N GLY B 303 -4.91 -20.41 -7.87
CA GLY B 303 -5.00 -19.29 -8.78
C GLY B 303 -5.13 -17.93 -8.11
N LEU B 304 -4.87 -17.83 -6.81
CA LEU B 304 -4.89 -16.56 -6.11
C LEU B 304 -3.48 -16.23 -5.61
N ALA B 305 -3.08 -14.98 -5.74
CA ALA B 305 -1.92 -14.50 -5.00
C ALA B 305 -2.17 -14.64 -3.51
N GLY B 306 -1.11 -14.91 -2.74
CA GLY B 306 -1.26 -15.04 -1.30
C GLY B 306 -1.95 -13.84 -0.67
N ARG B 307 -1.69 -12.63 -1.19
CA ARG B 307 -2.32 -11.44 -0.62
C ARG B 307 -3.84 -11.49 -0.78
N ASP B 308 -4.35 -12.14 -1.82
CA ASP B 308 -5.79 -12.15 -1.99
C ASP B 308 -6.44 -13.15 -1.05
N MET B 309 -5.81 -14.30 -0.82
CA MET B 309 -6.27 -15.19 0.25
C MET B 309 -6.25 -14.47 1.60
N ALA B 310 -5.23 -13.64 1.84
CA ALA B 310 -5.18 -12.85 3.06
C ALA B 310 -6.34 -11.88 3.14
N ALA B 311 -6.63 -11.19 2.02
CA ALA B 311 -7.76 -10.28 2.00
C ALA B 311 -9.07 -11.01 2.15
N MET B 312 -9.15 -12.25 1.66
CA MET B 312 -10.38 -13.03 1.76
C MET B 312 -10.69 -13.41 3.20
N VAL B 313 -9.67 -13.77 3.96
CA VAL B 313 -9.89 -14.16 5.35
C VAL B 313 -10.46 -12.99 6.14
N GLN B 314 -9.96 -11.77 5.86
CA GLN B 314 -10.45 -10.60 6.57
C GLN B 314 -11.81 -10.16 6.02
N GLY B 315 -11.97 -10.17 4.70
CA GLY B 315 -13.25 -9.79 4.11
C GLY B 315 -14.38 -10.74 4.47
N LEU B 316 -14.07 -12.04 4.58
CA LEU B 316 -15.07 -13.00 5.04
C LEU B 316 -15.64 -12.59 6.40
N GLU B 317 -14.78 -12.10 7.27
CA GLU B 317 -15.23 -11.64 8.59
C GLU B 317 -16.05 -10.36 8.49
N GLU B 318 -15.53 -9.38 7.74
CA GLU B 318 -16.22 -8.09 7.66
C GLU B 318 -17.58 -8.21 7.00
N GLY B 319 -17.73 -9.12 6.05
CA GLY B 319 -18.99 -9.25 5.36
C GLY B 319 -20.10 -9.87 6.18
N THR B 320 -19.77 -10.43 7.34
CA THR B 320 -20.78 -10.98 8.24
C THR B 320 -21.28 -9.96 9.25
N GLU B 321 -20.64 -8.79 9.35
CA GLU B 321 -20.98 -7.84 10.39
C GLU B 321 -22.34 -7.23 10.10
N GLU B 322 -23.27 -7.41 11.04
CA GLU B 322 -24.66 -7.04 10.80
C GLU B 322 -24.83 -5.55 10.56
N GLU B 323 -24.09 -4.72 11.29
CA GLU B 323 -24.24 -3.28 11.10
CA GLU B 323 -24.19 -3.27 11.12
C GLU B 323 -23.79 -2.86 9.71
N TYR B 324 -22.82 -3.55 9.11
CA TYR B 324 -22.49 -3.28 7.71
C TYR B 324 -23.61 -3.77 6.78
N LEU B 325 -24.12 -4.99 7.02
CA LEU B 325 -25.15 -5.54 6.13
C LEU B 325 -26.40 -4.68 6.16
N HIS B 326 -26.80 -4.21 7.35
CA HIS B 326 -27.94 -3.33 7.47
C HIS B 326 -27.80 -2.09 6.58
N TYR B 327 -26.64 -1.42 6.64
CA TYR B 327 -26.42 -0.26 5.78
CA TYR B 327 -26.40 -0.26 5.79
C TYR B 327 -26.39 -0.65 4.32
N ARG B 328 -25.70 -1.74 3.97
CA ARG B 328 -25.57 -2.13 2.56
C ARG B 328 -26.93 -2.43 1.96
N ILE B 329 -27.68 -3.32 2.61
CA ILE B 329 -28.99 -3.71 2.07
C ILE B 329 -29.95 -2.54 2.16
N GLY B 330 -29.81 -1.70 3.19
CA GLY B 330 -30.66 -0.52 3.30
C GLY B 330 -30.40 0.49 2.21
N GLN B 331 -29.14 0.65 1.81
CA GLN B 331 -28.84 1.49 0.66
C GLN B 331 -29.57 1.00 -0.60
N VAL B 332 -29.51 -0.31 -0.86
CA VAL B 332 -30.24 -0.88 -1.99
C VAL B 332 -31.73 -0.59 -1.85
N LYS B 333 -32.26 -0.77 -0.63
CA LYS B 333 -33.67 -0.50 -0.39
C LYS B 333 -34.01 0.96 -0.65
N TYR B 334 -33.08 1.86 -0.30
CA TYR B 334 -33.31 3.29 -0.51
C TYR B 334 -33.48 3.63 -1.98
N LEU B 335 -32.58 3.13 -2.83
CA LEU B 335 -32.73 3.33 -4.28
C LEU B 335 -34.05 2.77 -4.76
N GLY B 336 -34.43 1.59 -4.27
CA GLY B 336 -35.69 1.00 -4.70
C GLY B 336 -36.88 1.82 -4.26
N ASP B 337 -36.85 2.33 -3.03
CA ASP B 337 -37.95 3.15 -2.52
C ASP B 337 -38.05 4.48 -3.27
N ARG B 338 -36.91 5.12 -3.57
CA ARG B 338 -36.93 6.33 -4.38
C ARG B 338 -37.59 6.07 -5.72
N LEU B 339 -37.34 4.90 -6.32
CA LEU B 339 -37.96 4.57 -7.60
C LEU B 339 -39.44 4.24 -7.45
N ARG B 340 -39.80 3.47 -6.42
CA ARG B 340 -41.21 3.14 -6.21
C ARG B 340 -42.03 4.38 -5.93
N GLU B 341 -41.50 5.31 -5.14
CA GLU B 341 -42.22 6.54 -4.84
C GLU B 341 -42.49 7.36 -6.09
N ALA B 342 -41.67 7.19 -7.13
CA ALA B 342 -41.89 7.86 -8.40
C ALA B 342 -42.67 6.99 -9.40
N GLY B 343 -43.23 5.87 -8.95
CA GLY B 343 -44.04 5.03 -9.81
C GLY B 343 -43.26 4.09 -10.72
N ILE B 344 -41.97 3.91 -10.50
CA ILE B 344 -41.14 3.03 -11.32
C ILE B 344 -41.32 1.59 -10.84
N PRO B 345 -41.70 0.66 -11.72
CA PRO B 345 -41.90 -0.74 -11.28
C PRO B 345 -40.58 -1.45 -11.04
N ILE B 346 -40.48 -2.12 -9.88
CA ILE B 346 -39.28 -2.85 -9.50
C ILE B 346 -39.65 -4.18 -8.87
N GLN B 347 -38.66 -5.08 -8.80
CA GLN B 347 -38.84 -6.32 -8.05
C GLN B 347 -38.97 -5.97 -6.57
N TYR B 348 -40.12 -6.24 -5.99
CA TYR B 348 -40.45 -5.82 -4.65
C TYR B 348 -40.68 -7.03 -3.75
N PRO B 349 -40.00 -7.14 -2.61
CA PRO B 349 -39.01 -6.23 -2.02
C PRO B 349 -37.67 -6.29 -2.74
N THR B 350 -36.87 -5.23 -2.60
CA THR B 350 -35.51 -5.25 -3.12
C THR B 350 -34.69 -6.31 -2.41
N GLY B 351 -33.80 -6.96 -3.15
CA GLY B 351 -32.93 -7.96 -2.59
C GLY B 351 -31.72 -7.35 -1.94
N GLY B 352 -30.66 -8.16 -1.83
CA GLY B 352 -29.50 -7.73 -1.07
C GLY B 352 -28.58 -6.77 -1.80
N HIS B 353 -28.48 -6.90 -3.13
CA HIS B 353 -27.33 -6.35 -3.84
C HIS B 353 -27.67 -5.45 -5.02
N ALA B 354 -28.95 -5.33 -5.40
CA ALA B 354 -29.30 -4.67 -6.64
C ALA B 354 -30.78 -4.36 -6.63
N VAL B 355 -31.17 -3.30 -7.35
CA VAL B 355 -32.56 -3.01 -7.65
C VAL B 355 -32.83 -3.46 -9.08
N PHE B 356 -33.91 -4.21 -9.28
CA PHE B 356 -34.28 -4.75 -10.58
C PHE B 356 -35.52 -4.01 -11.08
N VAL B 357 -35.36 -3.28 -12.18
CA VAL B 357 -36.44 -2.46 -12.72
C VAL B 357 -37.14 -3.25 -13.82
N ASP B 358 -38.46 -3.37 -13.70
CA ASP B 358 -39.26 -4.10 -14.68
C ASP B 358 -39.51 -3.20 -15.88
N CYS B 359 -38.83 -3.49 -16.99
CA CYS B 359 -38.87 -2.61 -18.15
C CYS B 359 -40.00 -2.95 -19.12
N LYS B 360 -40.67 -4.08 -18.93
CA LYS B 360 -41.85 -4.37 -19.74
C LYS B 360 -42.89 -3.26 -19.58
N LYS B 361 -43.07 -2.77 -18.36
CA LYS B 361 -44.08 -1.75 -18.07
C LYS B 361 -43.58 -0.33 -18.32
N LEU B 362 -42.27 -0.16 -18.51
CA LEU B 362 -41.72 1.17 -18.75
C LEU B 362 -41.82 1.58 -20.21
N VAL B 363 -41.56 0.64 -21.12
CA VAL B 363 -41.53 0.95 -22.55
C VAL B 363 -42.45 -0.01 -23.28
N PRO B 364 -43.77 0.16 -23.16
CA PRO B 364 -44.69 -0.77 -23.85
C PRO B 364 -44.52 -0.77 -25.36
N GLN B 365 -44.13 0.36 -25.94
CA GLN B 365 -44.01 0.47 -27.40
C GLN B 365 -42.82 -0.30 -27.97
N ILE B 366 -42.05 -0.98 -27.14
CA ILE B 366 -40.86 -1.71 -27.57
C ILE B 366 -41.08 -3.20 -27.28
N PRO B 367 -41.13 -4.05 -28.29
CA PRO B 367 -41.35 -5.49 -28.05
C PRO B 367 -40.10 -6.16 -27.48
N GLY B 368 -40.29 -7.41 -27.06
CA GLY B 368 -39.20 -8.14 -26.45
C GLY B 368 -38.02 -8.40 -27.37
N ASP B 369 -38.30 -8.62 -28.67
CA ASP B 369 -37.22 -8.87 -29.61
C ASP B 369 -36.39 -7.62 -29.87
N GLN B 370 -36.97 -6.43 -29.69
CA GLN B 370 -36.26 -5.17 -29.84
C GLN B 370 -35.63 -4.70 -28.53
N PHE B 371 -35.48 -5.60 -27.55
CA PHE B 371 -34.77 -5.38 -26.30
C PHE B 371 -35.29 -4.17 -25.53
N PRO B 372 -36.42 -4.29 -24.85
CA PRO B 372 -36.90 -3.14 -24.06
C PRO B 372 -35.93 -2.74 -22.96
N ALA B 373 -35.41 -3.71 -22.21
CA ALA B 373 -34.52 -3.41 -21.10
C ALA B 373 -33.25 -2.72 -21.58
N GLN B 374 -32.68 -3.17 -22.70
CA GLN B 374 -31.47 -2.53 -23.20
C GLN B 374 -31.75 -1.10 -23.62
N ALA B 375 -32.93 -0.85 -24.17
CA ALA B 375 -33.27 0.51 -24.60
C ALA B 375 -33.35 1.45 -23.40
N VAL B 376 -33.95 1.00 -22.30
CA VAL B 376 -33.96 1.79 -21.09
C VAL B 376 -32.53 2.01 -20.60
N ILE B 377 -31.72 0.95 -20.59
CA ILE B 377 -30.34 1.03 -20.14
C ILE B 377 -29.55 2.02 -20.99
N ASN B 378 -29.74 1.97 -22.31
CA ASN B 378 -28.99 2.86 -23.18
C ASN B 378 -29.42 4.31 -22.98
N ALA B 379 -30.73 4.54 -22.83
CA ALA B 379 -31.20 5.90 -22.57
C ALA B 379 -30.70 6.39 -21.22
N LEU B 380 -30.74 5.53 -20.20
CA LEU B 380 -30.21 5.89 -18.89
C LEU B 380 -28.74 6.28 -18.98
N TYR B 381 -27.95 5.56 -19.79
CA TYR B 381 -26.55 5.90 -19.93
C TYR B 381 -26.38 7.21 -20.67
N LEU B 382 -27.07 7.38 -21.80
CA LEU B 382 -26.95 8.62 -22.56
C LEU B 382 -27.38 9.82 -21.73
N GLU B 383 -28.37 9.64 -20.84
CA GLU B 383 -28.90 10.77 -20.08
C GLU B 383 -28.04 11.12 -18.88
N SER B 384 -27.28 10.16 -18.33
CA SER B 384 -26.62 10.40 -17.06
C SER B 384 -25.22 9.82 -16.93
N GLY B 385 -24.77 8.97 -17.83
CA GLY B 385 -23.49 8.31 -17.67
C GLY B 385 -23.49 7.15 -16.69
N VAL B 386 -24.67 6.73 -16.23
CA VAL B 386 -24.80 5.53 -15.42
C VAL B 386 -24.83 4.32 -16.36
N ARG B 387 -24.05 3.29 -16.03
CA ARG B 387 -24.05 2.04 -16.78
C ARG B 387 -24.73 0.96 -15.95
N ALA B 388 -25.82 0.42 -16.48
CA ALA B 388 -26.54 -0.71 -15.93
C ALA B 388 -26.40 -1.92 -16.85
N VAL B 389 -27.04 -3.02 -16.48
CA VAL B 389 -26.93 -4.28 -17.20
C VAL B 389 -28.33 -4.87 -17.36
N GLU B 390 -28.54 -5.59 -18.45
CA GLU B 390 -29.85 -6.16 -18.75
C GLU B 390 -29.95 -7.60 -18.25
N ILE B 391 -31.09 -7.91 -17.64
CA ILE B 391 -31.50 -9.27 -17.35
C ILE B 391 -32.79 -9.51 -18.13
N GLY B 392 -32.69 -9.70 -19.44
CA GLY B 392 -33.85 -9.79 -20.29
C GLY B 392 -33.62 -10.57 -21.57
N SER B 393 -34.29 -10.13 -22.65
CA SER B 393 -34.24 -10.83 -23.94
C SER B 393 -32.88 -10.70 -24.62
N PHE B 394 -32.11 -9.67 -24.31
CA PHE B 394 -30.78 -9.55 -24.90
C PHE B 394 -29.81 -10.54 -24.26
N LEU B 395 -29.88 -10.71 -22.93
CA LEU B 395 -29.05 -11.74 -22.30
C LEU B 395 -29.51 -13.13 -22.72
N LEU B 396 -30.81 -13.32 -22.92
CA LEU B 396 -31.34 -14.65 -23.18
C LEU B 396 -30.75 -15.25 -24.46
N GLY B 397 -30.79 -14.49 -25.55
CA GLY B 397 -30.24 -14.93 -26.82
C GLY B 397 -31.29 -15.48 -27.76
N ARG B 398 -30.80 -16.11 -28.83
CA ARG B 398 -31.65 -16.72 -29.83
C ARG B 398 -31.87 -18.19 -29.51
N ASP B 399 -33.08 -18.67 -29.80
CA ASP B 399 -33.41 -20.08 -29.59
C ASP B 399 -32.59 -20.94 -30.54
N PRO B 400 -31.86 -21.94 -30.03
CA PRO B 400 -31.07 -22.80 -30.93
C PRO B 400 -31.92 -23.60 -31.90
N ALA B 401 -33.20 -23.79 -31.60
CA ALA B 401 -34.06 -24.62 -32.42
C ALA B 401 -34.85 -23.85 -33.47
N THR B 402 -34.86 -22.51 -33.40
CA THR B 402 -35.52 -21.69 -34.41
C THR B 402 -34.64 -20.63 -35.02
N GLY B 403 -33.52 -20.25 -34.38
CA GLY B 403 -32.72 -19.16 -34.89
C GLY B 403 -33.34 -17.81 -34.75
N GLU B 404 -34.37 -17.67 -33.93
CA GLU B 404 -35.05 -16.41 -33.66
C GLU B 404 -34.98 -16.08 -32.18
N GLN B 405 -35.59 -14.96 -31.80
CA GLN B 405 -35.53 -14.49 -30.42
C GLN B 405 -36.18 -15.50 -29.47
N LYS B 406 -35.45 -15.89 -28.43
CA LYS B 406 -35.99 -16.71 -27.37
C LYS B 406 -36.88 -15.85 -26.47
N HIS B 407 -38.17 -16.19 -26.40
CA HIS B 407 -39.13 -15.38 -25.67
C HIS B 407 -38.78 -15.32 -24.18
N ALA B 408 -38.53 -14.11 -23.68
CA ALA B 408 -38.23 -13.90 -22.28
C ALA B 408 -39.50 -13.64 -21.49
N ASP B 409 -39.59 -14.23 -20.29
CA ASP B 409 -40.73 -14.02 -19.41
C ASP B 409 -40.58 -12.78 -18.53
N MET B 410 -39.47 -12.04 -18.67
CA MET B 410 -39.26 -10.79 -17.95
C MET B 410 -38.28 -9.94 -18.73
N GLU B 411 -38.06 -8.72 -18.25
CA GLU B 411 -37.24 -7.76 -18.99
C GLU B 411 -36.72 -6.74 -17.96
N PHE B 412 -35.73 -7.17 -17.19
CA PHE B 412 -35.19 -6.39 -16.09
C PHE B 412 -34.03 -5.52 -16.55
N MET B 413 -33.95 -4.32 -15.97
CA MET B 413 -32.70 -3.58 -15.88
C MET B 413 -32.19 -3.73 -14.45
N ARG B 414 -30.93 -4.12 -14.31
CA ARG B 414 -30.36 -4.38 -12.99
C ARG B 414 -29.43 -3.23 -12.61
N LEU B 415 -29.76 -2.56 -11.52
CA LEU B 415 -28.91 -1.52 -10.96
C LEU B 415 -28.13 -2.19 -9.84
N THR B 416 -26.95 -2.71 -10.18
CA THR B 416 -26.14 -3.49 -9.26
C THR B 416 -25.21 -2.58 -8.47
N ILE B 417 -25.21 -2.73 -7.15
CA ILE B 417 -24.59 -1.79 -6.22
C ILE B 417 -23.36 -2.44 -5.61
N ALA B 418 -22.19 -1.86 -5.87
CA ALA B 418 -20.96 -2.35 -5.26
C ALA B 418 -20.97 -2.02 -3.77
N ARG B 419 -20.23 -2.81 -3.01
CA ARG B 419 -20.26 -2.71 -1.54
C ARG B 419 -19.30 -1.63 -1.04
N ARG B 420 -19.86 -0.64 -0.36
CA ARG B 420 -19.12 0.42 0.33
C ARG B 420 -18.43 1.38 -0.63
N VAL B 421 -18.93 1.49 -1.86
CA VAL B 421 -18.31 2.31 -2.90
C VAL B 421 -19.05 3.62 -3.09
N TYR B 422 -20.39 3.58 -3.12
CA TYR B 422 -21.23 4.70 -3.49
C TYR B 422 -22.05 5.16 -2.29
N THR B 423 -22.28 6.47 -2.22
CA THR B 423 -23.06 7.02 -1.12
C THR B 423 -24.53 7.11 -1.50
N ASN B 424 -25.36 7.46 -0.53
CA ASN B 424 -26.77 7.63 -0.82
C ASN B 424 -27.01 8.82 -1.74
N ASP B 425 -26.09 9.80 -1.75
CA ASP B 425 -26.20 10.85 -2.75
C ASP B 425 -25.92 10.32 -4.14
N HIS B 426 -25.06 9.30 -4.26
CA HIS B 426 -24.91 8.62 -5.55
C HIS B 426 -26.20 7.91 -5.93
N MET B 427 -26.91 7.38 -4.93
CA MET B 427 -28.18 6.71 -5.22
C MET B 427 -29.21 7.70 -5.73
N ASP B 428 -29.25 8.89 -5.13
CA ASP B 428 -30.17 9.92 -5.61
C ASP B 428 -29.88 10.27 -7.06
N TYR B 429 -28.60 10.42 -7.42
CA TYR B 429 -28.26 10.69 -8.81
C TYR B 429 -28.83 9.62 -9.73
N ILE B 430 -28.71 8.36 -9.32
CA ILE B 430 -29.20 7.25 -10.14
C ILE B 430 -30.71 7.30 -10.28
N ALA B 431 -31.42 7.40 -9.15
CA ALA B 431 -32.88 7.44 -9.18
C ALA B 431 -33.38 8.63 -10.00
N ASP B 432 -32.86 9.82 -9.71
CA ASP B 432 -33.29 11.01 -10.43
C ASP B 432 -33.07 10.88 -11.93
N ALA B 433 -31.95 10.26 -12.32
CA ALA B 433 -31.66 10.07 -13.73
C ALA B 433 -32.75 9.23 -14.40
N LEU B 434 -33.15 8.13 -13.77
CA LEU B 434 -34.17 7.28 -14.37
C LEU B 434 -35.54 7.93 -14.30
N ILE B 435 -35.84 8.61 -13.18
CA ILE B 435 -37.12 9.31 -13.05
C ILE B 435 -37.25 10.36 -14.15
N GLY B 436 -36.20 11.14 -14.38
CA GLY B 436 -36.20 12.21 -15.36
C GLY B 436 -36.42 11.76 -16.79
N LEU B 437 -36.48 10.45 -17.02
CA LEU B 437 -36.76 9.89 -18.33
C LEU B 437 -38.19 9.40 -18.46
N LYS B 438 -39.05 9.67 -17.46
CA LYS B 438 -40.39 9.07 -17.47
C LYS B 438 -41.18 9.50 -18.69
N GLU B 439 -41.30 10.81 -18.91
CA GLU B 439 -42.00 11.31 -20.10
C GLU B 439 -41.29 10.90 -21.38
N LYS B 440 -39.98 10.63 -21.32
CA LYS B 440 -39.22 10.25 -22.50
C LYS B 440 -39.32 8.76 -22.82
N PHE B 441 -39.82 7.94 -21.90
CA PHE B 441 -39.91 6.51 -22.15
C PHE B 441 -40.76 6.19 -23.36
N ALA B 442 -41.87 6.93 -23.53
CA ALA B 442 -42.80 6.63 -24.61
C ALA B 442 -42.15 6.80 -25.98
N THR B 443 -41.28 7.79 -26.12
CA THR B 443 -40.62 8.07 -27.40
C THR B 443 -39.32 7.30 -27.56
N LEU B 444 -39.01 6.35 -26.68
CA LEU B 444 -37.85 5.51 -26.86
C LEU B 444 -38.10 4.47 -27.95
N LYS B 445 -37.06 4.20 -28.74
CA LYS B 445 -37.14 3.28 -29.85
C LYS B 445 -36.36 2.00 -29.54
N GLY B 446 -36.82 0.89 -30.11
CA GLY B 446 -36.15 -0.39 -29.95
C GLY B 446 -34.76 -0.39 -30.55
N LEU B 447 -34.02 -1.48 -30.34
CA LEU B 447 -32.66 -1.60 -30.83
C LEU B 447 -32.56 -2.73 -31.85
N GLU B 448 -31.59 -2.61 -32.75
CA GLU B 448 -31.43 -3.54 -33.85
C GLU B 448 -29.96 -3.93 -33.96
N PHE B 449 -29.72 -5.17 -34.38
CA PHE B 449 -28.36 -5.67 -34.47
C PHE B 449 -27.60 -5.02 -35.62
N GLU B 450 -26.33 -4.72 -35.37
CA GLU B 450 -25.34 -4.43 -36.41
C GLU B 450 -24.29 -5.51 -36.53
N TYR B 451 -23.88 -6.10 -35.41
CA TYR B 451 -23.05 -7.29 -35.37
C TYR B 451 -23.59 -8.19 -34.26
N GLU B 452 -23.77 -9.48 -34.57
CA GLU B 452 -24.32 -10.42 -33.61
C GLU B 452 -23.49 -11.69 -33.59
N PRO B 453 -22.89 -12.05 -32.45
CA PRO B 453 -22.15 -13.31 -32.36
C PRO B 453 -23.08 -14.46 -32.00
N PRO B 454 -22.67 -15.70 -32.28
CA PRO B 454 -23.61 -16.82 -32.10
C PRO B 454 -23.93 -17.14 -30.65
N VAL B 455 -22.96 -17.04 -29.74
CA VAL B 455 -23.14 -17.45 -28.35
C VAL B 455 -22.80 -16.27 -27.46
N LEU B 456 -23.53 -16.15 -26.34
CA LEU B 456 -23.26 -15.15 -25.30
C LEU B 456 -23.22 -13.74 -25.88
N ARG B 457 -24.20 -13.44 -26.73
CA ARG B 457 -24.14 -12.20 -27.50
C ARG B 457 -24.13 -10.96 -26.62
N HIS B 458 -24.66 -11.06 -25.39
CA HIS B 458 -24.81 -9.87 -24.56
C HIS B 458 -23.47 -9.27 -24.14
N PHE B 459 -22.40 -10.06 -24.10
CA PHE B 459 -21.10 -9.51 -23.72
C PHE B 459 -20.50 -8.66 -24.83
N THR B 460 -20.67 -9.05 -26.08
CA THR B 460 -19.91 -8.46 -27.17
C THR B 460 -20.69 -8.12 -28.43
N ALA B 461 -22.00 -8.29 -28.46
CA ALA B 461 -22.73 -7.94 -29.67
C ALA B 461 -22.80 -6.43 -29.85
N ARG B 462 -22.91 -6.00 -31.10
CA ARG B 462 -23.13 -4.60 -31.42
C ARG B 462 -24.57 -4.42 -31.89
N LEU B 463 -25.12 -3.23 -31.64
CA LEU B 463 -26.52 -2.94 -31.93
C LEU B 463 -26.63 -1.55 -32.55
N LYS B 464 -27.84 -1.22 -32.99
CA LYS B 464 -28.14 0.11 -33.51
C LYS B 464 -29.62 0.38 -33.34
N PRO B 465 -30.04 1.64 -33.21
CA PRO B 465 -31.47 1.93 -33.07
C PRO B 465 -32.20 1.94 -34.40
N ILE B 466 -33.49 1.61 -34.32
CA ILE B 466 -34.31 1.46 -35.52
C ILE B 466 -34.86 2.82 -35.97
N ALA C 2 37.60 -10.81 5.52
CA ALA C 2 36.27 -10.23 5.68
C ALA C 2 35.22 -11.32 5.51
N LYS C 3 34.24 -11.35 6.41
CA LYS C 3 33.25 -12.42 6.42
C LYS C 3 31.86 -11.86 6.14
N ARG C 4 31.19 -12.46 5.18
CA ARG C 4 29.81 -12.10 4.85
CA ARG C 4 29.81 -12.10 4.85
C ARG C 4 28.85 -12.82 5.78
N ILE C 5 27.83 -12.10 6.23
CA ILE C 5 26.74 -12.65 7.04
C ILE C 5 25.45 -12.47 6.25
N VAL C 6 24.66 -13.55 6.15
CA VAL C 6 23.49 -13.58 5.30
C VAL C 6 22.35 -12.77 5.93
N GLU C 7 21.51 -12.20 5.07
CA GLU C 7 20.33 -11.47 5.53
C GLU C 7 19.40 -12.41 6.29
N PRO C 8 18.92 -12.02 7.48
CA PRO C 8 17.91 -12.82 8.19
C PRO C 8 16.51 -12.44 7.72
N PHE C 9 16.38 -12.19 6.42
CA PHE C 9 15.13 -11.80 5.78
C PHE C 9 15.32 -12.01 4.29
N ARG C 10 14.24 -11.84 3.53
CA ARG C 10 14.35 -11.80 2.09
C ARG C 10 13.67 -10.53 1.59
N ILE C 11 13.89 -10.23 0.33
CA ILE C 11 13.45 -8.97 -0.24
C ILE C 11 12.00 -9.11 -0.67
N LYS C 12 11.17 -8.16 -0.28
CA LYS C 12 9.77 -8.18 -0.69
C LYS C 12 9.43 -7.08 -1.69
N MET C 13 10.17 -5.96 -1.66
CA MET C 13 9.96 -4.88 -2.61
C MET C 13 11.30 -4.21 -2.89
N VAL C 14 11.51 -3.84 -4.16
CA VAL C 14 12.78 -3.28 -4.59
C VAL C 14 12.58 -1.84 -5.05
N GLU C 15 13.64 -1.06 -4.94
CA GLU C 15 13.71 0.28 -5.48
C GLU C 15 14.87 0.28 -6.48
N LYS C 16 14.61 0.67 -7.71
CA LYS C 16 15.64 0.59 -8.74
C LYS C 16 16.57 1.79 -8.66
N ILE C 17 17.88 1.52 -8.81
CA ILE C 17 18.91 2.55 -8.74
C ILE C 17 19.90 2.31 -9.87
N ARG C 18 20.61 3.37 -10.25
CA ARG C 18 21.44 3.36 -11.46
C ARG C 18 22.76 4.05 -11.19
N VAL C 19 23.75 3.69 -11.98
CA VAL C 19 25.03 4.42 -12.01
C VAL C 19 24.95 5.44 -13.14
N PRO C 20 25.00 6.73 -12.86
CA PRO C 20 25.09 7.71 -13.94
C PRO C 20 26.40 7.53 -14.70
N SER C 21 26.34 7.75 -16.01
CA SER C 21 27.55 7.61 -16.83
C SER C 21 28.62 8.57 -16.34
N ARG C 22 29.88 8.23 -16.64
CA ARG C 22 30.99 9.09 -16.24
C ARG C 22 30.73 10.52 -16.70
N GLU C 23 30.40 10.70 -17.99
CA GLU C 23 30.00 12.00 -18.51
C GLU C 23 28.91 12.62 -17.64
N GLU C 24 27.90 11.81 -17.26
CA GLU C 24 26.82 12.33 -16.42
C GLU C 24 27.32 12.64 -15.01
N ARG C 25 28.15 11.76 -14.43
CA ARG C 25 28.69 12.03 -13.10
C ARG C 25 29.59 13.25 -13.12
N GLU C 26 30.48 13.33 -14.12
CA GLU C 26 31.30 14.53 -14.30
C GLU C 26 30.43 15.78 -14.41
N ALA C 27 29.39 15.73 -15.25
CA ALA C 27 28.54 16.89 -15.45
C ALA C 27 27.74 17.22 -14.19
N ALA C 28 27.27 16.19 -13.48
CA ALA C 28 26.45 16.42 -12.28
C ALA C 28 27.28 17.04 -11.16
N LEU C 29 28.46 16.48 -10.90
CA LEU C 29 29.29 17.02 -9.83
C LEU C 29 29.67 18.48 -10.11
N LYS C 30 29.94 18.80 -11.38
CA LYS C 30 30.24 20.19 -11.74
C LYS C 30 29.02 21.07 -11.56
N GLU C 31 27.83 20.57 -11.87
CA GLU C 31 26.60 21.30 -11.59
C GLU C 31 26.43 21.52 -10.09
N ALA C 32 26.84 20.55 -9.28
CA ALA C 32 26.72 20.63 -7.83
C ALA C 32 27.80 21.50 -7.19
N GLY C 33 28.74 22.01 -7.97
CA GLY C 33 29.84 22.76 -7.38
C GLY C 33 30.78 21.94 -6.54
N TYR C 34 30.92 20.65 -6.85
CA TYR C 34 31.86 19.77 -6.15
C TYR C 34 31.54 19.64 -4.66
N ASN C 35 30.25 19.62 -4.35
CA ASN C 35 29.78 19.38 -2.98
C ASN C 35 28.64 18.37 -3.02
N PRO C 36 28.87 17.11 -2.62
CA PRO C 36 27.84 16.07 -2.77
C PRO C 36 26.56 16.31 -1.99
N PHE C 37 26.55 17.20 -1.00
CA PHE C 37 25.32 17.53 -0.29
C PHE C 37 24.34 18.30 -1.17
N LEU C 38 24.83 18.92 -2.24
CA LEU C 38 24.03 19.63 -3.23
C LEU C 38 23.63 18.74 -4.39
N LEU C 39 24.11 17.51 -4.42
CA LEU C 39 23.73 16.60 -5.49
C LEU C 39 22.27 16.19 -5.29
N PRO C 40 21.49 16.15 -6.38
CA PRO C 40 20.19 15.48 -6.31
C PRO C 40 20.40 13.98 -6.21
N SER C 41 19.40 13.30 -5.64
CA SER C 41 19.50 11.85 -5.54
C SER C 41 19.58 11.18 -6.91
N SER C 42 19.09 11.84 -7.96
CA SER C 42 19.21 11.29 -9.31
C SER C 42 20.67 11.17 -9.75
N ALA C 43 21.58 11.89 -9.09
CA ALA C 43 22.99 11.86 -9.43
C ALA C 43 23.78 10.82 -8.64
N VAL C 44 23.12 10.09 -7.75
CA VAL C 44 23.79 9.19 -6.81
C VAL C 44 23.36 7.75 -7.12
N TYR C 45 24.31 6.82 -6.98
CA TYR C 45 24.05 5.39 -7.16
C TYR C 45 23.81 4.73 -5.81
N ILE C 46 24.86 4.50 -5.04
CA ILE C 46 24.75 4.07 -3.66
C ILE C 46 24.94 5.29 -2.79
N ASP C 47 23.95 5.58 -1.94
CA ASP C 47 23.97 6.78 -1.11
C ASP C 47 24.39 6.38 0.29
N LEU C 48 25.57 6.84 0.70
CA LEU C 48 26.09 6.61 2.05
C LEU C 48 26.19 7.90 2.83
N LEU C 49 25.42 8.91 2.44
CA LEU C 49 25.42 10.18 3.17
C LEU C 49 25.04 9.98 4.62
N THR C 50 24.04 9.15 4.89
CA THR C 50 23.50 9.01 6.24
C THR C 50 22.88 7.64 6.41
N ASP C 51 22.70 7.24 7.66
CA ASP C 51 21.88 6.09 8.02
C ASP C 51 20.54 6.52 8.60
N SER C 52 20.15 7.76 8.36
CA SER C 52 19.00 8.39 9.01
C SER C 52 17.86 8.49 8.01
N GLY C 53 16.79 7.75 8.25
CA GLY C 53 15.58 7.89 7.47
C GLY C 53 15.55 7.15 6.15
N THR C 54 16.65 6.51 5.77
CA THR C 54 16.75 5.78 4.52
C THR C 54 16.59 4.28 4.69
N ASN C 55 16.11 3.83 5.85
CA ASN C 55 16.03 2.42 6.14
C ASN C 55 14.91 1.75 5.35
N ALA C 56 15.08 0.46 5.11
CA ALA C 56 14.03 -0.36 4.51
C ALA C 56 13.14 -0.93 5.62
N MET C 57 11.84 -0.69 5.51
CA MET C 57 10.87 -1.18 6.49
C MET C 57 10.38 -2.58 6.12
N SER C 58 9.78 -3.23 7.10
CA SER C 58 9.24 -4.56 6.89
C SER C 58 7.81 -4.49 6.36
N ASP C 59 7.28 -5.64 5.95
CA ASP C 59 5.88 -5.70 5.55
C ASP C 59 4.97 -5.38 6.74
N HIS C 60 5.36 -5.83 7.94
CA HIS C 60 4.58 -5.52 9.13
C HIS C 60 4.56 -4.03 9.40
N GLN C 61 5.68 -3.36 9.16
CA GLN C 61 5.70 -1.91 9.37
C GLN C 61 4.75 -1.20 8.41
N TRP C 62 4.77 -1.59 7.14
CA TRP C 62 3.86 -1.00 6.17
C TRP C 62 2.41 -1.34 6.48
N ALA C 63 2.14 -2.57 6.91
CA ALA C 63 0.79 -2.93 7.33
C ALA C 63 0.36 -2.11 8.54
N ALA C 64 1.25 -1.92 9.51
CA ALA C 64 0.93 -1.09 10.66
C ALA C 64 0.56 0.33 10.23
N MET C 65 1.26 0.86 9.22
CA MET C 65 0.94 2.18 8.72
C MET C 65 -0.45 2.23 8.10
N ILE C 66 -0.82 1.17 7.38
CA ILE C 66 -2.09 1.19 6.64
C ILE C 66 -3.28 1.28 7.58
N THR C 67 -3.19 0.67 8.76
CA THR C 67 -4.25 0.76 9.74
C THR C 67 -3.96 1.83 10.80
N GLY C 68 -3.06 2.76 10.51
CA GLY C 68 -2.72 3.78 11.48
C GLY C 68 -3.89 4.70 11.77
N ASP C 69 -3.99 5.12 13.02
CA ASP C 69 -5.09 5.96 13.50
C ASP C 69 -4.63 7.41 13.40
N GLU C 70 -5.21 8.16 12.46
CA GLU C 70 -4.79 9.54 12.17
C GLU C 70 -5.46 10.57 13.07
N ALA C 71 -6.16 10.13 14.12
CA ALA C 71 -6.91 11.03 15.00
C ALA C 71 -6.01 12.12 15.59
N TYR C 72 -6.56 13.33 15.68
CA TYR C 72 -5.79 14.46 16.19
C TYR C 72 -5.43 14.26 17.65
N ALA C 73 -6.39 13.77 18.43
CA ALA C 73 -6.21 13.57 19.86
C ALA C 73 -6.61 12.15 20.21
N GLY C 74 -5.72 11.45 20.92
CA GLY C 74 -6.08 10.14 21.43
C GLY C 74 -5.88 9.01 20.46
N SER C 75 -4.99 9.19 19.47
CA SER C 75 -4.72 8.14 18.50
C SER C 75 -4.40 6.83 19.20
N ARG C 76 -5.00 5.76 18.68
CA ARG C 76 -4.75 4.42 19.20
CA ARG C 76 -4.75 4.43 19.24
C ARG C 76 -3.26 4.10 19.21
N ASN C 77 -2.52 4.59 18.21
CA ASN C 77 -1.09 4.29 18.11
C ASN C 77 -0.27 5.04 19.16
N TYR C 78 -0.77 6.19 19.66
CA TYR C 78 -0.09 6.85 20.76
C TYR C 78 -0.04 5.95 21.98
N TYR C 79 -1.15 5.29 22.30
CA TYR C 79 -1.18 4.42 23.47
C TYR C 79 -0.30 3.20 23.27
N ASP C 80 -0.25 2.66 22.04
CA ASP C 80 0.65 1.55 21.75
C ASP C 80 2.10 1.98 21.91
N LEU C 81 2.43 3.20 21.48
CA LEU C 81 3.78 3.71 21.62
C LEU C 81 4.13 3.95 23.09
N LYS C 82 3.21 4.55 23.85
CA LYS C 82 3.42 4.71 25.28
C LYS C 82 3.71 3.37 25.96
N ASP C 83 2.95 2.33 25.59
CA ASP C 83 3.19 1.00 26.16
C ASP C 83 4.57 0.48 25.77
N LYS C 84 4.91 0.59 24.49
CA LYS C 84 6.19 0.08 24.02
C LYS C 84 7.35 0.71 24.78
N ALA C 85 7.30 2.02 24.99
CA ALA C 85 8.38 2.68 25.74
C ALA C 85 8.39 2.27 27.21
N LYS C 86 7.24 1.91 27.77
CA LYS C 86 7.22 1.31 29.10
C LYS C 86 7.84 -0.08 29.09
N GLU C 87 7.59 -0.84 28.02
CA GLU C 87 8.16 -2.19 27.92
C GLU C 87 9.67 -2.14 27.74
N LEU C 88 10.15 -1.33 26.81
CA LEU C 88 11.57 -1.37 26.45
C LEU C 88 12.45 -0.71 27.49
N PHE C 89 12.08 0.49 27.93
CA PHE C 89 12.92 1.29 28.79
C PHE C 89 12.44 1.34 30.23
N ASN C 90 11.21 0.90 30.50
CA ASN C 90 10.57 1.06 31.81
C ASN C 90 10.29 2.53 32.12
N TYR C 91 10.05 3.34 31.10
CA TYR C 91 9.77 4.76 31.27
C TYR C 91 8.26 4.99 31.20
N ASP C 92 7.75 5.90 32.03
CA ASP C 92 6.31 6.04 32.22
C ASP C 92 5.66 7.10 31.36
N TYR C 93 6.41 8.03 30.79
CA TYR C 93 5.84 9.12 30.02
C TYR C 93 6.50 9.17 28.66
N ILE C 94 5.71 9.48 27.64
CA ILE C 94 6.23 9.70 26.30
C ILE C 94 5.62 10.95 25.70
N ILE C 95 6.41 11.63 24.86
CA ILE C 95 5.95 12.66 23.95
C ILE C 95 6.52 12.33 22.59
N PRO C 96 5.71 11.99 21.60
CA PRO C 96 6.26 11.78 20.26
C PRO C 96 6.80 13.09 19.72
N ALA C 97 7.69 12.97 18.75
CA ALA C 97 8.29 14.12 18.07
C ALA C 97 8.51 13.74 16.62
N HIS C 98 8.62 14.76 15.76
CA HIS C 98 8.67 14.43 14.34
C HIS C 98 10.01 13.80 13.96
N GLN C 99 11.09 14.14 14.66
CA GLN C 99 12.35 13.40 14.57
C GLN C 99 13.24 13.83 15.73
N GLY C 100 14.50 13.39 15.67
CA GLY C 100 15.37 13.49 16.84
C GLY C 100 15.63 14.91 17.30
N ARG C 101 15.90 15.81 16.36
CA ARG C 101 16.20 17.18 16.76
C ARG C 101 14.95 17.93 17.18
N GLY C 102 13.77 17.41 16.86
CA GLY C 102 12.56 17.93 17.47
C GLY C 102 12.41 17.44 18.90
N ALA C 103 12.82 16.21 19.16
CA ALA C 103 12.87 15.72 20.53
C ALA C 103 13.82 16.55 21.40
N GLU C 104 14.96 16.96 20.83
CA GLU C 104 15.89 17.82 21.56
C GLU C 104 15.30 19.20 21.77
N ASN C 105 14.55 19.71 20.79
CA ASN C 105 13.98 21.05 20.92
C ASN C 105 12.86 21.07 21.95
N ILE C 106 12.18 19.94 22.16
CA ILE C 106 11.20 19.84 23.24
C ILE C 106 11.89 19.80 24.59
N LEU C 107 12.83 18.88 24.76
CA LEU C 107 13.34 18.57 26.09
C LEU C 107 14.37 19.59 26.57
N PHE C 108 15.31 19.99 25.71
CA PHE C 108 16.48 20.70 26.23
C PHE C 108 16.12 22.07 26.79
N PRO C 109 15.31 22.92 26.13
CA PRO C 109 14.94 24.18 26.77
C PRO C 109 14.23 24.00 28.10
N VAL C 110 13.47 22.92 28.23
CA VAL C 110 12.77 22.64 29.49
C VAL C 110 13.77 22.32 30.59
N LEU C 111 14.74 21.45 30.28
CA LEU C 111 15.75 21.11 31.27
C LEU C 111 16.50 22.35 31.76
N LEU C 112 16.72 23.33 30.88
CA LEU C 112 17.40 24.55 31.30
C LEU C 112 16.52 25.37 32.23
N LYS C 113 15.27 25.61 31.81
CA LYS C 113 14.32 26.34 32.66
C LYS C 113 14.19 25.68 34.02
N TYR C 114 14.09 24.35 34.04
CA TYR C 114 13.98 23.62 35.30
C TYR C 114 15.23 23.81 36.16
N LYS C 115 16.41 23.82 35.54
CA LYS C 115 17.64 24.03 36.32
C LYS C 115 17.76 25.46 36.82
N GLN C 116 17.22 26.43 36.08
CA GLN C 116 17.36 27.84 36.46
C GLN C 116 16.57 28.20 37.72
N LYS C 117 15.73 27.31 38.23
CA LYS C 117 14.98 27.59 39.45
C LYS C 117 15.91 27.88 40.61
N GLU C 118 15.58 28.92 41.37
CA GLU C 118 16.41 29.42 42.48
C GLU C 118 17.76 29.93 41.98
N GLY C 119 17.73 30.58 40.81
CA GLY C 119 18.90 31.30 40.34
C GLY C 119 20.12 30.45 40.04
N LYS C 120 19.94 29.15 39.84
CA LYS C 120 21.05 28.30 39.42
C LYS C 120 21.29 28.44 37.92
N ALA C 121 22.23 27.65 37.41
CA ALA C 121 22.54 27.59 35.98
C ALA C 121 22.88 28.96 35.40
N LYS C 122 23.62 29.76 36.19
CA LYS C 122 23.97 31.10 35.73
C LYS C 122 24.99 31.08 34.61
N ASN C 123 25.83 30.04 34.55
CA ASN C 123 26.72 29.79 33.42
C ASN C 123 26.51 28.36 32.96
N PRO C 124 25.37 28.08 32.33
CA PRO C 124 24.93 26.69 32.18
C PRO C 124 25.72 25.93 31.12
N VAL C 125 25.84 24.62 31.30
CA VAL C 125 26.54 23.75 30.35
C VAL C 125 25.82 22.42 30.26
N PHE C 126 26.02 21.73 29.13
CA PHE C 126 25.68 20.33 28.97
C PHE C 126 26.96 19.53 28.79
N ILE C 127 27.01 18.35 29.39
CA ILE C 127 28.18 17.47 29.36
C ILE C 127 27.76 16.17 28.68
N SER C 128 28.57 15.70 27.73
CA SER C 128 28.26 14.50 26.99
C SER C 128 29.55 13.73 26.77
N ASN C 129 29.42 12.41 26.56
CA ASN C 129 30.54 11.68 25.99
C ASN C 129 30.89 12.27 24.63
N PHE C 130 29.87 12.58 23.81
CA PHE C 130 30.04 13.47 22.66
C PHE C 130 28.69 13.91 22.12
N HIS C 131 28.44 15.23 22.12
CA HIS C 131 27.22 15.79 21.57
C HIS C 131 27.22 15.71 20.06
N PHE C 132 26.15 15.17 19.47
N PHE C 132 26.14 15.16 19.50
CA PHE C 132 26.12 15.21 18.01
CA PHE C 132 25.91 15.18 18.07
C PHE C 132 25.62 16.58 17.54
C PHE C 132 25.76 16.62 17.58
N ASP C 133 25.76 16.81 16.23
N ASP C 133 25.78 16.79 16.26
CA ASP C 133 25.73 18.18 15.70
CA ASP C 133 25.72 18.13 15.67
C ASP C 133 24.43 18.90 16.06
C ASP C 133 24.45 18.87 16.09
N THR C 134 23.28 18.26 15.88
CA THR C 134 22.03 18.91 16.25
C THR C 134 21.88 19.01 17.76
N THR C 135 22.37 18.01 18.49
CA THR C 135 22.32 18.04 19.95
C THR C 135 23.08 19.25 20.49
N ALA C 136 24.34 19.43 20.07
CA ALA C 136 25.13 20.57 20.52
C ALA C 136 24.55 21.88 20.02
N ALA C 137 23.98 21.89 18.81
CA ALA C 137 23.38 23.11 18.29
C ALA C 137 22.25 23.60 19.20
N HIS C 138 21.41 22.69 19.66
CA HIS C 138 20.33 23.08 20.56
C HIS C 138 20.85 23.50 21.92
N VAL C 139 21.90 22.82 22.41
CA VAL C 139 22.56 23.29 23.62
C VAL C 139 23.03 24.73 23.42
N GLU C 140 23.75 24.98 22.33
CA GLU C 140 24.27 26.32 22.08
C GLU C 140 23.14 27.32 21.82
N LEU C 141 22.11 26.90 21.09
CA LEU C 141 20.97 27.77 20.83
C LEU C 141 20.35 28.27 22.13
N ASN C 142 20.36 27.46 23.18
CA ASN C 142 19.76 27.82 24.45
C ASN C 142 20.74 28.48 25.41
N GLY C 143 21.84 29.04 24.91
CA GLY C 143 22.75 29.80 25.76
C GLY C 143 23.65 28.97 26.63
N CYS C 144 23.82 27.69 26.33
CA CYS C 144 24.66 26.78 27.10
C CYS C 144 25.87 26.35 26.29
N LYS C 145 26.83 25.75 26.98
CA LYS C 145 28.03 25.20 26.38
C LYS C 145 27.90 23.69 26.26
N ALA C 146 28.32 23.16 25.11
CA ALA C 146 28.29 21.72 24.85
C ALA C 146 29.68 21.16 25.11
N ILE C 147 29.83 20.38 26.17
CA ILE C 147 31.13 19.86 26.59
C ILE C 147 31.19 18.37 26.27
N ASN C 148 32.23 17.97 25.54
CA ASN C 148 32.43 16.60 25.10
C ASN C 148 33.61 15.99 25.84
N ILE C 149 33.41 14.83 26.45
CA ILE C 149 34.46 14.20 27.24
C ILE C 149 34.57 12.72 26.92
N VAL C 150 34.55 12.38 25.62
CA VAL C 150 34.77 11.00 25.23
C VAL C 150 36.12 10.52 25.74
N THR C 151 36.23 9.22 25.98
CA THR C 151 37.49 8.61 26.36
C THR C 151 38.56 8.91 25.32
N GLU C 152 39.79 9.10 25.79
CA GLU C 152 40.94 9.30 24.90
C GLU C 152 41.17 8.10 23.98
N LYS C 153 40.65 6.92 24.33
CA LYS C 153 40.83 5.76 23.45
C LYS C 153 40.21 6.01 22.08
N ALA C 154 39.19 6.87 22.00
CA ALA C 154 38.52 7.10 20.73
C ALA C 154 39.40 7.85 19.73
N PHE C 155 40.41 8.57 20.22
CA PHE C 155 41.29 9.34 19.35
C PHE C 155 42.42 8.51 18.75
N ASP C 156 42.66 7.31 19.27
CA ASP C 156 43.67 6.40 18.72
C ASP C 156 42.97 5.51 17.70
N SER C 157 42.97 5.98 16.45
CA SER C 157 42.04 5.43 15.45
C SER C 157 42.30 3.96 15.17
N GLU C 158 43.55 3.56 15.05
CA GLU C 158 43.85 2.18 14.68
C GLU C 158 44.04 1.27 15.88
N THR C 159 44.11 1.80 17.09
CA THR C 159 44.26 0.96 18.27
C THR C 159 42.89 0.45 18.71
N TYR C 160 42.71 -0.87 18.70
CA TYR C 160 41.43 -1.43 19.09
C TYR C 160 41.11 -1.09 20.55
N ASP C 161 39.84 -0.80 20.82
CA ASP C 161 39.32 -0.76 22.18
C ASP C 161 37.86 -1.20 22.16
N ASP C 162 37.43 -1.81 23.27
CA ASP C 162 36.06 -2.32 23.34
C ASP C 162 35.02 -1.20 23.37
N TRP C 163 35.34 -0.07 24.03
CA TRP C 163 34.33 0.93 24.34
C TRP C 163 34.84 2.32 23.97
N LYS C 164 35.02 2.56 22.68
CA LYS C 164 35.53 3.86 22.28
C LYS C 164 34.51 4.98 22.41
N GLY C 165 33.30 4.68 22.89
CA GLY C 165 32.33 5.72 23.21
C GLY C 165 32.22 6.07 24.68
N ASP C 166 33.04 5.48 25.55
CA ASP C 166 32.95 5.72 26.98
C ASP C 166 33.12 7.19 27.34
N PHE C 167 32.43 7.60 28.41
CA PHE C 167 32.79 8.84 29.09
C PHE C 167 34.18 8.72 29.70
N ASP C 168 34.97 9.78 29.57
CA ASP C 168 36.18 9.93 30.37
C ASP C 168 35.74 10.33 31.77
N ILE C 169 35.75 9.37 32.70
CA ILE C 169 35.26 9.64 34.05
C ILE C 169 36.10 10.71 34.74
N LYS C 170 37.41 10.72 34.47
CA LYS C 170 38.27 11.72 35.09
C LYS C 170 37.86 13.13 34.67
N LYS C 171 37.55 13.32 33.38
CA LYS C 171 37.09 14.63 32.92
C LYS C 171 35.68 14.93 33.39
N LEU C 172 34.87 13.91 33.69
CA LEU C 172 33.50 14.17 34.14
C LEU C 172 33.52 14.85 35.50
N LYS C 173 34.25 14.26 36.47
CA LYS C 173 34.34 14.87 37.78
C LYS C 173 35.12 16.18 37.72
N GLU C 174 36.12 16.28 36.84
CA GLU C 174 36.84 17.54 36.67
C GLU C 174 35.89 18.64 36.22
N ASN C 175 35.02 18.33 35.26
CA ASN C 175 34.08 19.33 34.78
C ASN C 175 33.01 19.64 35.83
N ILE C 176 32.60 18.64 36.62
CA ILE C 176 31.70 18.93 37.72
C ILE C 176 32.40 19.82 38.74
N ALA C 177 33.71 19.68 38.90
CA ALA C 177 34.45 20.51 39.85
C ALA C 177 34.61 21.93 39.33
N GLN C 178 34.96 22.09 38.06
CA GLN C 178 35.23 23.43 37.51
C GLN C 178 33.93 24.22 37.36
N HIS C 179 32.92 23.61 36.74
CA HIS C 179 31.69 24.33 36.47
C HIS C 179 30.74 24.35 37.66
N GLY C 180 30.74 23.27 38.46
CA GLY C 180 29.76 23.16 39.52
C GLY C 180 28.50 22.45 39.05
N ALA C 181 27.95 21.58 39.89
CA ALA C 181 26.72 20.87 39.53
C ALA C 181 25.55 21.83 39.32
N ASP C 182 25.62 23.03 39.91
CA ASP C 182 24.56 24.01 39.72
C ASP C 182 24.47 24.47 38.27
N ASN C 183 25.58 24.40 37.53
CA ASN C 183 25.63 24.85 36.15
C ASN C 183 25.42 23.74 35.14
N ILE C 184 25.47 22.48 35.55
CA ILE C 184 25.33 21.36 34.63
C ILE C 184 23.84 21.10 34.49
N VAL C 185 23.26 21.55 33.38
CA VAL C 185 21.83 21.34 33.14
C VAL C 185 21.53 19.86 32.98
N ALA C 186 22.33 19.16 32.20
CA ALA C 186 22.11 17.74 31.95
C ALA C 186 23.40 17.12 31.46
N ILE C 187 23.55 15.84 31.76
CA ILE C 187 24.55 14.98 31.13
C ILE C 187 23.83 14.20 30.04
N VAL C 188 24.41 14.17 28.85
CA VAL C 188 23.81 13.50 27.70
C VAL C 188 24.67 12.29 27.36
N SER C 189 24.10 11.10 27.52
CA SER C 189 24.78 9.86 27.17
C SER C 189 24.36 9.48 25.75
N THR C 190 25.28 9.60 24.80
CA THR C 190 25.00 9.26 23.40
C THR C 190 25.36 7.81 23.15
N VAL C 191 24.37 6.99 22.80
CA VAL C 191 24.55 5.54 22.63
C VAL C 191 23.97 5.11 21.29
N THR C 192 24.80 4.51 20.43
CA THR C 192 26.26 4.53 20.51
C THR C 192 26.75 5.96 20.37
N CYS C 193 28.04 6.18 20.55
CA CYS C 193 28.58 7.54 20.44
C CYS C 193 28.85 7.85 18.97
N ASN C 194 27.93 8.61 18.37
CA ASN C 194 27.95 8.83 16.93
C ASN C 194 29.25 9.47 16.46
N SER C 195 29.64 10.59 17.09
CA SER C 195 30.80 11.36 16.66
C SER C 195 32.13 10.66 16.93
N ALA C 196 32.14 9.60 17.73
CA ALA C 196 33.35 8.83 17.95
C ALA C 196 33.50 7.69 16.96
N GLY C 197 32.65 7.64 15.95
CA GLY C 197 32.64 6.55 15.00
C GLY C 197 31.52 5.55 15.16
N GLY C 198 30.47 5.90 15.90
CA GLY C 198 29.41 4.95 16.21
C GLY C 198 29.88 3.87 17.17
N GLN C 199 30.72 4.25 18.11
CA GLN C 199 31.42 3.37 19.05
C GLN C 199 30.61 3.19 20.33
N PRO C 200 30.57 1.98 20.88
CA PRO C 200 29.66 1.69 21.99
C PRO C 200 30.13 2.28 23.31
N VAL C 201 29.14 2.45 24.20
CA VAL C 201 29.34 2.86 25.59
C VAL C 201 29.05 1.64 26.47
N SER C 202 30.01 1.28 27.32
CA SER C 202 29.84 0.09 28.15
C SER C 202 28.73 0.30 29.18
N MET C 203 28.15 -0.81 29.64
CA MET C 203 27.17 -0.71 30.72
C MET C 203 27.78 -0.09 31.97
N SER C 204 29.02 -0.47 32.29
CA SER C 204 29.68 0.05 33.49
C SER C 204 29.92 1.56 33.37
N ASN C 205 30.30 2.03 32.18
CA ASN C 205 30.46 3.46 31.97
C ASN C 205 29.15 4.20 32.17
N LEU C 206 28.03 3.64 31.69
CA LEU C 206 26.73 4.26 31.89
C LEU C 206 26.33 4.25 33.36
N LYS C 207 26.65 3.15 34.06
CA LYS C 207 26.34 3.03 35.48
C LYS C 207 27.13 4.05 36.30
N GLU C 208 28.43 4.13 36.10
CA GLU C 208 29.25 5.06 36.89
C GLU C 208 28.85 6.50 36.62
N VAL C 209 28.55 6.84 35.36
CA VAL C 209 28.14 8.20 35.02
C VAL C 209 26.84 8.56 35.73
N TYR C 210 25.86 7.67 35.68
CA TYR C 210 24.57 7.96 36.32
C TYR C 210 24.72 8.06 37.83
N GLU C 211 25.58 7.24 38.43
CA GLU C 211 25.85 7.34 39.86
C GLU C 211 26.45 8.70 40.19
N ILE C 212 27.43 9.15 39.41
CA ILE C 212 28.06 10.44 39.65
C ILE C 212 27.07 11.58 39.49
N ALA C 213 26.23 11.48 38.45
CA ALA C 213 25.24 12.53 38.21
C ALA C 213 24.16 12.55 39.28
N LYS C 214 23.79 11.39 39.82
CA LYS C 214 22.78 11.38 40.86
C LYS C 214 23.33 11.86 42.19
N GLN C 215 24.61 11.59 42.48
CA GLN C 215 25.19 12.11 43.71
C GLN C 215 25.32 13.63 43.69
N HIS C 216 25.25 14.25 42.52
CA HIS C 216 25.23 15.70 42.41
C HIS C 216 23.86 16.23 42.01
N GLY C 217 22.85 15.38 41.92
CA GLY C 217 21.53 15.83 41.50
C GLY C 217 21.47 16.33 40.07
N ILE C 218 22.18 15.68 39.16
CA ILE C 218 22.27 16.13 37.77
C ILE C 218 21.41 15.24 36.89
N PHE C 219 20.53 15.87 36.09
CA PHE C 219 19.66 15.14 35.18
C PHE C 219 20.47 14.51 34.06
N VAL C 220 20.07 13.31 33.64
CA VAL C 220 20.79 12.53 32.63
C VAL C 220 19.84 12.22 31.50
N VAL C 221 20.20 12.63 30.29
CA VAL C 221 19.45 12.35 29.07
C VAL C 221 20.21 11.29 28.29
N MET C 222 19.51 10.23 27.89
CA MET C 222 20.07 9.21 27.03
C MET C 222 19.69 9.55 25.59
N ASP C 223 20.66 10.06 24.83
CA ASP C 223 20.49 10.19 23.39
C ASP C 223 20.46 8.78 22.78
N SER C 224 19.30 8.36 22.26
CA SER C 224 19.01 6.96 22.02
C SER C 224 18.84 6.60 20.53
N ALA C 225 19.41 7.40 19.62
CA ALA C 225 19.20 7.12 18.20
C ALA C 225 19.68 5.71 17.83
N ARG C 226 20.83 5.29 18.34
CA ARG C 226 21.34 3.98 17.97
C ARG C 226 21.52 3.10 19.21
N PHE C 227 20.50 3.09 20.08
CA PHE C 227 20.63 2.39 21.35
C PHE C 227 20.68 0.87 21.16
N CYS C 228 20.06 0.36 20.10
CA CYS C 228 20.05 -1.09 19.87
C CYS C 228 21.41 -1.58 19.41
N GLU C 229 22.10 -0.80 18.57
CA GLU C 229 23.46 -1.15 18.21
C GLU C 229 24.37 -1.09 19.43
N ASN C 230 24.08 -0.16 20.36
CA ASN C 230 24.84 -0.12 21.61
C ASN C 230 24.53 -1.34 22.46
N ALA C 231 23.28 -1.76 22.51
CA ALA C 231 22.92 -2.96 23.26
C ALA C 231 23.55 -4.21 22.66
N TYR C 232 23.64 -4.28 21.34
CA TYR C 232 24.31 -5.43 20.74
C TYR C 232 25.78 -5.47 21.12
N PHE C 233 26.46 -4.32 21.02
CA PHE C 233 27.86 -4.25 21.39
C PHE C 233 28.08 -4.56 22.86
N ILE C 234 27.12 -4.20 23.73
CA ILE C 234 27.26 -4.57 25.13
C ILE C 234 27.20 -6.08 25.29
N LYS C 235 26.26 -6.73 24.59
CA LYS C 235 26.16 -8.19 24.68
C LYS C 235 27.38 -8.89 24.06
N ALA C 236 27.93 -8.32 22.99
CA ALA C 236 29.09 -8.95 22.36
C ALA C 236 30.33 -8.86 23.26
N ARG C 237 30.55 -7.72 23.90
CA ARG C 237 31.83 -7.43 24.51
C ARG C 237 31.82 -7.40 26.03
N ASP C 238 30.65 -7.47 26.67
CA ASP C 238 30.62 -7.49 28.13
C ASP C 238 30.26 -8.88 28.62
N PRO C 239 31.18 -9.59 29.28
CA PRO C 239 30.87 -10.95 29.76
C PRO C 239 29.66 -11.01 30.67
N LYS C 240 29.37 -9.93 31.40
CA LYS C 240 28.22 -9.90 32.28
C LYS C 240 26.91 -10.11 31.53
N TYR C 241 26.86 -9.69 30.27
CA TYR C 241 25.65 -9.78 29.46
C TYR C 241 25.78 -10.82 28.34
N LYS C 242 26.68 -11.79 28.51
CA LYS C 242 26.93 -12.77 27.45
C LYS C 242 25.67 -13.56 27.10
N ASN C 243 24.86 -13.90 28.10
CA ASN C 243 23.67 -14.72 27.89
C ASN C 243 22.38 -13.94 28.11
N ALA C 244 22.44 -12.61 28.06
CA ALA C 244 21.27 -11.78 28.17
C ALA C 244 20.66 -11.54 26.79
N THR C 245 19.34 -11.37 26.76
CA THR C 245 18.69 -10.96 25.52
C THR C 245 18.99 -9.49 25.25
N ILE C 246 18.81 -9.08 23.98
CA ILE C 246 19.04 -7.68 23.63
C ILE C 246 18.11 -6.77 24.43
N LYS C 247 16.84 -7.18 24.61
CA LYS C 247 15.92 -6.38 25.39
C LYS C 247 16.33 -6.30 26.86
N GLU C 248 16.91 -7.37 27.40
CA GLU C 248 17.43 -7.32 28.77
C GLU C 248 18.60 -6.36 28.89
N VAL C 249 19.39 -6.24 27.82
CA VAL C 249 20.50 -5.29 27.84
C VAL C 249 19.97 -3.86 27.79
N ILE C 250 18.96 -3.64 26.93
CA ILE C 250 18.33 -2.32 26.85
C ILE C 250 17.73 -1.93 28.19
N PHE C 251 16.97 -2.86 28.79
CA PHE C 251 16.29 -2.57 30.06
C PHE C 251 17.27 -2.13 31.12
N ASP C 252 18.47 -2.72 31.15
CA ASP C 252 19.47 -2.30 32.10
C ASP C 252 20.04 -0.93 31.74
N MET C 253 20.24 -0.69 30.44
CA MET C 253 20.83 0.58 30.00
C MET C 253 20.05 1.76 30.54
N TYR C 254 18.72 1.68 30.51
CA TYR C 254 17.88 2.82 30.84
C TYR C 254 17.58 2.94 32.33
N LYS C 255 18.17 2.06 33.16
CA LYS C 255 18.30 2.33 34.58
C LYS C 255 19.29 3.45 34.86
N TYR C 256 20.05 3.89 33.87
CA TYR C 256 21.13 4.84 34.06
C TYR C 256 20.90 6.12 33.27
N ALA C 257 19.63 6.51 33.15
CA ALA C 257 19.27 7.81 32.63
C ALA C 257 17.91 8.17 33.22
N ASP C 258 17.57 9.46 33.13
CA ASP C 258 16.32 9.97 33.65
C ASP C 258 15.29 10.22 32.55
N ALA C 259 15.75 10.28 31.31
CA ALA C 259 14.90 10.58 30.17
C ALA C 259 15.67 10.17 28.93
N LEU C 260 14.97 10.12 27.80
CA LEU C 260 15.65 9.85 26.54
C LEU C 260 15.12 10.78 25.46
N THR C 261 16.01 11.14 24.54
CA THR C 261 15.68 11.71 23.27
C THR C 261 16.10 10.70 22.22
N MET C 262 15.20 10.37 21.31
CA MET C 262 15.46 9.33 20.34
C MET C 262 15.10 9.83 18.95
N SER C 263 16.06 9.74 18.03
CA SER C 263 15.71 9.78 16.62
C SER C 263 15.29 8.39 16.22
N ALA C 264 13.99 8.22 15.95
CA ALA C 264 13.50 6.91 15.53
C ALA C 264 13.89 6.57 14.10
N LYS C 265 14.52 7.50 13.38
CA LYS C 265 14.97 7.31 12.01
C LYS C 265 16.23 6.49 11.91
N LYS C 266 16.81 6.09 13.04
CA LYS C 266 17.97 5.22 13.01
C LYS C 266 17.55 3.80 13.38
N ASP C 267 17.89 3.36 14.59
CA ASP C 267 17.68 1.96 14.95
C ASP C 267 16.23 1.48 14.84
N PRO C 268 15.20 2.28 15.18
CA PRO C 268 13.82 1.77 15.04
C PRO C 268 13.37 1.59 13.59
N LEU C 269 14.29 1.78 12.64
CA LEU C 269 14.11 1.34 11.26
C LEU C 269 13.01 2.11 10.55
N LEU C 270 13.02 3.43 10.67
CA LEU C 270 11.98 4.28 10.13
C LEU C 270 12.54 5.28 9.12
N ASN C 271 11.62 5.89 8.37
CA ASN C 271 11.91 6.96 7.44
C ASN C 271 11.69 8.34 8.05
N ILE C 272 10.94 8.41 9.15
CA ILE C 272 10.69 9.66 9.87
C ILE C 272 10.28 9.27 11.28
N GLY C 273 10.47 10.17 12.23
CA GLY C 273 9.97 9.93 13.56
C GLY C 273 10.98 10.18 14.65
N GLY C 274 10.48 10.51 15.83
CA GLY C 274 11.31 10.80 17.00
C GLY C 274 10.47 10.60 18.23
N LEU C 275 11.12 10.73 19.39
CA LEU C 275 10.48 10.36 20.64
C LEU C 275 11.21 10.99 21.81
N VAL C 276 10.43 11.53 22.73
CA VAL C 276 10.88 11.90 24.07
C VAL C 276 10.25 10.91 25.03
N ALA C 277 11.03 10.38 25.95
CA ALA C 277 10.49 9.52 26.99
C ALA C 277 11.12 9.93 28.31
N ILE C 278 10.30 10.03 29.34
CA ILE C 278 10.74 10.47 30.67
CA ILE C 278 10.75 10.47 30.66
C ILE C 278 10.44 9.36 31.65
N ARG C 279 11.44 8.99 32.45
CA ARG C 279 11.33 7.85 33.36
C ARG C 279 10.19 8.04 34.36
N ASP C 280 10.28 9.08 35.21
CA ASP C 280 9.24 9.29 36.20
C ASP C 280 9.04 10.74 36.63
N ASN C 281 9.86 11.69 36.16
CA ASN C 281 9.69 13.09 36.55
C ASN C 281 8.48 13.65 35.83
N GLU C 282 7.37 13.79 36.55
CA GLU C 282 6.12 14.23 35.92
C GLU C 282 6.11 15.73 35.69
N GLU C 283 6.87 16.49 36.47
CA GLU C 283 6.96 17.93 36.26
C GLU C 283 7.70 18.23 34.97
N ILE C 284 8.83 17.57 34.75
CA ILE C 284 9.55 17.76 33.49
C ILE C 284 8.72 17.27 32.32
N PHE C 285 7.94 16.21 32.51
CA PHE C 285 7.04 15.74 31.46
C PHE C 285 5.98 16.78 31.14
N THR C 286 5.35 17.35 32.17
CA THR C 286 4.32 18.36 31.97
C THR C 286 4.87 19.57 31.25
N LEU C 287 6.07 20.02 31.66
CA LEU C 287 6.71 21.16 31.02
C LEU C 287 7.08 20.87 29.59
N ALA C 288 7.53 19.65 29.30
CA ALA C 288 7.88 19.31 27.93
C ALA C 288 6.64 19.24 27.03
N ARG C 289 5.51 18.77 27.57
CA ARG C 289 4.27 18.80 26.79
C ARG C 289 3.89 20.22 26.41
N GLN C 290 4.08 21.18 27.31
CA GLN C 290 3.71 22.57 27.01
C GLN C 290 4.60 23.15 25.92
N ARG C 291 5.86 22.72 25.85
CA ARG C 291 6.69 23.14 24.72
C ARG C 291 6.36 22.36 23.45
N CYS C 292 5.92 21.10 23.59
CA CYS C 292 5.60 20.29 22.42
C CYS C 292 4.51 20.95 21.57
N VAL C 293 3.51 21.54 22.21
CA VAL C 293 2.33 22.01 21.47
C VAL C 293 2.68 23.08 20.44
N PRO C 294 3.37 24.17 20.77
CA PRO C 294 3.67 25.18 19.73
C PRO C 294 4.71 24.73 18.73
N MET C 295 5.65 23.86 19.14
CA MET C 295 6.82 23.51 18.32
C MET C 295 6.58 22.31 17.40
N GLU C 296 5.93 21.26 17.89
CA GLU C 296 5.78 20.02 17.15
C GLU C 296 4.33 19.71 16.79
N GLY C 297 3.42 19.80 17.75
CA GLY C 297 2.03 19.46 17.51
C GLY C 297 1.40 19.05 18.83
N PHE C 298 0.20 18.50 18.74
CA PHE C 298 -0.48 18.07 19.96
C PHE C 298 0.25 16.87 20.56
N VAL C 299 0.10 16.73 21.87
CA VAL C 299 0.96 15.84 22.65
C VAL C 299 0.74 14.37 22.36
N THR C 300 -0.30 14.01 21.60
CA THR C 300 -0.54 12.61 21.25
C THR C 300 -0.17 12.28 19.80
N TYR C 301 0.43 13.23 19.07
CA TYR C 301 1.09 12.86 17.81
C TYR C 301 2.41 13.58 17.58
N GLY C 302 2.61 14.78 18.11
CA GLY C 302 3.93 15.41 18.13
C GLY C 302 4.57 15.66 16.78
N GLY C 303 3.77 16.00 15.76
CA GLY C 303 4.30 16.26 14.44
C GLY C 303 4.47 15.05 13.56
N LEU C 304 3.90 13.91 13.96
CA LEU C 304 3.94 12.68 13.18
C LEU C 304 2.53 12.31 12.73
N ALA C 305 2.45 11.73 11.53
CA ALA C 305 1.22 11.07 11.17
C ALA C 305 0.99 9.87 12.09
N GLY C 306 -0.29 9.52 12.30
CA GLY C 306 -0.59 8.33 13.07
C GLY C 306 0.07 7.09 12.50
N ARG C 307 0.16 7.01 11.17
CA ARG C 307 0.76 5.83 10.56
C ARG C 307 2.23 5.68 10.94
N ASP C 308 2.89 6.79 11.25
CA ASP C 308 4.31 6.71 11.61
C ASP C 308 4.51 6.33 13.08
N MET C 309 3.60 6.73 13.97
CA MET C 309 3.64 6.18 15.32
C MET C 309 3.39 4.68 15.28
N ALA C 310 2.50 4.22 14.39
CA ALA C 310 2.27 2.79 14.24
C ALA C 310 3.51 2.09 13.69
N ALA C 311 4.17 2.70 12.71
CA ALA C 311 5.41 2.13 12.19
C ALA C 311 6.50 2.13 13.25
N MET C 312 6.48 3.13 14.15
CA MET C 312 7.51 3.21 15.19
C MET C 312 7.31 2.12 16.23
N VAL C 313 6.06 1.82 16.58
CA VAL C 313 5.78 0.74 17.53
C VAL C 313 6.33 -0.58 17.00
N GLN C 314 6.16 -0.84 15.69
CA GLN C 314 6.65 -2.06 15.11
C GLN C 314 8.16 -2.03 14.91
N GLY C 315 8.70 -0.87 14.49
CA GLY C 315 10.13 -0.76 14.28
C GLY C 315 10.92 -0.86 15.56
N LEU C 316 10.37 -0.35 16.66
CA LEU C 316 11.05 -0.48 17.95
C LEU C 316 11.28 -1.93 18.29
N GLU C 317 10.32 -2.78 17.98
CA GLU C 317 10.48 -4.21 18.20
C GLU C 317 11.52 -4.79 17.26
N GLU C 318 11.36 -4.53 15.95
CA GLU C 318 12.25 -5.12 14.96
C GLU C 318 13.70 -4.71 15.16
N GLY C 319 13.94 -3.50 15.65
CA GLY C 319 15.29 -3.01 15.85
C GLY C 319 16.02 -3.67 16.99
N THR C 320 15.32 -4.37 17.87
CA THR C 320 15.95 -5.06 18.99
C THR C 320 16.33 -6.49 18.65
N GLU C 321 15.91 -7.03 17.51
CA GLU C 321 16.10 -8.44 17.22
C GLU C 321 17.58 -8.75 16.98
N GLU C 322 18.12 -9.69 17.76
CA GLU C 322 19.55 -9.92 17.78
C GLU C 322 20.06 -10.42 16.43
N GLU C 323 19.26 -11.22 15.74
CA GLU C 323 19.72 -11.77 14.48
C GLU C 323 19.81 -10.69 13.41
N TYR C 324 18.89 -9.73 13.43
CA TYR C 324 19.02 -8.58 12.54
C TYR C 324 20.22 -7.71 12.92
N LEU C 325 20.42 -7.44 14.22
CA LEU C 325 21.54 -6.59 14.62
C LEU C 325 22.87 -7.23 14.28
N HIS C 326 22.97 -8.56 14.42
CA HIS C 326 24.19 -9.28 14.08
C HIS C 326 24.53 -9.11 12.61
N TYR C 327 23.53 -9.25 11.74
CA TYR C 327 23.74 -9.06 10.30
CA TYR C 327 23.74 -9.06 10.30
C TYR C 327 24.07 -7.59 9.99
N ARG C 328 23.30 -6.66 10.56
CA ARG C 328 23.49 -5.25 10.24
C ARG C 328 24.88 -4.78 10.65
N ILE C 329 25.30 -5.11 11.87
CA ILE C 329 26.58 -4.63 12.35
C ILE C 329 27.70 -5.40 11.69
N GLY C 330 27.47 -6.68 11.38
CA GLY C 330 28.46 -7.45 10.65
C GLY C 330 28.65 -6.98 9.22
N GLN C 331 27.60 -6.44 8.60
CA GLN C 331 27.77 -5.85 7.28
C GLN C 331 28.66 -4.61 7.35
N VAL C 332 28.46 -3.76 8.36
CA VAL C 332 29.38 -2.65 8.56
C VAL C 332 30.79 -3.16 8.81
N LYS C 333 30.92 -4.23 9.61
CA LYS C 333 32.23 -4.80 9.86
C LYS C 333 32.83 -5.35 8.56
N TYR C 334 32.00 -5.97 7.72
CA TYR C 334 32.49 -6.53 6.46
C TYR C 334 33.10 -5.46 5.57
N LEU C 335 32.41 -4.32 5.41
CA LEU C 335 32.98 -3.23 4.64
C LEU C 335 34.29 -2.73 5.26
N GLY C 336 34.32 -2.63 6.59
CA GLY C 336 35.54 -2.19 7.25
C GLY C 336 36.68 -3.17 7.09
N ASP C 337 36.37 -4.48 7.09
CA ASP C 337 37.41 -5.48 6.90
C ASP C 337 37.93 -5.47 5.46
N ARG C 338 37.03 -5.32 4.48
CA ARG C 338 37.47 -5.21 3.09
C ARG C 338 38.46 -4.07 2.91
N LEU C 339 38.25 -2.96 3.62
CA LEU C 339 39.13 -1.81 3.48
C LEU C 339 40.45 -2.03 4.20
N ARG C 340 40.40 -2.48 5.45
CA ARG C 340 41.63 -2.76 6.19
C ARG C 340 42.51 -3.73 5.42
N GLU C 341 41.93 -4.81 4.90
CA GLU C 341 42.72 -5.80 4.18
C GLU C 341 43.39 -5.22 2.95
N ALA C 342 42.90 -4.09 2.44
CA ALA C 342 43.54 -3.39 1.32
C ALA C 342 44.43 -2.25 1.79
N GLY C 343 44.69 -2.15 3.09
CA GLY C 343 45.59 -1.14 3.60
C GLY C 343 44.99 0.22 3.79
N ILE C 344 43.66 0.33 3.83
CA ILE C 344 42.98 1.60 4.06
C ILE C 344 42.84 1.80 5.55
N PRO C 345 43.33 2.91 6.11
CA PRO C 345 43.14 3.17 7.55
C PRO C 345 41.70 3.54 7.84
N ILE C 346 41.16 2.95 8.92
CA ILE C 346 39.80 3.21 9.36
C ILE C 346 39.79 3.21 10.88
N GLN C 347 38.76 3.85 11.44
CA GLN C 347 38.51 3.71 12.86
C GLN C 347 38.26 2.24 13.18
N TYR C 348 39.13 1.67 14.02
CA TYR C 348 39.08 0.25 14.33
C TYR C 348 38.83 0.08 15.82
N PRO C 349 37.89 -0.76 16.25
CA PRO C 349 36.96 -1.58 15.44
C PRO C 349 35.88 -0.74 14.79
N THR C 350 35.11 -1.29 13.84
CA THR C 350 34.03 -0.54 13.23
C THR C 350 32.88 -0.39 14.21
N GLY C 351 32.20 0.75 14.16
CA GLY C 351 31.01 0.99 14.93
C GLY C 351 29.79 0.29 14.35
N GLY C 352 28.63 0.66 14.86
CA GLY C 352 27.44 -0.08 14.50
C GLY C 352 26.72 0.33 13.23
N HIS C 353 27.11 1.45 12.60
CA HIS C 353 26.31 1.96 11.48
C HIS C 353 27.12 2.54 10.34
N ALA C 354 28.44 2.66 10.46
CA ALA C 354 29.23 3.37 9.46
C ALA C 354 30.70 3.00 9.60
N VAL C 355 31.42 3.13 8.48
CA VAL C 355 32.87 2.96 8.43
C VAL C 355 33.48 4.34 8.25
N PHE C 356 34.49 4.65 9.04
CA PHE C 356 35.16 5.95 9.00
C PHE C 356 36.56 5.78 8.46
N VAL C 357 36.85 6.44 7.33
CA VAL C 357 38.13 6.34 6.64
C VAL C 357 38.95 7.59 6.93
N ASP C 358 40.24 7.41 7.22
CA ASP C 358 41.16 8.53 7.41
CA ASP C 358 41.17 8.52 7.41
C ASP C 358 41.78 8.90 6.07
N CYS C 359 41.44 10.08 5.57
CA CYS C 359 41.89 10.51 4.26
C CYS C 359 43.23 11.26 4.26
N LYS C 360 43.70 11.72 5.43
CA LYS C 360 45.00 12.40 5.49
C LYS C 360 46.13 11.53 4.97
N LYS C 361 45.96 10.21 5.00
CA LYS C 361 47.01 9.31 4.54
C LYS C 361 46.88 8.99 3.06
N LEU C 362 45.67 9.04 2.50
CA LEU C 362 45.47 8.78 1.09
C LEU C 362 45.86 9.96 0.20
N VAL C 363 45.67 11.18 0.69
CA VAL C 363 46.01 12.38 -0.07
C VAL C 363 46.92 13.26 0.76
N PRO C 364 48.16 12.84 1.05
CA PRO C 364 49.04 13.69 1.86
C PRO C 364 49.38 15.01 1.20
N GLN C 365 49.37 15.06 -0.14
CA GLN C 365 49.66 16.26 -0.90
C GLN C 365 48.58 17.33 -0.75
N ILE C 366 47.51 17.06 -0.04
CA ILE C 366 46.41 18.01 0.18
C ILE C 366 46.39 18.37 1.67
N PRO C 367 46.65 19.62 2.04
CA PRO C 367 46.53 20.01 3.44
C PRO C 367 45.08 19.99 3.90
N GLY C 368 44.89 20.10 5.21
CA GLY C 368 43.55 20.02 5.76
C GLY C 368 42.66 21.17 5.36
N ASP C 369 43.21 22.39 5.32
CA ASP C 369 42.42 23.56 4.97
C ASP C 369 41.94 23.54 3.53
N GLN C 370 42.50 22.68 2.67
CA GLN C 370 42.06 22.54 1.30
C GLN C 370 41.26 21.26 1.08
N PHE C 371 40.72 20.68 2.15
CA PHE C 371 39.72 19.62 2.10
C PHE C 371 40.25 18.36 1.45
N PRO C 372 41.16 17.63 2.09
CA PRO C 372 41.62 16.37 1.51
C PRO C 372 40.56 15.29 1.53
N ALA C 373 39.82 15.15 2.64
CA ALA C 373 38.79 14.12 2.72
C ALA C 373 37.71 14.37 1.67
N GLN C 374 37.28 15.62 1.50
CA GLN C 374 36.27 15.93 0.50
C GLN C 374 36.77 15.67 -0.91
N ALA C 375 38.07 15.86 -1.14
CA ALA C 375 38.64 15.56 -2.45
C ALA C 375 38.65 14.06 -2.72
N VAL C 376 38.77 13.24 -1.67
CA VAL C 376 38.60 11.80 -1.82
C VAL C 376 37.15 11.47 -2.14
N ILE C 377 36.21 12.12 -1.43
CA ILE C 377 34.79 11.83 -1.62
C ILE C 377 34.36 12.18 -3.05
N ASN C 378 34.84 13.30 -3.57
CA ASN C 378 34.48 13.68 -4.94
C ASN C 378 35.11 12.74 -5.95
N ALA C 379 36.36 12.31 -5.72
CA ALA C 379 36.97 11.31 -6.58
C ALA C 379 36.24 9.98 -6.48
N LEU C 380 35.96 9.53 -5.25
CA LEU C 380 35.12 8.35 -5.06
C LEU C 380 33.81 8.48 -5.82
N TYR C 381 33.20 9.67 -5.78
CA TYR C 381 31.94 9.88 -6.49
C TYR C 381 32.12 9.76 -8.00
N LEU C 382 33.13 10.46 -8.54
CA LEU C 382 33.34 10.42 -9.99
C LEU C 382 33.66 9.02 -10.48
N GLU C 383 34.37 8.23 -9.68
CA GLU C 383 34.74 6.88 -10.10
C GLU C 383 33.63 5.87 -9.86
N SER C 384 32.66 6.17 -8.99
CA SER C 384 31.71 5.15 -8.56
C SER C 384 30.26 5.61 -8.49
N GLY C 385 29.97 6.90 -8.37
CA GLY C 385 28.62 7.34 -8.08
C GLY C 385 28.21 7.20 -6.63
N VAL C 386 29.08 6.66 -5.78
CA VAL C 386 28.81 6.53 -4.35
C VAL C 386 28.97 7.88 -3.69
N ARG C 387 28.03 8.25 -2.83
CA ARG C 387 28.07 9.51 -2.11
C ARG C 387 28.37 9.24 -0.64
N ALA C 388 29.48 9.80 -0.16
CA ALA C 388 29.85 9.76 1.24
C ALA C 388 29.68 11.15 1.86
N VAL C 389 29.93 11.25 3.16
CA VAL C 389 29.81 12.50 3.89
C VAL C 389 31.15 12.78 4.56
N GLU C 390 31.58 14.04 4.53
CA GLU C 390 32.90 14.44 5.01
C GLU C 390 32.81 14.87 6.46
N ILE C 391 33.63 14.24 7.30
CA ILE C 391 33.78 14.65 8.69
C ILE C 391 35.18 15.22 8.88
N GLY C 392 35.32 16.54 8.70
CA GLY C 392 36.63 17.16 8.78
C GLY C 392 36.59 18.67 8.63
N SER C 393 37.64 19.23 8.00
CA SER C 393 37.79 20.67 7.90
C SER C 393 36.65 21.32 7.12
N PHE C 394 36.04 20.59 6.20
CA PHE C 394 34.87 21.12 5.50
C PHE C 394 33.63 21.15 6.40
N LEU C 395 33.49 20.17 7.30
CA LEU C 395 32.40 20.19 8.27
C LEU C 395 32.71 21.09 9.46
N LEU C 396 33.97 21.13 9.89
CA LEU C 396 34.34 21.89 11.08
C LEU C 396 33.99 23.38 10.90
N GLY C 397 34.55 24.01 9.88
CA GLY C 397 34.22 25.38 9.54
C GLY C 397 35.34 26.36 9.86
N ARG C 398 35.02 27.64 9.69
CA ARG C 398 35.93 28.74 10.05
C ARG C 398 35.72 29.16 11.50
N LYS C 406 38.99 26.71 11.04
CA LYS C 406 39.27 25.91 12.23
C LYS C 406 40.12 24.70 11.86
N HIS C 407 41.20 24.49 12.61
CA HIS C 407 42.08 23.36 12.38
C HIS C 407 41.40 22.05 12.80
N ALA C 408 41.20 21.15 11.85
CA ALA C 408 40.63 19.84 12.15
C ALA C 408 41.76 18.85 12.42
N ASP C 409 41.63 18.11 13.53
CA ASP C 409 42.61 17.09 13.89
C ASP C 409 42.50 15.84 13.03
N MET C 410 41.40 15.66 12.31
CA MET C 410 41.21 14.48 11.49
C MET C 410 40.42 14.86 10.25
N GLU C 411 40.75 14.18 9.15
CA GLU C 411 40.06 14.37 7.86
C GLU C 411 39.40 13.01 7.57
N PHE C 412 38.17 12.82 8.07
CA PHE C 412 37.46 11.55 7.98
C PHE C 412 36.52 11.52 6.79
N MET C 413 36.19 10.29 6.39
CA MET C 413 35.11 10.03 5.44
C MET C 413 34.21 8.98 6.06
N ARG C 414 32.93 9.31 6.23
CA ARG C 414 31.97 8.41 6.83
C ARG C 414 31.18 7.70 5.74
N LEU C 415 31.30 6.39 5.69
CA LEU C 415 30.47 5.56 4.82
C LEU C 415 29.34 5.06 5.71
N THR C 416 28.21 5.77 5.68
CA THR C 416 27.08 5.47 6.54
C THR C 416 26.15 4.50 5.80
N ILE C 417 25.78 3.42 6.48
CA ILE C 417 25.05 2.32 5.87
C ILE C 417 23.61 2.34 6.37
N ALA C 418 22.67 2.57 5.45
CA ALA C 418 21.26 2.45 5.80
C ALA C 418 20.95 1.00 6.16
N ARG C 419 19.87 0.81 6.94
CA ARG C 419 19.54 -0.50 7.47
C ARG C 419 18.68 -1.27 6.48
N ARG C 420 19.13 -2.47 6.13
CA ARG C 420 18.40 -3.44 5.32
C ARG C 420 18.20 -2.98 3.88
N VAL C 421 19.04 -2.06 3.41
CA VAL C 421 18.87 -1.46 2.09
C VAL C 421 19.86 -2.04 1.08
N TYR C 422 21.13 -2.18 1.48
CA TYR C 422 22.18 -2.61 0.58
C TYR C 422 22.68 -3.99 0.97
N THR C 423 23.10 -4.74 -0.04
CA THR C 423 23.64 -6.06 0.16
C THR C 423 25.15 -5.99 0.34
N ASN C 424 25.75 -7.13 0.71
CA ASN C 424 27.20 -7.17 0.80
C ASN C 424 27.85 -6.97 -0.56
N ASP C 425 27.14 -7.30 -1.65
CA ASP C 425 27.67 -6.98 -2.96
C ASP C 425 27.73 -5.47 -3.19
N HIS C 426 26.79 -4.72 -2.62
CA HIS C 426 26.91 -3.27 -2.64
C HIS C 426 28.12 -2.82 -1.82
N MET C 427 28.36 -3.48 -0.68
CA MET C 427 29.55 -3.18 0.11
C MET C 427 30.81 -3.42 -0.70
N ASP C 428 30.85 -4.50 -1.47
CA ASP C 428 32.01 -4.80 -2.29
C ASP C 428 32.25 -3.69 -3.31
N TYR C 429 31.19 -3.25 -3.97
CA TYR C 429 31.30 -2.15 -4.93
C TYR C 429 31.89 -0.91 -4.28
N ILE C 430 31.40 -0.57 -3.08
CA ILE C 430 31.95 0.59 -2.37
C ILE C 430 33.42 0.38 -2.06
N ALA C 431 33.76 -0.77 -1.49
CA ALA C 431 35.15 -1.05 -1.15
C ALA C 431 36.04 -1.00 -2.38
N ASP C 432 35.65 -1.71 -3.44
CA ASP C 432 36.45 -1.77 -4.65
C ASP C 432 36.64 -0.41 -5.29
N ALA C 433 35.63 0.46 -5.20
CA ALA C 433 35.77 1.80 -5.74
C ALA C 433 36.85 2.59 -5.00
N LEU C 434 36.78 2.61 -3.67
CA LEU C 434 37.78 3.33 -2.88
C LEU C 434 39.18 2.74 -3.06
N ILE C 435 39.27 1.41 -3.15
CA ILE C 435 40.56 0.76 -3.31
C ILE C 435 41.18 1.10 -4.66
N GLY C 436 40.38 1.00 -5.74
CA GLY C 436 40.87 1.23 -7.09
C GLY C 436 41.52 2.58 -7.30
N LEU C 437 41.22 3.57 -6.44
CA LEU C 437 41.82 4.89 -6.51
C LEU C 437 43.18 4.96 -5.82
N LYS C 438 43.78 3.83 -5.43
CA LYS C 438 44.99 3.87 -4.62
C LYS C 438 46.14 4.56 -5.34
N GLU C 439 46.21 4.42 -6.66
CA GLU C 439 47.29 5.01 -7.44
C GLU C 439 46.95 6.37 -8.02
N LYS C 440 45.68 6.78 -7.98
CA LYS C 440 45.30 8.12 -8.36
C LYS C 440 45.14 9.05 -7.17
N PHE C 441 45.27 8.52 -5.95
CA PHE C 441 45.10 9.34 -4.75
C PHE C 441 46.12 10.47 -4.71
N ALA C 442 47.34 10.22 -5.20
CA ALA C 442 48.40 11.22 -5.14
C ALA C 442 48.36 12.22 -6.30
N THR C 443 47.61 11.93 -7.37
CA THR C 443 47.55 12.82 -8.52
C THR C 443 46.33 13.73 -8.51
N LEU C 444 45.51 13.67 -7.47
CA LEU C 444 44.31 14.51 -7.41
C LEU C 444 44.54 15.70 -6.48
N LYS C 445 43.89 16.81 -6.81
CA LYS C 445 44.14 18.09 -6.17
C LYS C 445 43.00 18.46 -5.23
N GLY C 446 43.33 19.30 -4.25
CA GLY C 446 42.34 19.78 -3.31
C GLY C 446 41.39 20.78 -3.95
N LEU C 447 40.40 21.20 -3.16
CA LEU C 447 39.36 22.11 -3.59
C LEU C 447 39.48 23.45 -2.87
N GLU C 448 39.04 24.51 -3.52
CA GLU C 448 38.88 25.83 -2.92
C GLU C 448 37.43 26.27 -3.12
N PHE C 449 37.13 27.50 -2.69
CA PHE C 449 35.76 27.98 -2.66
C PHE C 449 35.42 28.78 -3.91
N GLU C 450 34.29 28.45 -4.52
CA GLU C 450 33.60 29.34 -5.44
C GLU C 450 32.48 30.10 -4.72
N TYR C 451 31.88 29.48 -3.71
CA TYR C 451 30.79 30.07 -2.93
C TYR C 451 30.84 29.49 -1.53
N GLU C 452 30.84 30.35 -0.51
CA GLU C 452 30.85 29.85 0.87
C GLU C 452 29.87 30.61 1.74
N PRO C 453 28.90 29.93 2.35
CA PRO C 453 27.96 30.60 3.26
C PRO C 453 28.58 30.78 4.64
N PRO C 454 27.98 31.62 5.49
CA PRO C 454 28.61 31.91 6.79
C PRO C 454 28.55 30.77 7.79
N VAL C 455 27.47 29.99 7.82
CA VAL C 455 27.30 28.92 8.80
C VAL C 455 26.83 27.66 8.10
N LEU C 456 27.32 26.52 8.59
CA LEU C 456 27.01 25.19 8.06
C LEU C 456 27.21 25.14 6.54
N ARG C 457 28.43 25.50 6.12
CA ARG C 457 28.73 25.66 4.71
C ARG C 457 28.74 24.36 3.93
N HIS C 458 28.97 23.23 4.62
CA HIS C 458 29.14 21.93 3.96
C HIS C 458 27.87 21.48 3.22
N PHE C 459 26.73 22.10 3.53
CA PHE C 459 25.48 21.78 2.84
C PHE C 459 25.40 22.43 1.47
N THR C 460 25.91 23.67 1.33
CA THR C 460 25.65 24.50 0.16
C THR C 460 26.86 25.25 -0.38
N ALA C 461 28.04 25.11 0.20
CA ALA C 461 29.21 25.77 -0.37
C ALA C 461 29.57 25.14 -1.70
N ARG C 462 29.87 25.97 -2.68
CA ARG C 462 30.25 25.52 -4.01
C ARG C 462 31.77 25.59 -4.15
N LEU C 463 32.39 24.43 -4.33
CA LEU C 463 33.84 24.33 -4.36
C LEU C 463 34.33 24.23 -5.81
N LYS C 464 35.66 24.25 -5.95
CA LYS C 464 36.27 24.21 -7.26
C LYS C 464 37.66 23.63 -7.11
N PRO C 465 38.11 22.77 -8.03
CA PRO C 465 39.50 22.30 -7.99
C PRO C 465 40.50 23.44 -8.19
N ILE C 466 41.75 23.16 -7.84
CA ILE C 466 42.81 24.15 -7.93
C ILE C 466 43.78 23.80 -9.06
N ALA D 2 -32.05 22.43 2.90
CA ALA D 2 -30.62 22.14 2.71
C ALA D 2 -30.42 21.32 1.45
N LYS D 3 -29.24 21.44 0.83
CA LYS D 3 -28.96 20.80 -0.45
C LYS D 3 -27.79 19.85 -0.31
N ARG D 4 -28.03 18.57 -0.57
CA ARG D 4 -26.95 17.59 -0.58
CA ARG D 4 -26.95 17.59 -0.58
C ARG D 4 -26.24 17.61 -1.93
N ILE D 5 -24.91 17.67 -1.89
CA ILE D 5 -24.09 17.67 -3.11
C ILE D 5 -23.28 16.38 -3.16
N VAL D 6 -23.39 15.66 -4.28
CA VAL D 6 -22.82 14.32 -4.40
C VAL D 6 -21.30 14.39 -4.47
N GLU D 7 -20.65 13.33 -4.01
CA GLU D 7 -19.19 13.25 -4.02
C GLU D 7 -18.68 13.21 -5.46
N PRO D 8 -17.69 14.01 -5.82
CA PRO D 8 -17.07 13.86 -7.15
C PRO D 8 -16.00 12.78 -7.15
N PHE D 9 -16.28 11.69 -6.44
CA PHE D 9 -15.38 10.56 -6.28
C PHE D 9 -16.20 9.39 -5.77
N ARG D 10 -15.56 8.25 -5.62
CA ARG D 10 -16.21 7.12 -4.98
C ARG D 10 -15.21 6.53 -3.98
N ILE D 11 -15.72 5.65 -3.12
CA ILE D 11 -14.93 5.16 -2.00
C ILE D 11 -14.05 4.03 -2.49
N LYS D 12 -12.77 4.08 -2.15
CA LYS D 12 -11.88 2.97 -2.47
C LYS D 12 -11.40 2.23 -1.25
N MET D 13 -11.35 2.87 -0.09
CA MET D 13 -10.98 2.18 1.14
C MET D 13 -11.77 2.78 2.29
N VAL D 14 -12.22 1.92 3.20
CA VAL D 14 -13.03 2.31 4.32
C VAL D 14 -12.27 2.05 5.62
N GLU D 15 -12.69 2.75 6.66
CA GLU D 15 -12.15 2.59 8.00
C GLU D 15 -13.34 2.47 8.94
N LYS D 16 -13.37 1.41 9.74
CA LYS D 16 -14.52 1.16 10.61
C LYS D 16 -14.62 2.25 11.68
N ILE D 17 -15.84 2.64 12.00
CA ILE D 17 -16.10 3.49 13.15
C ILE D 17 -17.28 2.92 13.91
N ARG D 18 -17.31 3.20 15.21
CA ARG D 18 -18.33 2.64 16.10
C ARG D 18 -18.75 3.73 17.08
N VAL D 19 -20.02 3.69 17.47
CA VAL D 19 -20.53 4.59 18.50
C VAL D 19 -20.60 3.80 19.80
N PRO D 20 -19.83 4.15 20.83
CA PRO D 20 -19.90 3.42 22.10
C PRO D 20 -21.24 3.62 22.77
N SER D 21 -21.71 2.56 23.43
CA SER D 21 -22.92 2.64 24.22
C SER D 21 -22.77 3.73 25.28
N ARG D 22 -23.90 4.35 25.66
CA ARG D 22 -23.82 5.48 26.58
C ARG D 22 -23.21 5.07 27.91
N GLU D 23 -23.45 3.83 28.34
CA GLU D 23 -22.73 3.31 29.51
C GLU D 23 -21.23 3.41 29.29
N GLU D 24 -20.75 2.86 28.16
CA GLU D 24 -19.34 3.02 27.81
C GLU D 24 -19.00 4.48 27.53
N ARG D 25 -19.90 5.18 26.84
CA ARG D 25 -19.64 6.56 26.44
C ARG D 25 -19.51 7.49 27.64
N GLU D 26 -20.35 7.27 28.67
CA GLU D 26 -20.33 8.13 29.85
C GLU D 26 -19.21 7.76 30.81
N ALA D 27 -18.88 6.47 30.91
CA ALA D 27 -17.72 6.07 31.70
C ALA D 27 -16.44 6.64 31.11
N ALA D 28 -16.36 6.68 29.78
CA ALA D 28 -15.19 7.26 29.11
C ALA D 28 -15.09 8.76 29.35
N LEU D 29 -16.23 9.44 29.47
CA LEU D 29 -16.17 10.88 29.75
C LEU D 29 -15.76 11.16 31.18
N LYS D 30 -16.17 10.29 32.12
CA LYS D 30 -15.72 10.42 33.50
C LYS D 30 -14.20 10.39 33.57
N GLU D 31 -13.58 9.33 33.03
CA GLU D 31 -12.13 9.23 33.07
C GLU D 31 -11.48 10.33 32.26
N ALA D 32 -12.16 10.85 31.23
CA ALA D 32 -11.65 11.96 30.43
C ALA D 32 -11.66 13.27 31.19
N GLY D 33 -12.36 13.34 32.32
CA GLY D 33 -12.46 14.59 33.06
C GLY D 33 -13.17 15.68 32.31
N TYR D 34 -14.18 15.32 31.50
CA TYR D 34 -15.06 16.29 30.85
C TYR D 34 -14.27 17.28 30.00
N ASN D 35 -13.23 16.78 29.34
CA ASN D 35 -12.48 17.55 28.35
C ASN D 35 -12.29 16.67 27.12
N PRO D 36 -12.94 16.98 25.99
CA PRO D 36 -12.87 16.06 24.84
C PRO D 36 -11.46 15.87 24.30
N PHE D 37 -10.57 16.86 24.46
CA PHE D 37 -9.20 16.71 23.99
C PHE D 37 -8.48 15.55 24.68
N LEU D 38 -8.92 15.15 25.87
CA LEU D 38 -8.29 14.06 26.61
C LEU D 38 -8.97 12.72 26.38
N LEU D 39 -9.96 12.66 25.49
CA LEU D 39 -10.60 11.40 25.12
C LEU D 39 -9.75 10.65 24.10
N PRO D 40 -9.64 9.33 24.22
CA PRO D 40 -9.01 8.55 23.15
C PRO D 40 -9.98 8.38 22.00
N SER D 41 -9.42 8.19 20.80
CA SER D 41 -10.27 8.09 19.62
C SER D 41 -11.20 6.88 19.69
N SER D 42 -10.81 5.85 20.44
CA SER D 42 -11.67 4.68 20.62
C SER D 42 -13.01 5.02 21.25
N ALA D 43 -13.11 6.18 21.90
CA ALA D 43 -14.35 6.60 22.56
C ALA D 43 -15.16 7.57 21.72
N VAL D 44 -14.74 7.86 20.49
CA VAL D 44 -15.40 8.85 19.64
C VAL D 44 -16.01 8.14 18.45
N TYR D 45 -17.26 8.50 18.13
CA TYR D 45 -17.91 8.01 16.92
C TYR D 45 -17.44 8.83 15.74
N ILE D 46 -18.09 9.97 15.49
CA ILE D 46 -17.65 10.92 14.48
C ILE D 46 -16.80 11.97 15.18
N ASP D 47 -15.61 12.23 14.64
CA ASP D 47 -14.64 13.10 15.27
C ASP D 47 -14.64 14.44 14.53
N LEU D 48 -15.19 15.46 15.19
CA LEU D 48 -15.22 16.81 14.64
C LEU D 48 -14.24 17.74 15.35
N LEU D 49 -13.23 17.18 16.01
CA LEU D 49 -12.30 18.00 16.77
C LEU D 49 -11.52 18.96 15.87
N THR D 50 -11.19 18.53 14.66
CA THR D 50 -10.37 19.32 13.75
C THR D 50 -10.56 18.82 12.32
N ASP D 51 -10.21 19.69 11.37
CA ASP D 51 -10.03 19.29 9.98
C ASP D 51 -8.56 19.11 9.64
N SER D 52 -7.71 18.95 10.65
CA SER D 52 -6.26 18.96 10.48
C SER D 52 -5.73 17.53 10.50
N GLY D 53 -5.21 17.06 9.37
CA GLY D 53 -4.48 15.82 9.35
C GLY D 53 -5.32 14.56 9.40
N THR D 54 -6.64 14.71 9.32
CA THR D 54 -7.57 13.59 9.36
C THR D 54 -8.22 13.34 7.99
N ASN D 55 -7.74 14.00 6.94
CA ASN D 55 -8.36 13.89 5.64
C ASN D 55 -8.11 12.52 5.01
N ALA D 56 -8.96 12.16 4.07
CA ALA D 56 -8.81 10.95 3.28
C ALA D 56 -8.06 11.27 2.00
N MET D 57 -6.97 10.56 1.75
CA MET D 57 -6.17 10.78 0.55
C MET D 57 -6.73 9.97 -0.62
N SER D 58 -6.22 10.27 -1.82
CA SER D 58 -6.64 9.57 -3.01
C SER D 58 -5.73 8.36 -3.26
N ASP D 59 -6.17 7.50 -4.18
CA ASP D 59 -5.27 6.42 -4.61
C ASP D 59 -4.01 6.99 -5.26
N HIS D 60 -4.14 8.09 -6.01
CA HIS D 60 -2.96 8.73 -6.59
C HIS D 60 -2.01 9.23 -5.52
N GLN D 61 -2.53 9.67 -4.38
CA GLN D 61 -1.67 10.14 -3.30
C GLN D 61 -0.92 8.98 -2.66
N TRP D 62 -1.62 7.88 -2.37
CA TRP D 62 -0.95 6.69 -1.85
C TRP D 62 0.08 6.16 -2.85
N ALA D 63 -0.28 6.14 -4.14
CA ALA D 63 0.69 5.72 -5.16
C ALA D 63 1.93 6.60 -5.13
N ALA D 64 1.76 7.90 -4.88
CA ALA D 64 2.91 8.79 -4.79
C ALA D 64 3.74 8.47 -3.56
N MET D 65 3.08 8.15 -2.44
N MET D 65 3.08 8.16 -2.44
CA MET D 65 3.80 7.80 -1.22
CA MET D 65 3.81 7.80 -1.23
C MET D 65 4.65 6.55 -1.43
C MET D 65 4.66 6.56 -1.44
N ILE D 66 4.12 5.57 -2.17
CA ILE D 66 4.81 4.30 -2.34
C ILE D 66 6.08 4.45 -3.17
N THR D 67 6.09 5.37 -4.13
CA THR D 67 7.30 5.63 -4.90
C THR D 67 8.08 6.83 -4.40
N GLY D 68 7.80 7.30 -3.18
CA GLY D 68 8.48 8.47 -2.65
C GLY D 68 9.96 8.20 -2.40
N ASP D 69 10.77 9.23 -2.67
CA ASP D 69 12.23 9.14 -2.54
C ASP D 69 12.63 9.57 -1.13
N GLU D 70 13.13 8.62 -0.35
CA GLU D 70 13.48 8.86 1.05
C GLU D 70 14.90 9.40 1.24
N ALA D 71 15.57 9.80 0.16
CA ALA D 71 16.94 10.30 0.23
C ALA D 71 17.07 11.46 1.20
N TYR D 72 18.16 11.46 1.98
CA TYR D 72 18.32 12.50 2.98
C TYR D 72 18.52 13.86 2.34
N ALA D 73 19.18 13.90 1.18
CA ALA D 73 19.49 15.15 0.48
C ALA D 73 19.14 15.01 -0.99
N GLY D 74 18.41 15.98 -1.52
CA GLY D 74 18.11 15.97 -2.94
C GLY D 74 17.02 15.01 -3.37
N SER D 75 16.06 14.71 -2.50
CA SER D 75 14.98 13.82 -2.84
C SER D 75 14.28 14.29 -4.12
N ARG D 76 13.90 13.32 -4.95
CA ARG D 76 13.16 13.63 -6.17
CA ARG D 76 13.18 13.65 -6.17
C ARG D 76 11.92 14.46 -5.87
N ASN D 77 11.26 14.17 -4.74
CA ASN D 77 10.01 14.82 -4.39
C ASN D 77 10.20 16.23 -3.85
N TYR D 78 11.38 16.56 -3.33
CA TYR D 78 11.66 17.95 -3.01
C TYR D 78 11.65 18.83 -4.25
N TYR D 79 12.28 18.35 -5.34
CA TYR D 79 12.30 19.15 -6.56
C TYR D 79 10.90 19.22 -7.17
N ASP D 80 10.11 18.17 -7.03
CA ASP D 80 8.73 18.21 -7.48
C ASP D 80 7.95 19.25 -6.68
N LEU D 81 8.11 19.26 -5.36
CA LEU D 81 7.38 20.22 -4.53
C LEU D 81 7.81 21.64 -4.83
N LYS D 82 9.10 21.83 -5.13
CA LYS D 82 9.59 23.15 -5.49
C LYS D 82 8.95 23.63 -6.79
N ASP D 83 8.88 22.74 -7.79
CA ASP D 83 8.25 23.09 -9.06
C ASP D 83 6.77 23.39 -8.87
N LYS D 84 6.10 22.67 -7.96
CA LYS D 84 4.67 22.85 -7.76
C LYS D 84 4.37 24.19 -7.12
N ALA D 85 5.21 24.63 -6.18
CA ALA D 85 5.01 25.94 -5.57
C ALA D 85 5.26 27.05 -6.58
N LYS D 86 6.23 26.86 -7.48
CA LYS D 86 6.43 27.82 -8.55
C LYS D 86 5.23 27.86 -9.48
N GLU D 87 4.60 26.72 -9.73
CA GLU D 87 3.41 26.69 -10.59
C GLU D 87 2.22 27.36 -9.92
N LEU D 88 1.97 27.05 -8.64
CA LEU D 88 0.75 27.49 -8.00
C LEU D 88 0.82 28.95 -7.57
N PHE D 89 1.92 29.34 -6.92
CA PHE D 89 2.04 30.65 -6.29
C PHE D 89 3.00 31.58 -7.00
N ASN D 90 3.80 31.08 -7.95
CA ASN D 90 4.86 31.84 -8.60
C ASN D 90 5.99 32.20 -7.63
N TYR D 91 6.22 31.39 -6.61
CA TYR D 91 7.28 31.66 -5.63
C TYR D 91 8.51 30.84 -5.96
N ASP D 92 9.68 31.48 -5.85
CA ASP D 92 10.91 30.85 -6.32
C ASP D 92 11.57 29.91 -5.31
N TYR D 93 11.20 29.98 -4.03
CA TYR D 93 11.94 29.27 -2.98
C TYR D 93 10.97 28.51 -2.08
N ILE D 94 11.34 27.27 -1.71
CA ILE D 94 10.55 26.48 -0.78
C ILE D 94 11.43 25.88 0.30
N ILE D 95 10.83 25.71 1.48
CA ILE D 95 11.42 24.94 2.58
C ILE D 95 10.29 24.07 3.11
N PRO D 96 10.34 22.75 2.99
CA PRO D 96 9.29 21.92 3.59
C PRO D 96 9.41 21.97 5.09
N ALA D 97 8.28 21.74 5.75
CA ALA D 97 8.20 21.71 7.20
C ALA D 97 7.34 20.52 7.59
N HIS D 98 7.45 20.08 8.84
CA HIS D 98 6.72 18.87 9.20
C HIS D 98 5.23 19.17 9.37
N GLN D 99 4.86 20.40 9.71
CA GLN D 99 3.47 20.84 9.63
C GLN D 99 3.43 22.35 9.80
N GLY D 100 2.22 22.89 9.98
CA GLY D 100 2.03 24.33 9.92
C GLY D 100 2.85 25.08 10.95
N ARG D 101 2.76 24.67 12.21
CA ARG D 101 3.51 25.39 13.23
C ARG D 101 5.02 25.17 13.10
N GLY D 102 5.45 24.09 12.45
CA GLY D 102 6.86 23.98 12.09
C GLY D 102 7.29 25.05 11.10
N ALA D 103 6.44 25.31 10.11
CA ALA D 103 6.71 26.37 9.15
C ALA D 103 6.76 27.73 9.85
N GLU D 104 5.88 27.95 10.84
CA GLU D 104 5.90 29.20 11.60
C GLU D 104 7.19 29.33 12.40
N ASN D 105 7.64 28.22 13.01
CA ASN D 105 8.90 28.24 13.75
C ASN D 105 10.07 28.56 12.83
N ILE D 106 10.03 28.05 11.59
CA ILE D 106 11.09 28.38 10.64
C ILE D 106 11.13 29.87 10.36
N LEU D 107 9.97 30.44 10.00
CA LEU D 107 9.97 31.74 9.32
C LEU D 107 9.85 32.93 10.25
N PHE D 108 9.03 32.87 11.28
CA PHE D 108 8.78 34.08 12.05
C PHE D 108 10.01 34.56 12.81
N PRO D 109 10.78 33.67 13.46
CA PRO D 109 12.03 34.16 14.08
C PRO D 109 12.97 34.79 13.08
N VAL D 110 12.96 34.33 11.82
CA VAL D 110 13.83 34.91 10.81
C VAL D 110 13.38 36.32 10.47
N LEU D 111 12.07 36.52 10.29
CA LEU D 111 11.54 37.84 9.91
C LEU D 111 11.83 38.88 11.00
N LEU D 112 11.68 38.47 12.27
CA LEU D 112 12.04 39.37 13.37
C LEU D 112 13.50 39.78 13.29
N LYS D 113 14.40 38.80 13.17
CA LYS D 113 15.83 39.11 13.08
C LYS D 113 16.12 40.02 11.88
N TYR D 114 15.45 39.75 10.76
CA TYR D 114 15.60 40.58 9.55
C TYR D 114 15.11 42.01 9.78
N LYS D 115 13.94 42.16 10.40
CA LYS D 115 13.41 43.49 10.68
C LYS D 115 14.28 44.27 11.66
N GLN D 116 14.94 43.58 12.58
CA GLN D 116 15.74 44.24 13.60
C GLN D 116 17.15 44.56 13.14
N LYS D 117 17.45 44.39 11.85
CA LYS D 117 18.65 44.97 11.27
C LYS D 117 18.60 46.48 11.41
N GLU D 118 19.78 47.09 11.45
CA GLU D 118 19.95 48.53 11.63
C GLU D 118 19.36 49.04 12.95
N GLY D 119 19.02 48.14 13.87
CA GLY D 119 18.59 48.54 15.19
C GLY D 119 17.18 49.08 15.31
N LYS D 120 16.31 48.78 14.35
CA LYS D 120 14.92 49.16 14.44
C LYS D 120 14.11 47.98 15.00
N ALA D 121 12.78 48.11 14.96
CA ALA D 121 11.87 47.06 15.45
C ALA D 121 12.08 46.79 16.94
N LYS D 122 12.27 47.87 17.70
CA LYS D 122 12.46 47.75 19.15
C LYS D 122 11.19 47.36 19.88
N ASN D 123 10.02 47.60 19.29
CA ASN D 123 8.73 47.23 19.87
C ASN D 123 7.98 46.40 18.84
N PRO D 124 8.45 45.18 18.57
CA PRO D 124 8.03 44.47 17.36
C PRO D 124 6.63 43.88 17.48
N VAL D 125 5.87 44.00 16.41
CA VAL D 125 4.51 43.46 16.36
C VAL D 125 4.28 42.77 15.02
N PHE D 126 3.34 41.82 15.04
CA PHE D 126 2.75 41.20 13.87
C PHE D 126 1.29 41.64 13.80
N ILE D 127 0.81 41.95 12.61
CA ILE D 127 -0.60 42.30 12.42
C ILE D 127 -1.24 41.29 11.48
N SER D 128 -2.42 40.78 11.87
CA SER D 128 -3.16 39.83 11.06
C SER D 128 -4.65 40.19 11.09
N ASN D 129 -5.36 39.79 10.04
CA ASN D 129 -6.82 39.80 10.14
C ASN D 129 -7.25 38.96 11.34
N PHE D 130 -6.66 37.78 11.52
CA PHE D 130 -6.73 37.08 12.80
C PHE D 130 -5.62 36.03 12.83
N HIS D 131 -4.69 36.19 13.78
CA HIS D 131 -3.70 35.15 14.03
C HIS D 131 -4.34 33.89 14.56
N PHE D 132 -4.05 32.75 13.97
CA PHE D 132 -4.41 31.47 14.55
CA PHE D 132 -4.50 31.53 14.62
C PHE D 132 -3.60 31.23 15.83
N ASP D 133 -4.04 30.27 16.64
CA ASP D 133 -3.46 30.08 17.98
CA ASP D 133 -3.46 30.11 17.97
C ASP D 133 -1.97 29.78 17.90
N THR D 134 -1.57 28.83 17.05
CA THR D 134 -0.14 28.53 16.96
C THR D 134 0.63 29.71 16.39
N THR D 135 0.03 30.41 15.42
CA THR D 135 0.66 31.58 14.84
C THR D 135 0.91 32.65 15.91
N ALA D 136 -0.14 33.00 16.66
CA ALA D 136 0.02 33.95 17.75
C ALA D 136 1.02 33.46 18.79
N ALA D 137 1.04 32.15 19.06
CA ALA D 137 1.98 31.63 20.06
C ALA D 137 3.42 31.86 19.63
N HIS D 138 3.72 31.65 18.35
CA HIS D 138 5.08 31.88 17.88
C HIS D 138 5.42 33.37 17.86
N VAL D 139 4.46 34.21 17.47
CA VAL D 139 4.68 35.66 17.53
C VAL D 139 5.09 36.06 18.94
N GLU D 140 4.36 35.57 19.94
CA GLU D 140 4.63 35.95 21.32
C GLU D 140 5.89 35.28 21.88
N LEU D 141 6.15 34.02 21.53
CA LEU D 141 7.39 33.37 22.00
C LEU D 141 8.63 34.10 21.52
N ASN D 142 8.51 34.83 20.42
CA ASN D 142 9.61 35.64 19.91
C ASN D 142 9.55 37.08 20.41
N GLY D 143 8.83 37.34 21.50
CA GLY D 143 8.81 38.65 22.10
C GLY D 143 8.06 39.71 21.34
N CYS D 144 7.12 39.32 20.47
CA CYS D 144 6.31 40.25 19.71
C CYS D 144 4.86 40.20 20.19
N LYS D 145 4.08 41.18 19.72
CA LYS D 145 2.65 41.24 20.00
C LYS D 145 1.86 40.80 18.78
N ALA D 146 0.79 40.05 19.02
CA ALA D 146 -0.08 39.56 17.96
C ALA D 146 -1.32 40.44 17.95
N ILE D 147 -1.46 41.26 16.91
CA ILE D 147 -2.56 42.21 16.77
C ILE D 147 -3.54 41.66 15.74
N ASN D 148 -4.80 41.48 16.14
CA ASN D 148 -5.83 40.97 15.25
C ASN D 148 -6.80 42.10 14.91
N ILE D 149 -7.06 42.30 13.63
CA ILE D 149 -7.91 43.40 13.20
C ILE D 149 -8.97 42.93 12.20
N VAL D 150 -9.68 41.84 12.53
CA VAL D 150 -10.69 41.32 11.60
C VAL D 150 -11.83 42.31 11.45
N THR D 151 -12.54 42.23 10.32
CA THR D 151 -13.62 43.17 10.06
C THR D 151 -14.74 43.01 11.07
N GLU D 152 -15.35 44.13 11.46
CA GLU D 152 -16.46 44.11 12.41
C GLU D 152 -17.63 43.24 11.92
N LYS D 153 -17.75 43.03 10.61
CA LYS D 153 -18.82 42.18 10.09
C LYS D 153 -18.76 40.78 10.67
N ALA D 154 -17.56 40.29 11.00
CA ALA D 154 -17.42 38.94 11.54
C ALA D 154 -18.11 38.78 12.89
N PHE D 155 -18.35 39.89 13.60
CA PHE D 155 -18.90 39.85 14.94
C PHE D 155 -20.42 39.76 14.95
N ASP D 156 -21.06 40.01 13.81
CA ASP D 156 -22.50 39.88 13.66
C ASP D 156 -22.72 38.50 13.04
N SER D 157 -22.86 37.49 13.89
CA SER D 157 -22.81 36.10 13.41
C SER D 157 -23.89 35.82 12.38
N GLU D 158 -25.14 36.10 12.73
CA GLU D 158 -26.24 35.64 11.90
C GLU D 158 -26.48 36.52 10.67
N THR D 159 -25.79 37.65 10.54
CA THR D 159 -25.97 38.53 9.40
C THR D 159 -25.00 38.15 8.29
N TYR D 160 -25.53 37.75 7.14
CA TYR D 160 -24.69 37.36 6.02
C TYR D 160 -23.75 38.50 5.63
N ASP D 161 -22.53 38.13 5.24
CA ASP D 161 -21.62 39.01 4.54
C ASP D 161 -20.71 38.15 3.68
N ASP D 162 -20.32 38.71 2.53
CA ASP D 162 -19.52 37.94 1.55
C ASP D 162 -18.12 37.63 2.09
N TRP D 163 -17.55 38.50 2.92
CA TRP D 163 -16.13 38.47 3.24
C TRP D 163 -15.86 38.74 4.72
N LYS D 164 -16.37 37.86 5.60
CA LYS D 164 -16.17 38.09 7.03
C LYS D 164 -14.75 37.83 7.50
N GLY D 165 -13.81 37.49 6.62
CA GLY D 165 -12.42 37.33 7.00
C GLY D 165 -11.55 38.50 6.64
N ASP D 166 -12.11 39.52 5.98
CA ASP D 166 -11.35 40.69 5.56
C ASP D 166 -10.62 41.35 6.75
N PHE D 167 -9.51 42.01 6.41
CA PHE D 167 -8.89 42.96 7.31
C PHE D 167 -9.79 44.20 7.48
N ASP D 168 -9.81 44.74 8.69
CA ASP D 168 -10.35 46.08 8.91
C ASP D 168 -9.29 47.06 8.40
N ILE D 169 -9.48 47.57 7.18
CA ILE D 169 -8.44 48.41 6.56
C ILE D 169 -8.16 49.64 7.40
N LYS D 170 -9.21 50.23 7.99
CA LYS D 170 -9.02 51.39 8.85
C LYS D 170 -8.09 51.07 10.02
N LYS D 171 -8.30 49.92 10.66
CA LYS D 171 -7.46 49.55 11.80
C LYS D 171 -6.04 49.20 11.37
N LEU D 172 -5.88 48.67 10.15
CA LEU D 172 -4.53 48.43 9.64
C LEU D 172 -3.73 49.72 9.56
N LYS D 173 -4.34 50.77 8.98
CA LYS D 173 -3.67 52.06 8.89
C LYS D 173 -3.43 52.66 10.27
N GLU D 174 -4.43 52.60 11.15
CA GLU D 174 -4.25 53.13 12.50
C GLU D 174 -3.08 52.45 13.20
N ASN D 175 -3.01 51.12 13.13
CA ASN D 175 -1.94 50.39 13.81
C ASN D 175 -0.58 50.68 13.19
N ILE D 176 -0.51 50.82 11.87
CA ILE D 176 0.75 51.19 11.24
C ILE D 176 1.20 52.55 11.74
N ALA D 177 0.26 53.49 11.91
CA ALA D 177 0.59 54.79 12.46
C ALA D 177 0.99 54.70 13.92
N GLN D 178 0.22 53.95 14.70
CA GLN D 178 0.46 53.90 16.14
C GLN D 178 1.80 53.25 16.46
N HIS D 179 2.06 52.06 15.90
CA HIS D 179 3.29 51.37 16.22
C HIS D 179 4.45 51.81 15.35
N GLY D 180 4.17 52.29 14.14
CA GLY D 180 5.22 52.66 13.22
C GLY D 180 5.59 51.51 12.32
N ALA D 181 5.79 51.80 11.03
CA ALA D 181 6.15 50.75 10.07
C ALA D 181 7.40 50.00 10.49
N ASP D 182 8.32 50.66 11.20
CA ASP D 182 9.58 50.03 11.57
C ASP D 182 9.40 48.95 12.64
N ASN D 183 8.30 48.98 13.40
CA ASN D 183 8.06 47.94 14.41
C ASN D 183 7.22 46.78 13.90
N ILE D 184 6.67 46.88 12.69
CA ILE D 184 5.76 45.86 12.19
C ILE D 184 6.60 44.81 11.46
N VAL D 185 6.81 43.67 12.12
CA VAL D 185 7.68 42.63 11.56
C VAL D 185 7.09 42.07 10.28
N ALA D 186 5.78 41.85 10.26
CA ALA D 186 5.11 41.32 9.09
C ALA D 186 3.62 41.46 9.29
N ILE D 187 2.90 41.48 8.17
CA ILE D 187 1.45 41.36 8.15
C ILE D 187 1.13 39.92 7.74
N VAL D 188 0.32 39.24 8.56
CA VAL D 188 -0.08 37.85 8.29
C VAL D 188 -1.50 37.86 7.77
N SER D 189 -1.68 37.50 6.50
CA SER D 189 -3.00 37.33 5.92
C SER D 189 -3.41 35.87 6.03
N THR D 190 -4.41 35.57 6.87
CA THR D 190 -4.85 34.21 7.09
C THR D 190 -6.03 33.91 6.16
N VAL D 191 -5.87 32.92 5.28
CA VAL D 191 -6.88 32.55 4.29
C VAL D 191 -7.11 31.04 4.35
N THR D 192 -8.37 30.62 4.55
CA THR D 192 -9.44 31.48 5.05
C THR D 192 -9.12 31.89 6.47
N CYS D 193 -9.90 32.83 7.00
CA CYS D 193 -9.67 33.31 8.36
C CYS D 193 -10.27 32.29 9.31
N ASN D 194 -9.42 31.43 9.88
CA ASN D 194 -9.91 30.33 10.70
C ASN D 194 -10.66 30.86 11.91
N SER D 195 -10.05 31.76 12.66
CA SER D 195 -10.62 32.21 13.92
C SER D 195 -11.90 33.00 13.74
N ALA D 196 -12.13 33.60 12.58
CA ALA D 196 -13.40 34.27 12.30
C ALA D 196 -14.47 33.30 11.80
N GLY D 197 -14.17 32.01 11.76
CA GLY D 197 -15.14 31.02 11.33
C GLY D 197 -14.83 30.45 9.96
N GLY D 198 -13.56 30.45 9.57
CA GLY D 198 -13.19 29.97 8.25
C GLY D 198 -13.76 30.83 7.14
N GLN D 199 -13.83 32.14 7.37
CA GLN D 199 -14.50 33.10 6.49
C GLN D 199 -13.51 33.69 5.48
N PRO D 200 -13.94 33.89 4.24
CA PRO D 200 -13.00 34.25 3.17
C PRO D 200 -12.54 35.69 3.23
N VAL D 201 -11.31 35.88 2.76
CA VAL D 201 -10.75 37.21 2.52
C VAL D 201 -10.86 37.49 1.03
N SER D 202 -11.43 38.64 0.68
CA SER D 202 -11.66 38.95 -0.72
C SER D 202 -10.35 39.29 -1.43
N MET D 203 -10.39 39.19 -2.76
CA MET D 203 -9.20 39.52 -3.53
C MET D 203 -8.84 41.00 -3.39
N SER D 204 -9.84 41.87 -3.28
CA SER D 204 -9.54 43.29 -3.17
C SER D 204 -9.07 43.66 -1.77
N ASN D 205 -9.46 42.89 -0.75
CA ASN D 205 -8.89 43.10 0.59
C ASN D 205 -7.43 42.68 0.62
N LEU D 206 -7.11 41.50 0.08
CA LEU D 206 -5.72 41.07 0.01
C LEU D 206 -4.87 42.09 -0.76
N LYS D 207 -5.38 42.55 -1.90
CA LYS D 207 -4.70 43.55 -2.70
C LYS D 207 -4.45 44.83 -1.91
N GLU D 208 -5.48 45.37 -1.28
CA GLU D 208 -5.31 46.64 -0.57
C GLU D 208 -4.38 46.48 0.62
N VAL D 209 -4.47 45.35 1.33
CA VAL D 209 -3.56 45.13 2.46
C VAL D 209 -2.12 45.04 1.97
N TYR D 210 -1.88 44.33 0.86
CA TYR D 210 -0.51 44.23 0.34
C TYR D 210 0.01 45.59 -0.13
N GLU D 211 -0.81 46.37 -0.85
CA GLU D 211 -0.36 47.66 -1.33
C GLU D 211 -0.03 48.60 -0.18
N ILE D 212 -0.83 48.56 0.89
CA ILE D 212 -0.53 49.39 2.05
C ILE D 212 0.77 48.94 2.69
N ALA D 213 0.97 47.63 2.82
CA ALA D 213 2.20 47.13 3.44
C ALA D 213 3.40 47.42 2.57
N LYS D 214 3.27 47.23 1.26
CA LYS D 214 4.37 47.49 0.35
C LYS D 214 4.81 48.94 0.41
N GLN D 215 3.85 49.87 0.45
CA GLN D 215 4.15 51.30 0.59
C GLN D 215 4.97 51.58 1.84
N HIS D 216 4.71 50.85 2.92
CA HIS D 216 5.45 51.02 4.16
C HIS D 216 6.64 50.07 4.29
N GLY D 217 6.93 49.28 3.26
CA GLY D 217 8.02 48.33 3.34
C GLY D 217 7.80 47.23 4.36
N ILE D 218 6.55 46.83 4.58
CA ILE D 218 6.21 45.78 5.54
C ILE D 218 6.07 44.46 4.78
N PHE D 219 6.73 43.42 5.29
CA PHE D 219 6.68 42.08 4.72
C PHE D 219 5.30 41.47 4.98
N VAL D 220 4.80 40.68 4.04
CA VAL D 220 3.48 40.05 4.15
C VAL D 220 3.62 38.54 4.00
N VAL D 221 3.14 37.81 5.00
CA VAL D 221 3.09 36.35 4.96
C VAL D 221 1.64 35.93 4.83
N MET D 222 1.38 35.03 3.90
CA MET D 222 0.06 34.43 3.71
C MET D 222 0.02 33.13 4.51
N ASP D 223 -0.74 33.13 5.60
CA ASP D 223 -1.07 31.87 6.27
C ASP D 223 -2.05 31.12 5.40
N SER D 224 -1.62 29.99 4.86
CA SER D 224 -2.23 29.40 3.67
C SER D 224 -2.84 28.02 3.91
N ALA D 225 -3.09 27.66 5.16
CA ALA D 225 -3.67 26.34 5.46
C ALA D 225 -4.91 26.06 4.63
N ARG D 226 -5.78 27.06 4.48
CA ARG D 226 -7.01 26.81 3.73
C ARG D 226 -7.14 27.76 2.55
N PHE D 227 -6.05 27.92 1.79
CA PHE D 227 -6.01 28.88 0.70
C PHE D 227 -6.91 28.48 -0.46
N CYS D 228 -7.18 27.18 -0.63
CA CYS D 228 -8.05 26.73 -1.70
C CYS D 228 -9.51 26.98 -1.37
N GLU D 229 -9.87 26.82 -0.09
CA GLU D 229 -11.23 27.17 0.32
C GLU D 229 -11.46 28.67 0.23
N ASN D 230 -10.41 29.48 0.44
CA ASN D 230 -10.54 30.91 0.19
C ASN D 230 -10.68 31.20 -1.30
N ALA D 231 -9.87 30.54 -2.14
CA ALA D 231 -9.94 30.78 -3.58
C ALA D 231 -11.32 30.46 -4.14
N TYR D 232 -11.94 29.39 -3.63
CA TYR D 232 -13.27 29.01 -4.09
C TYR D 232 -14.29 30.11 -3.79
N PHE D 233 -14.23 30.67 -2.58
CA PHE D 233 -15.18 31.71 -2.20
C PHE D 233 -15.01 32.96 -3.06
N ILE D 234 -13.77 33.31 -3.37
CA ILE D 234 -13.53 34.44 -4.27
C ILE D 234 -14.17 34.18 -5.64
N LYS D 235 -14.00 32.97 -6.16
CA LYS D 235 -14.66 32.64 -7.45
C LYS D 235 -16.18 32.67 -7.32
N ALA D 236 -16.70 32.28 -6.16
CA ALA D 236 -18.16 32.17 -6.01
C ALA D 236 -18.81 33.52 -5.69
N ARG D 237 -18.06 34.46 -5.12
CA ARG D 237 -18.69 35.71 -4.63
C ARG D 237 -18.13 36.97 -5.31
N ASP D 238 -17.01 36.86 -6.02
CA ASP D 238 -16.39 38.03 -6.68
C ASP D 238 -16.65 37.94 -8.19
N PRO D 239 -17.54 38.81 -8.72
CA PRO D 239 -17.87 38.80 -10.13
C PRO D 239 -16.70 38.81 -11.08
N LYS D 240 -15.61 39.50 -10.70
CA LYS D 240 -14.42 39.58 -11.57
C LYS D 240 -13.81 38.19 -11.76
N TYR D 241 -14.23 37.23 -10.94
CA TYR D 241 -13.56 35.90 -10.96
C TYR D 241 -14.54 34.75 -11.18
N LYS D 242 -15.83 35.05 -11.37
CA LYS D 242 -16.85 33.99 -11.59
C LYS D 242 -16.46 33.13 -12.81
N ASN D 243 -15.68 33.66 -13.73
CA ASN D 243 -15.29 32.93 -14.96
C ASN D 243 -13.85 32.40 -14.88
N ALA D 244 -13.21 32.55 -13.74
CA ALA D 244 -11.79 32.16 -13.66
C ALA D 244 -11.62 30.78 -13.01
N THR D 245 -10.54 30.10 -13.38
CA THR D 245 -10.22 28.81 -12.75
C THR D 245 -9.75 29.05 -11.35
N ILE D 246 -9.81 28.03 -10.55
CA ILE D 246 -9.34 28.17 -9.18
C ILE D 246 -7.85 28.47 -9.16
N LYS D 247 -7.07 27.83 -10.05
CA LYS D 247 -5.65 28.13 -10.10
C LYS D 247 -5.39 29.58 -10.46
N GLU D 248 -6.25 30.18 -11.29
CA GLU D 248 -6.12 31.59 -11.61
C GLU D 248 -6.38 32.46 -10.40
N VAL D 249 -7.38 32.10 -9.58
CA VAL D 249 -7.65 32.85 -8.36
C VAL D 249 -6.48 32.73 -7.39
N ILE D 250 -5.90 31.53 -7.27
CA ILE D 250 -4.76 31.33 -6.37
C ILE D 250 -3.57 32.17 -6.83
N PHE D 251 -3.26 32.10 -8.12
CA PHE D 251 -2.11 32.81 -8.66
C PHE D 251 -2.20 34.32 -8.36
N ASP D 252 -3.40 34.89 -8.48
CA ASP D 252 -3.60 36.30 -8.14
C ASP D 252 -3.47 36.54 -6.64
N MET D 253 -4.07 35.67 -5.81
CA MET D 253 -3.98 35.82 -4.36
C MET D 253 -2.55 36.01 -3.91
N TYR D 254 -1.62 35.29 -4.50
CA TYR D 254 -0.26 35.28 -4.00
C TYR D 254 0.61 36.34 -4.64
N LYS D 255 0.04 37.16 -5.51
CA LYS D 255 0.66 38.44 -5.84
C LYS D 255 0.64 39.38 -4.64
N TYR D 256 -0.19 39.10 -3.64
CA TYR D 256 -0.41 39.99 -2.52
C TYR D 256 0.20 39.45 -1.23
N ALA D 257 1.30 38.72 -1.37
CA ALA D 257 2.10 38.26 -0.24
C ALA D 257 3.53 38.14 -0.73
N ASP D 258 4.46 38.14 0.23
CA ASP D 258 5.88 37.98 -0.05
C ASP D 258 6.39 36.58 0.23
N ALA D 259 5.60 35.80 0.97
CA ALA D 259 5.94 34.47 1.42
C ALA D 259 4.65 33.84 1.93
N LEU D 260 4.71 32.54 2.19
CA LEU D 260 3.57 31.83 2.76
C LEU D 260 4.06 30.82 3.79
N THR D 261 3.22 30.60 4.81
CA THR D 261 3.36 29.47 5.70
C THR D 261 2.11 28.62 5.56
N MET D 262 2.28 27.33 5.37
CA MET D 262 1.17 26.45 5.04
C MET D 262 1.20 25.22 5.94
N SER D 263 0.05 24.90 6.52
CA SER D 263 -0.20 23.56 7.04
C SER D 263 -0.82 22.74 5.93
N ALA D 264 -0.07 21.78 5.39
CA ALA D 264 -0.61 20.91 4.37
C ALA D 264 -1.58 19.88 4.92
N LYS D 265 -1.80 19.85 6.23
CA LYS D 265 -2.78 18.96 6.85
C LYS D 265 -4.20 19.41 6.61
N LYS D 266 -4.39 20.55 5.94
CA LYS D 266 -5.71 21.07 5.59
C LYS D 266 -5.98 20.92 4.09
N ASP D 267 -5.96 22.04 3.36
CA ASP D 267 -6.37 22.01 1.96
C ASP D 267 -5.53 21.11 1.05
N PRO D 268 -4.23 20.89 1.27
CA PRO D 268 -3.51 19.88 0.47
C PRO D 268 -3.88 18.43 0.78
N LEU D 269 -4.84 18.17 1.68
CA LEU D 269 -5.47 16.85 1.81
C LEU D 269 -4.51 15.81 2.37
N LEU D 270 -3.65 16.20 3.32
CA LEU D 270 -2.66 15.29 3.88
C LEU D 270 -2.97 14.95 5.33
N ASN D 271 -2.23 13.97 5.85
CA ASN D 271 -2.30 13.62 7.26
C ASN D 271 -1.13 14.21 8.07
N ILE D 272 -0.14 14.77 7.39
CA ILE D 272 1.00 15.42 8.02
C ILE D 272 1.66 16.24 6.92
N GLY D 273 2.38 17.28 7.30
CA GLY D 273 3.13 18.07 6.33
C GLY D 273 2.87 19.55 6.38
N GLY D 274 3.87 20.32 5.95
CA GLY D 274 3.80 21.77 5.96
C GLY D 274 4.79 22.32 4.97
N LEU D 275 4.74 23.64 4.79
CA LEU D 275 5.54 24.26 3.75
C LEU D 275 5.81 25.72 4.09
N VAL D 276 7.03 26.15 3.84
CA VAL D 276 7.37 27.56 3.70
C VAL D 276 7.70 27.82 2.23
N ALA D 277 7.20 28.93 1.70
CA ALA D 277 7.53 29.33 0.35
C ALA D 277 7.73 30.84 0.33
N ILE D 278 8.74 31.29 -0.39
CA ILE D 278 9.15 32.70 -0.40
C ILE D 278 9.20 33.16 -1.85
N ARG D 279 8.60 34.33 -2.12
CA ARG D 279 8.45 34.73 -3.52
C ARG D 279 9.81 34.96 -4.17
N ASP D 280 10.59 35.92 -3.65
CA ASP D 280 11.86 36.23 -4.29
C ASP D 280 12.93 36.78 -3.35
N ASN D 281 12.76 36.71 -2.04
CA ASN D 281 13.75 37.23 -1.10
C ASN D 281 14.75 36.12 -0.79
N GLU D 282 15.87 36.11 -1.52
CA GLU D 282 16.89 35.08 -1.29
C GLU D 282 17.48 35.19 0.12
N GLU D 283 17.65 36.41 0.63
CA GLU D 283 18.29 36.60 1.93
C GLU D 283 17.45 35.99 3.04
N ILE D 284 16.13 36.25 3.02
CA ILE D 284 15.24 35.63 4.00
C ILE D 284 15.16 34.12 3.78
N PHE D 285 15.24 33.67 2.53
CA PHE D 285 15.28 32.24 2.25
C PHE D 285 16.52 31.59 2.86
N THR D 286 17.69 32.19 2.64
CA THR D 286 18.90 31.67 3.24
C THR D 286 18.78 31.60 4.77
N LEU D 287 18.26 32.66 5.39
CA LEU D 287 18.17 32.68 6.85
C LEU D 287 17.18 31.65 7.35
N ALA D 288 16.06 31.48 6.64
CA ALA D 288 15.08 30.48 7.08
C ALA D 288 15.64 29.06 6.95
N ARG D 289 16.42 28.80 5.90
CA ARG D 289 17.08 27.51 5.76
C ARG D 289 18.03 27.25 6.93
N GLN D 290 18.73 28.30 7.38
CA GLN D 290 19.64 28.14 8.52
C GLN D 290 18.90 27.86 9.81
N ARG D 291 17.64 28.30 9.91
CA ARG D 291 16.83 27.89 11.06
C ARG D 291 16.19 26.52 10.85
N CYS D 292 15.88 26.16 9.60
CA CYS D 292 15.25 24.86 9.33
C CYS D 292 16.13 23.71 9.80
N VAL D 293 17.44 23.80 9.58
CA VAL D 293 18.34 22.68 9.85
C VAL D 293 18.26 22.21 11.30
N PRO D 294 18.45 23.06 12.32
CA PRO D 294 18.39 22.55 13.70
C PRO D 294 16.98 22.25 14.21
N MET D 295 15.94 22.86 13.65
CA MET D 295 14.59 22.76 14.19
C MET D 295 13.76 21.65 13.55
N GLU D 296 13.97 21.40 12.26
CA GLU D 296 13.09 20.54 11.48
C GLU D 296 13.84 19.39 10.83
N GLY D 297 14.95 19.67 10.16
CA GLY D 297 15.65 18.68 9.35
C GLY D 297 16.44 19.39 8.27
N PHE D 298 17.08 18.59 7.43
CA PHE D 298 17.81 19.17 6.32
C PHE D 298 16.84 19.83 5.35
N VAL D 299 17.35 20.79 4.57
CA VAL D 299 16.46 21.71 3.87
C VAL D 299 15.68 21.07 2.73
N THR D 300 15.99 19.84 2.33
CA THR D 300 15.27 19.17 1.25
C THR D 300 14.32 18.10 1.75
N TYR D 301 14.04 18.04 3.05
CA TYR D 301 12.90 17.27 3.55
C TYR D 301 12.19 17.93 4.72
N GLY D 302 12.88 18.70 5.55
CA GLY D 302 12.24 19.60 6.51
C GLY D 302 11.41 18.88 7.55
N GLY D 303 11.86 17.71 7.99
CA GLY D 303 11.10 16.94 8.95
C GLY D 303 10.01 16.09 8.36
N LEU D 304 9.98 15.91 7.05
CA LEU D 304 9.01 15.04 6.37
C LEU D 304 9.72 13.84 5.76
N ALA D 305 9.05 12.68 5.80
CA ALA D 305 9.48 11.59 4.94
C ALA D 305 9.34 12.02 3.48
N GLY D 306 10.15 11.41 2.62
CA GLY D 306 10.00 11.68 1.19
C GLY D 306 8.63 11.33 0.67
N ARG D 307 8.01 10.27 1.22
CA ARG D 307 6.67 9.90 0.79
C ARG D 307 5.66 10.98 1.10
N ASP D 308 5.89 11.77 2.15
CA ASP D 308 4.91 12.80 2.48
C ASP D 308 5.08 14.03 1.59
N MET D 309 6.31 14.34 1.20
CA MET D 309 6.48 15.37 0.17
C MET D 309 5.84 14.93 -1.14
N ALA D 310 5.91 13.63 -1.45
CA ALA D 310 5.27 13.11 -2.65
C ALA D 310 3.75 13.21 -2.55
N ALA D 311 3.19 12.94 -1.38
CA ALA D 311 1.76 13.09 -1.19
C ALA D 311 1.34 14.56 -1.26
N MET D 312 2.21 15.46 -0.80
CA MET D 312 1.91 16.89 -0.84
C MET D 312 1.84 17.41 -2.27
N VAL D 313 2.77 16.96 -3.13
CA VAL D 313 2.76 17.39 -4.52
C VAL D 313 1.43 17.03 -5.17
N GLN D 314 0.95 15.80 -4.92
CA GLN D 314 -0.33 15.37 -5.48
C GLN D 314 -1.50 16.05 -4.79
N GLY D 315 -1.45 16.18 -3.46
CA GLY D 315 -2.56 16.78 -2.75
C GLY D 315 -2.70 18.27 -2.99
N LEU D 316 -1.59 18.95 -3.32
CA LEU D 316 -1.70 20.36 -3.69
C LEU D 316 -2.48 20.53 -4.98
N GLU D 317 -2.38 19.57 -5.91
CA GLU D 317 -3.16 19.65 -7.15
C GLU D 317 -4.63 19.31 -6.91
N GLU D 318 -4.89 18.19 -6.22
CA GLU D 318 -6.27 17.77 -5.97
C GLU D 318 -7.05 18.79 -5.16
N GLY D 319 -6.39 19.54 -4.28
CA GLY D 319 -7.08 20.54 -3.48
C GLY D 319 -7.47 21.80 -4.23
N THR D 320 -6.96 22.00 -5.44
CA THR D 320 -7.39 23.11 -6.27
C THR D 320 -8.59 22.77 -7.14
N GLU D 321 -8.99 21.50 -7.20
CA GLU D 321 -10.03 21.09 -8.14
C GLU D 321 -11.39 21.64 -7.72
N GLU D 322 -12.01 22.41 -8.63
CA GLU D 322 -13.23 23.14 -8.28
C GLU D 322 -14.37 22.20 -7.96
N GLU D 323 -14.49 21.08 -8.67
CA GLU D 323 -15.61 20.18 -8.41
C GLU D 323 -15.49 19.54 -7.03
N TYR D 324 -14.28 19.27 -6.55
CA TYR D 324 -14.10 18.80 -5.17
C TYR D 324 -14.44 19.89 -4.17
N LEU D 325 -13.90 21.10 -4.37
CA LEU D 325 -14.14 22.20 -3.45
C LEU D 325 -15.62 22.52 -3.33
N HIS D 326 -16.35 22.51 -4.45
CA HIS D 326 -17.78 22.75 -4.40
C HIS D 326 -18.49 21.73 -3.52
N TYR D 327 -18.11 20.45 -3.68
CA TYR D 327 -18.67 19.40 -2.82
CA TYR D 327 -18.67 19.40 -2.82
C TYR D 327 -18.27 19.61 -1.37
N ARG D 328 -16.98 19.90 -1.13
CA ARG D 328 -16.46 20.02 0.22
C ARG D 328 -17.19 21.12 0.96
N ILE D 329 -17.14 22.33 0.42
CA ILE D 329 -17.74 23.49 1.07
C ILE D 329 -19.27 23.38 1.08
N GLY D 330 -19.85 22.73 0.07
CA GLY D 330 -21.28 22.47 0.09
C GLY D 330 -21.68 21.53 1.22
N GLN D 331 -20.85 20.53 1.51
CA GLN D 331 -21.17 19.64 2.62
C GLN D 331 -21.16 20.39 3.94
N VAL D 332 -20.16 21.25 4.13
CA VAL D 332 -20.16 22.11 5.32
C VAL D 332 -21.40 22.99 5.35
N LYS D 333 -21.75 23.59 4.19
CA LYS D 333 -22.93 24.44 4.12
C LYS D 333 -24.20 23.65 4.39
N TYR D 334 -24.24 22.39 3.94
CA TYR D 334 -25.40 21.54 4.20
C TYR D 334 -25.60 21.33 5.70
N LEU D 335 -24.52 21.02 6.42
CA LEU D 335 -24.64 20.85 7.87
C LEU D 335 -25.15 22.14 8.52
N GLY D 336 -24.62 23.29 8.09
CA GLY D 336 -25.06 24.55 8.66
C GLY D 336 -26.53 24.82 8.39
N ASP D 337 -26.99 24.52 7.17
CA ASP D 337 -28.39 24.76 6.83
C ASP D 337 -29.32 23.85 7.62
N ARG D 338 -28.95 22.57 7.79
CA ARG D 338 -29.74 21.71 8.66
C ARG D 338 -29.88 22.32 10.04
N LEU D 339 -28.80 22.92 10.55
CA LEU D 339 -28.83 23.48 11.89
C LEU D 339 -29.68 24.74 11.96
N ARG D 340 -29.44 25.69 11.05
CA ARG D 340 -30.17 26.95 11.19
C ARG D 340 -31.60 26.82 10.68
N GLU D 341 -31.88 25.90 9.75
CA GLU D 341 -33.27 25.62 9.43
C GLU D 341 -34.01 25.07 10.64
N ALA D 342 -33.29 24.55 11.64
CA ALA D 342 -33.88 24.07 12.88
C ALA D 342 -33.81 25.11 13.99
N GLY D 343 -33.35 26.32 13.69
CA GLY D 343 -33.33 27.38 14.67
C GLY D 343 -32.13 27.40 15.59
N ILE D 344 -31.02 26.80 15.16
CA ILE D 344 -29.78 26.81 15.93
C ILE D 344 -28.88 27.89 15.33
N PRO D 345 -28.41 28.85 16.13
CA PRO D 345 -27.63 29.97 15.57
C PRO D 345 -26.22 29.53 15.17
N ILE D 346 -25.81 29.98 13.98
CA ILE D 346 -24.48 29.69 13.46
C ILE D 346 -23.92 30.97 12.85
N GLN D 347 -22.59 31.01 12.74
CA GLN D 347 -21.93 32.04 11.95
C GLN D 347 -22.40 31.91 10.50
N TYR D 348 -23.27 32.79 10.08
CA TYR D 348 -23.77 32.70 8.72
C TYR D 348 -23.10 33.75 7.86
N PRO D 349 -22.63 33.39 6.65
CA PRO D 349 -22.65 32.07 6.05
C PRO D 349 -21.59 31.14 6.65
N THR D 350 -21.72 29.83 6.43
CA THR D 350 -20.72 28.89 6.90
C THR D 350 -19.41 29.11 6.17
N GLY D 351 -18.30 28.87 6.88
CA GLY D 351 -16.98 28.95 6.32
C GLY D 351 -16.67 27.75 5.46
N GLY D 352 -15.39 27.59 5.14
CA GLY D 352 -14.99 26.51 4.25
C GLY D 352 -14.89 25.15 4.90
N HIS D 353 -14.55 25.09 6.19
CA HIS D 353 -14.11 23.84 6.78
C HIS D 353 -14.89 23.41 8.01
N ALA D 354 -15.74 24.27 8.56
CA ALA D 354 -16.41 23.98 9.83
C ALA D 354 -17.69 24.79 9.93
N VAL D 355 -18.65 24.23 10.67
CA VAL D 355 -19.81 24.98 11.13
C VAL D 355 -19.51 25.49 12.53
N PHE D 356 -19.73 26.78 12.76
CA PHE D 356 -19.48 27.42 14.06
C PHE D 356 -20.83 27.72 14.69
N VAL D 357 -21.20 26.94 15.70
CA VAL D 357 -22.42 27.19 16.45
C VAL D 357 -22.18 28.37 17.40
N ASP D 358 -23.07 29.35 17.37
CA ASP D 358 -22.86 30.61 18.07
C ASP D 358 -23.03 30.44 19.59
N CYS D 359 -22.95 31.55 20.30
CA CYS D 359 -22.96 31.55 21.77
C CYS D 359 -24.19 30.84 22.29
N LYS D 360 -24.05 30.25 23.48
CA LYS D 360 -25.02 29.29 24.00
C LYS D 360 -26.31 30.01 24.38
N LYS D 361 -27.15 30.23 23.37
CA LYS D 361 -28.54 30.58 23.55
C LYS D 361 -29.40 29.33 23.73
N LEU D 362 -28.77 28.17 23.94
CA LEU D 362 -29.46 26.92 24.24
C LEU D 362 -29.15 26.43 25.65
N VAL D 363 -28.29 27.11 26.39
CA VAL D 363 -28.04 26.79 27.79
C VAL D 363 -27.94 28.11 28.55
N PRO D 364 -29.07 28.78 28.83
CA PRO D 364 -28.99 30.11 29.46
C PRO D 364 -28.55 30.07 30.92
N GLN D 365 -28.86 28.98 31.64
CA GLN D 365 -28.57 28.91 33.07
C GLN D 365 -27.08 28.74 33.38
N ILE D 366 -26.25 28.46 32.38
CA ILE D 366 -24.83 28.23 32.58
C ILE D 366 -24.08 29.49 32.14
N PRO D 367 -23.36 30.18 33.04
CA PRO D 367 -22.62 31.37 32.65
C PRO D 367 -21.33 31.05 31.92
N GLY D 368 -20.42 32.02 31.86
CA GLY D 368 -19.18 31.83 31.12
C GLY D 368 -18.23 30.86 31.79
N ASP D 369 -17.94 31.09 33.08
CA ASP D 369 -16.95 30.25 33.76
C ASP D 369 -17.53 28.91 34.22
N GLN D 370 -18.79 28.62 33.93
CA GLN D 370 -19.31 27.27 34.05
C GLN D 370 -19.23 26.51 32.73
N PHE D 371 -18.68 27.14 31.69
CA PHE D 371 -18.34 26.54 30.39
C PHE D 371 -19.57 26.04 29.65
N PRO D 372 -20.41 26.95 29.12
CA PRO D 372 -21.67 26.50 28.52
C PRO D 372 -21.48 25.74 27.23
N ALA D 373 -20.54 26.17 26.38
CA ALA D 373 -20.27 25.43 25.15
C ALA D 373 -19.78 24.03 25.45
N GLN D 374 -18.98 23.87 26.51
CA GLN D 374 -18.48 22.55 26.87
C GLN D 374 -19.61 21.62 27.28
N ALA D 375 -20.53 22.10 28.12
CA ALA D 375 -21.66 21.28 28.55
C ALA D 375 -22.52 20.85 27.37
N VAL D 376 -22.64 21.71 26.36
CA VAL D 376 -23.27 21.30 25.10
C VAL D 376 -22.45 20.21 24.45
N ILE D 377 -21.13 20.42 24.35
CA ILE D 377 -20.26 19.45 23.71
C ILE D 377 -20.33 18.11 24.45
N ASN D 378 -20.39 18.15 25.78
CA ASN D 378 -20.40 16.90 26.54
C ASN D 378 -21.73 16.17 26.39
N ALA D 379 -22.85 16.90 26.46
CA ALA D 379 -24.13 16.26 26.18
C ALA D 379 -24.21 15.81 24.73
N LEU D 380 -23.72 16.64 23.81
CA LEU D 380 -23.60 16.22 22.41
C LEU D 380 -22.77 14.95 22.29
N TYR D 381 -21.69 14.86 23.06
CA TYR D 381 -20.89 13.63 23.05
C TYR D 381 -21.63 12.49 23.74
N LEU D 382 -22.25 12.76 24.90
CA LEU D 382 -22.94 11.70 25.61
C LEU D 382 -24.19 11.23 24.86
N GLU D 383 -24.81 12.11 24.08
CA GLU D 383 -26.01 11.73 23.36
C GLU D 383 -25.73 11.04 22.03
N SER D 384 -24.54 11.26 21.45
CA SER D 384 -24.27 10.78 20.09
C SER D 384 -22.87 10.23 19.87
N GLY D 385 -21.88 10.60 20.67
CA GLY D 385 -20.51 10.19 20.42
C GLY D 385 -19.75 11.12 19.50
N VAL D 386 -20.28 12.29 19.20
CA VAL D 386 -19.63 13.25 18.33
C VAL D 386 -18.74 14.16 19.17
N ARG D 387 -17.45 14.15 18.88
CA ARG D 387 -16.51 15.03 19.56
C ARG D 387 -16.35 16.31 18.76
N ALA D 388 -16.76 17.43 19.34
CA ALA D 388 -16.52 18.75 18.80
C ALA D 388 -15.49 19.47 19.66
N VAL D 389 -15.09 20.65 19.22
CA VAL D 389 -14.08 21.45 19.91
C VAL D 389 -14.72 22.76 20.35
N GLU D 390 -14.30 23.24 21.52
CA GLU D 390 -14.87 24.47 22.05
C GLU D 390 -14.03 25.67 21.66
N ILE D 391 -14.70 26.78 21.36
CA ILE D 391 -14.07 28.07 21.14
C ILE D 391 -14.80 29.08 21.99
N GLY D 392 -14.44 29.16 23.28
CA GLY D 392 -15.13 30.03 24.22
C GLY D 392 -14.37 30.30 25.49
N SER D 393 -15.06 30.20 26.63
CA SER D 393 -14.46 30.51 27.92
C SER D 393 -13.49 29.43 28.40
N PHE D 394 -13.58 28.22 27.86
CA PHE D 394 -12.66 27.15 28.20
C PHE D 394 -11.41 27.13 27.32
N LEU D 395 -11.47 27.78 26.15
CA LEU D 395 -10.28 27.96 25.31
C LEU D 395 -9.55 29.26 25.64
N LEU D 396 -10.29 30.35 25.84
CA LEU D 396 -9.65 31.65 26.03
C LEU D 396 -8.75 31.66 27.26
N GLY D 397 -9.29 31.27 28.41
CA GLY D 397 -8.49 31.13 29.60
C GLY D 397 -8.26 32.44 30.35
N ARG D 398 -7.30 32.38 31.26
CA ARG D 398 -6.94 33.52 32.11
C ARG D 398 -6.13 34.56 31.35
N GLN D 405 -10.23 35.47 33.76
CA GLN D 405 -11.03 35.13 32.57
C GLN D 405 -11.07 36.28 31.58
N LYS D 406 -10.24 36.20 30.55
CA LYS D 406 -10.31 37.13 29.43
C LYS D 406 -11.72 37.12 28.84
N HIS D 407 -12.22 38.31 28.48
CA HIS D 407 -13.64 38.46 28.14
C HIS D 407 -14.05 37.54 27.00
N ALA D 408 -15.01 36.66 27.27
CA ALA D 408 -15.49 35.68 26.29
C ALA D 408 -16.56 36.33 25.42
N ASP D 409 -16.11 36.98 24.35
CA ASP D 409 -17.05 37.66 23.46
C ASP D 409 -17.96 36.68 22.72
N MET D 410 -17.48 35.45 22.48
CA MET D 410 -18.24 34.44 21.76
CA MET D 410 -18.27 34.45 21.79
C MET D 410 -18.10 33.10 22.46
N GLU D 411 -19.19 32.34 22.52
CA GLU D 411 -19.19 30.98 23.03
C GLU D 411 -19.43 30.01 21.88
N PHE D 412 -18.53 30.03 20.90
CA PHE D 412 -18.65 29.18 19.73
C PHE D 412 -18.51 27.70 20.10
N MET D 413 -19.11 26.85 19.27
CA MET D 413 -18.76 25.44 19.17
C MET D 413 -18.43 25.15 17.71
N ARG D 414 -17.24 24.59 17.47
CA ARG D 414 -16.77 24.36 16.12
C ARG D 414 -16.99 22.90 15.75
N LEU D 415 -17.82 22.68 14.73
CA LEU D 415 -18.01 21.36 14.14
C LEU D 415 -17.10 21.31 12.92
N THR D 416 -15.87 20.80 13.11
CA THR D 416 -14.84 20.80 12.08
C THR D 416 -14.91 19.51 11.27
N ILE D 417 -14.93 19.65 9.94
CA ILE D 417 -15.21 18.55 9.02
C ILE D 417 -13.95 18.20 8.26
N ALA D 418 -13.46 16.98 8.43
CA ALA D 418 -12.34 16.50 7.63
C ALA D 418 -12.75 16.36 6.18
N ARG D 419 -11.78 16.49 5.28
CA ARG D 419 -12.05 16.47 3.84
C ARG D 419 -12.16 15.05 3.33
N ARG D 420 -13.30 14.76 2.66
CA ARG D 420 -13.56 13.51 1.92
C ARG D 420 -13.61 12.29 2.85
N VAL D 421 -14.05 12.51 4.08
CA VAL D 421 -14.07 11.47 5.11
C VAL D 421 -15.50 11.05 5.46
N TYR D 422 -16.38 12.03 5.70
CA TYR D 422 -17.73 11.75 6.13
C TYR D 422 -18.73 12.12 5.04
N THR D 423 -19.84 11.38 4.99
CA THR D 423 -20.90 11.56 4.01
C THR D 423 -21.95 12.53 4.57
N ASN D 424 -22.88 12.93 3.69
CA ASN D 424 -23.96 13.80 4.16
C ASN D 424 -24.89 13.07 5.12
N ASP D 425 -24.92 11.74 5.08
CA ASP D 425 -25.63 11.00 6.10
C ASP D 425 -24.92 11.11 7.45
N HIS D 426 -23.60 11.22 7.44
CA HIS D 426 -22.89 11.56 8.68
C HIS D 426 -23.28 12.95 9.13
N MET D 427 -23.40 13.90 8.19
CA MET D 427 -23.84 15.25 8.55
C MET D 427 -25.22 15.24 9.17
N ASP D 428 -26.16 14.46 8.59
CA ASP D 428 -27.49 14.36 9.16
C ASP D 428 -27.45 13.84 10.59
N TYR D 429 -26.65 12.83 10.85
CA TYR D 429 -26.51 12.33 12.22
C TYR D 429 -26.02 13.43 13.15
N ILE D 430 -25.02 14.20 12.71
CA ILE D 430 -24.54 15.33 13.50
C ILE D 430 -25.67 16.32 13.75
N ALA D 431 -26.39 16.70 12.69
CA ALA D 431 -27.45 17.69 12.84
C ALA D 431 -28.54 17.19 13.79
N ASP D 432 -29.01 15.97 13.57
CA ASP D 432 -30.11 15.46 14.40
C ASP D 432 -29.69 15.33 15.85
N ALA D 433 -28.45 14.93 16.10
CA ALA D 433 -27.96 14.87 17.48
C ALA D 433 -28.08 16.23 18.16
N LEU D 434 -27.55 17.27 17.51
CA LEU D 434 -27.55 18.59 18.13
C LEU D 434 -28.97 19.15 18.24
N ILE D 435 -29.80 18.93 17.23
CA ILE D 435 -31.18 19.39 17.30
C ILE D 435 -31.91 18.68 18.43
N GLY D 436 -31.75 17.35 18.51
CA GLY D 436 -32.37 16.57 19.56
C GLY D 436 -31.98 16.98 20.97
N LEU D 437 -30.93 17.79 21.12
CA LEU D 437 -30.55 18.32 22.41
C LEU D 437 -31.44 19.49 22.85
N LYS D 438 -32.45 19.84 22.06
CA LYS D 438 -33.45 20.82 22.50
C LYS D 438 -34.45 20.22 23.47
N GLU D 439 -34.21 19.00 23.94
CA GLU D 439 -35.03 18.38 24.97
C GLU D 439 -34.48 18.67 26.36
N LYS D 440 -33.17 18.45 26.55
CA LYS D 440 -32.51 18.69 27.83
C LYS D 440 -31.54 19.87 27.78
N PHE D 441 -31.72 20.78 26.81
CA PHE D 441 -30.82 21.93 26.70
C PHE D 441 -30.89 22.78 27.96
N ALA D 442 -32.08 22.92 28.53
CA ALA D 442 -32.26 23.76 29.71
C ALA D 442 -31.78 23.06 30.98
N THR D 443 -32.21 21.81 31.17
CA THR D 443 -31.77 21.01 32.32
C THR D 443 -30.34 20.51 32.05
N LEU D 444 -29.40 21.44 32.15
CA LEU D 444 -28.00 21.16 31.86
C LEU D 444 -27.14 21.77 32.96
N LYS D 445 -26.33 20.94 33.61
CA LYS D 445 -25.49 21.40 34.71
C LYS D 445 -24.19 22.00 34.20
N GLY D 446 -23.70 23.00 34.93
CA GLY D 446 -22.40 23.58 34.64
C GLY D 446 -21.26 22.73 35.18
N LEU D 447 -20.05 23.09 34.77
CA LEU D 447 -18.86 22.32 35.11
C LEU D 447 -17.85 23.21 35.83
N GLU D 448 -16.94 22.57 36.57
CA GLU D 448 -15.97 23.28 37.38
C GLU D 448 -14.62 22.59 37.26
N PHE D 449 -13.55 23.37 37.50
CA PHE D 449 -12.19 22.83 37.45
C PHE D 449 -11.97 21.88 38.62
N GLU D 450 -11.77 20.60 38.31
CA GLU D 450 -11.25 19.65 39.28
C GLU D 450 -9.73 19.59 39.24
N TYR D 451 -9.14 19.77 38.06
CA TYR D 451 -7.70 19.92 37.92
C TYR D 451 -7.46 20.90 36.79
N GLU D 452 -6.90 22.07 37.11
CA GLU D 452 -6.62 23.06 36.08
C GLU D 452 -5.13 23.22 35.89
N PRO D 453 -4.64 23.09 34.65
CA PRO D 453 -3.22 23.32 34.39
C PRO D 453 -2.92 24.81 34.29
N PRO D 454 -1.70 25.23 34.61
CA PRO D 454 -1.38 26.67 34.54
C PRO D 454 -1.61 27.29 33.18
N VAL D 455 -1.36 26.55 32.09
CA VAL D 455 -1.52 27.08 30.73
C VAL D 455 -2.16 26.01 29.85
N LEU D 456 -2.76 26.47 28.75
CA LEU D 456 -3.33 25.60 27.72
C LEU D 456 -4.35 24.63 28.30
N ARG D 457 -5.21 25.14 29.17
CA ARG D 457 -6.04 24.27 30.01
C ARG D 457 -7.02 23.45 29.18
N HIS D 458 -7.51 23.97 28.05
CA HIS D 458 -8.48 23.23 27.25
C HIS D 458 -7.90 21.93 26.71
N PHE D 459 -6.58 21.81 26.64
CA PHE D 459 -5.97 20.53 26.26
C PHE D 459 -6.04 19.51 27.40
N THR D 460 -5.78 19.93 28.64
CA THR D 460 -5.52 18.97 29.71
C THR D 460 -6.26 19.24 31.03
N ALA D 461 -7.20 20.18 31.07
CA ALA D 461 -7.94 20.42 32.31
C ALA D 461 -8.99 19.35 32.55
N ARG D 462 -9.07 18.88 33.79
CA ARG D 462 -10.08 17.90 34.20
C ARG D 462 -11.23 18.64 34.87
N LEU D 463 -12.39 18.66 34.21
CA LEU D 463 -13.56 19.34 34.72
C LEU D 463 -14.47 18.36 35.45
N LYS D 464 -15.57 18.89 35.98
CA LYS D 464 -16.51 18.12 36.79
C LYS D 464 -17.82 18.89 36.90
N PRO D 465 -18.98 18.23 36.70
CA PRO D 465 -20.28 18.90 36.76
C PRO D 465 -20.66 19.35 38.17
#